data_1X6F
#
_entry.id   1X6F
#
loop_
_entity.id
_entity.type
_entity.pdbx_description
1 polymer 'Zinc finger protein 462'
2 non-polymer 'ZINC ION'
#
_entity_poly.entity_id   1
_entity_poly.type   'polypeptide(L)'
_entity_poly.pdbx_seq_one_letter_code
;GSSGSSGLKRDFIILGNGPRLQNSTYQCKHCDSKLQSTAELTSHLNIHNEEFQKRAKRQERRKQLLSKQKYADGAFADFK
QESGPSSG
;
_entity_poly.pdbx_strand_id   A
#
loop_
_chem_comp.id
_chem_comp.type
_chem_comp.name
_chem_comp.formula
ZN non-polymer 'ZINC ION' 'Zn 2'
#
# COMPACT_ATOMS: atom_id res chain seq x y z
N GLY A 1 -36.31 20.74 -15.83
CA GLY A 1 -37.15 20.64 -17.01
C GLY A 1 -37.14 21.91 -17.85
N SER A 2 -37.93 21.92 -18.92
CA SER A 2 -37.99 23.07 -19.81
C SER A 2 -36.59 23.60 -20.12
N SER A 3 -35.67 22.67 -20.37
CA SER A 3 -34.29 23.04 -20.69
C SER A 3 -33.71 22.09 -21.74
N GLY A 4 -32.48 22.39 -22.17
CA GLY A 4 -31.83 21.56 -23.16
C GLY A 4 -30.37 21.91 -23.34
N SER A 5 -29.54 21.51 -22.39
CA SER A 5 -28.10 21.80 -22.44
C SER A 5 -27.30 20.65 -21.87
N SER A 6 -26.00 20.64 -22.15
CA SER A 6 -25.11 19.59 -21.66
C SER A 6 -23.77 20.17 -21.25
N GLY A 7 -22.97 19.37 -20.54
CA GLY A 7 -21.67 19.81 -20.10
C GLY A 7 -21.08 18.91 -19.03
N LEU A 8 -21.02 17.62 -19.32
CA LEU A 8 -20.48 16.65 -18.37
C LEU A 8 -19.52 15.68 -19.05
N LYS A 9 -18.22 15.98 -18.97
CA LYS A 9 -17.20 15.13 -19.58
C LYS A 9 -15.80 15.61 -19.20
N ARG A 10 -15.08 14.77 -18.47
CA ARG A 10 -13.73 15.12 -18.04
C ARG A 10 -12.81 13.89 -18.12
N ASP A 11 -11.53 14.10 -17.81
CA ASP A 11 -10.56 13.01 -17.84
C ASP A 11 -9.77 12.97 -16.54
N PHE A 12 -9.00 11.89 -16.36
CA PHE A 12 -8.19 11.72 -15.16
C PHE A 12 -6.71 11.79 -15.48
N ILE A 13 -5.88 11.88 -14.45
CA ILE A 13 -4.43 11.94 -14.62
C ILE A 13 -3.70 11.20 -13.51
N ILE A 14 -2.82 10.29 -13.90
CA ILE A 14 -2.06 9.50 -12.93
C ILE A 14 -0.60 9.42 -13.34
N LEU A 15 0.25 10.17 -12.64
CA LEU A 15 1.69 10.16 -12.93
C LEU A 15 2.45 10.95 -11.87
N GLY A 16 3.61 10.42 -11.47
CA GLY A 16 4.42 11.08 -10.46
C GLY A 16 5.36 10.12 -9.76
N ASN A 17 6.54 9.92 -10.34
CA ASN A 17 7.53 9.02 -9.75
C ASN A 17 8.61 9.80 -9.01
N GLY A 18 9.41 10.56 -9.77
CA GLY A 18 10.47 11.33 -9.16
C GLY A 18 11.48 10.48 -8.43
N PRO A 19 12.75 10.91 -8.43
CA PRO A 19 13.84 10.20 -7.76
C PRO A 19 13.72 10.26 -6.24
N ARG A 20 12.65 10.89 -5.76
CA ARG A 20 12.42 11.01 -4.32
C ARG A 20 12.62 9.68 -3.62
N LEU A 21 12.57 9.69 -2.30
CA LEU A 21 12.75 8.48 -1.50
C LEU A 21 11.77 8.45 -0.33
N GLN A 22 11.37 7.24 0.06
CA GLN A 22 10.45 7.07 1.18
C GLN A 22 11.05 7.58 2.48
N ASN A 23 10.22 8.14 3.35
CA ASN A 23 10.67 8.65 4.63
C ASN A 23 9.65 8.36 5.73
N SER A 24 9.98 7.41 6.60
CA SER A 24 9.11 7.04 7.69
C SER A 24 7.65 7.04 7.25
N THR A 25 7.40 6.49 6.06
CA THR A 25 6.05 6.42 5.51
C THR A 25 5.39 5.08 5.82
N TYR A 26 4.06 5.08 5.84
CA TYR A 26 3.31 3.86 6.14
C TYR A 26 2.69 3.29 4.86
N GLN A 27 3.17 2.12 4.44
CA GLN A 27 2.66 1.47 3.24
C GLN A 27 1.46 0.58 3.57
N CYS A 28 0.27 1.17 3.52
CA CYS A 28 -0.96 0.43 3.81
C CYS A 28 -0.98 -0.90 3.05
N LYS A 29 -1.63 -1.89 3.65
CA LYS A 29 -1.73 -3.22 3.04
C LYS A 29 -3.14 -3.47 2.52
N HIS A 30 -3.82 -2.40 2.11
CA HIS A 30 -5.18 -2.50 1.59
C HIS A 30 -5.30 -1.78 0.25
N CYS A 31 -4.66 -0.62 0.14
CA CYS A 31 -4.69 0.16 -1.08
C CYS A 31 -3.29 0.53 -1.54
N ASP A 32 -2.29 0.15 -0.74
CA ASP A 32 -0.90 0.43 -1.07
C ASP A 32 -0.64 1.94 -1.08
N SER A 33 -1.12 2.62 -0.05
CA SER A 33 -0.94 4.06 0.07
C SER A 33 0.26 4.40 0.94
N LYS A 34 0.46 5.69 1.19
CA LYS A 34 1.58 6.14 2.02
C LYS A 34 1.12 7.20 3.01
N LEU A 35 1.10 6.83 4.29
CA LEU A 35 0.69 7.75 5.34
C LEU A 35 1.88 8.19 6.19
N GLN A 36 1.73 9.31 6.88
CA GLN A 36 2.80 9.83 7.73
C GLN A 36 3.09 8.89 8.89
N SER A 37 2.06 8.61 9.69
CA SER A 37 2.21 7.73 10.85
C SER A 37 0.87 7.09 11.20
N THR A 38 0.89 6.21 12.22
CA THR A 38 -0.31 5.53 12.66
C THR A 38 -1.48 6.51 12.79
N ALA A 39 -1.27 7.58 13.53
CA ALA A 39 -2.30 8.60 13.74
C ALA A 39 -3.16 8.75 12.48
N GLU A 40 -2.52 8.69 11.32
CA GLU A 40 -3.23 8.83 10.05
C GLU A 40 -3.83 7.50 9.61
N LEU A 41 -3.09 6.41 9.84
CA LEU A 41 -3.56 5.08 9.48
C LEU A 41 -4.84 4.72 10.22
N THR A 42 -4.85 4.95 11.52
CA THR A 42 -6.02 4.65 12.35
C THR A 42 -7.29 5.18 11.70
N SER A 43 -7.19 6.35 11.08
CA SER A 43 -8.35 6.96 10.42
C SER A 43 -8.49 6.45 8.99
N HIS A 44 -7.41 6.49 8.24
CA HIS A 44 -7.42 6.03 6.86
C HIS A 44 -8.07 4.66 6.74
N LEU A 45 -7.67 3.75 7.63
CA LEU A 45 -8.22 2.40 7.63
C LEU A 45 -9.74 2.43 7.72
N ASN A 46 -10.25 3.09 8.75
CA ASN A 46 -11.69 3.21 8.96
C ASN A 46 -12.43 3.36 7.63
N ILE A 47 -11.84 4.16 6.73
CA ILE A 47 -12.43 4.39 5.43
C ILE A 47 -12.74 3.08 4.71
N HIS A 48 -11.78 2.16 4.74
CA HIS A 48 -11.94 0.86 4.10
C HIS A 48 -13.22 0.17 4.58
N ASN A 49 -13.41 0.15 5.90
CA ASN A 49 -14.59 -0.47 6.49
C ASN A 49 -15.86 0.03 5.82
N GLU A 50 -16.03 1.35 5.81
CA GLU A 50 -17.21 1.96 5.20
C GLU A 50 -17.30 1.61 3.72
N GLU A 51 -16.18 1.76 3.01
CA GLU A 51 -16.14 1.46 1.59
C GLU A 51 -16.51 0.01 1.32
N PHE A 52 -16.17 -0.87 2.25
CA PHE A 52 -16.46 -2.30 2.12
C PHE A 52 -17.95 -2.56 2.37
N GLN A 53 -18.51 -1.89 3.37
CA GLN A 53 -19.92 -2.06 3.70
C GLN A 53 -20.79 -1.89 2.47
N LYS A 54 -20.54 -0.83 1.71
CA LYS A 54 -21.31 -0.56 0.50
C LYS A 54 -20.80 -1.40 -0.66
N ARG A 55 -19.50 -1.31 -0.93
CA ARG A 55 -18.90 -2.06 -2.02
C ARG A 55 -19.30 -3.53 -1.97
N ALA A 56 -19.48 -4.05 -0.75
CA ALA A 56 -19.88 -5.44 -0.56
C ALA A 56 -21.24 -5.71 -1.18
N LYS A 57 -21.25 -5.90 -2.50
CA LYS A 57 -22.48 -6.18 -3.23
C LYS A 57 -22.64 -7.67 -3.47
N ARG A 58 -23.70 -8.03 -4.20
CA ARG A 58 -23.97 -9.43 -4.50
C ARG A 58 -23.09 -9.92 -5.65
N GLN A 59 -21.81 -9.58 -5.59
CA GLN A 59 -20.87 -9.98 -6.63
C GLN A 59 -21.04 -11.45 -6.99
N GLU A 60 -20.40 -11.87 -8.07
CA GLU A 60 -20.49 -13.25 -8.53
C GLU A 60 -19.17 -13.99 -8.27
N ARG A 61 -18.10 -13.51 -8.87
CA ARG A 61 -16.79 -14.13 -8.70
C ARG A 61 -16.06 -13.57 -7.48
N ARG A 62 -15.75 -14.45 -6.54
CA ARG A 62 -15.06 -14.04 -5.32
C ARG A 62 -13.89 -14.97 -5.01
N LYS A 63 -12.69 -14.55 -5.36
CA LYS A 63 -11.49 -15.34 -5.12
C LYS A 63 -10.28 -14.45 -4.85
N GLN A 64 -9.20 -15.06 -4.38
CA GLN A 64 -7.98 -14.31 -4.08
C GLN A 64 -6.74 -15.17 -4.35
N LEU A 65 -5.76 -14.56 -5.02
CA LEU A 65 -4.52 -15.27 -5.35
C LEU A 65 -3.71 -15.57 -4.09
N LEU A 66 -2.76 -16.49 -4.21
CA LEU A 66 -1.92 -16.88 -3.08
C LEU A 66 -0.52 -16.29 -3.23
N SER A 67 0.22 -16.27 -2.12
CA SER A 67 1.59 -15.74 -2.13
C SER A 67 2.57 -16.77 -1.60
N LYS A 68 3.05 -17.64 -2.48
CA LYS A 68 4.00 -18.68 -2.10
C LYS A 68 5.07 -18.12 -1.16
N GLN A 69 5.52 -18.94 -0.23
CA GLN A 69 6.54 -18.53 0.73
C GLN A 69 7.43 -19.71 1.12
N LYS A 70 8.75 -19.52 1.03
CA LYS A 70 9.70 -20.56 1.37
C LYS A 70 10.37 -20.25 2.71
N TYR A 71 11.13 -21.22 3.22
CA TYR A 71 11.83 -21.07 4.48
C TYR A 71 12.94 -22.10 4.63
N ALA A 72 13.86 -21.84 5.56
CA ALA A 72 14.97 -22.76 5.80
C ALA A 72 14.75 -23.57 7.07
N ASP A 73 15.28 -24.78 7.10
CA ASP A 73 15.14 -25.65 8.26
C ASP A 73 16.37 -25.54 9.17
N GLY A 74 17.54 -25.66 8.59
CA GLY A 74 18.77 -25.57 9.36
C GLY A 74 18.87 -26.65 10.41
N ALA A 75 19.97 -27.41 10.38
CA ALA A 75 20.18 -28.48 11.35
C ALA A 75 20.15 -27.95 12.77
N PHE A 76 21.05 -27.03 13.07
CA PHE A 76 21.12 -26.43 14.40
C PHE A 76 19.87 -25.63 14.72
N ALA A 77 19.23 -25.95 15.84
CA ALA A 77 18.02 -25.24 16.26
C ALA A 77 18.13 -23.75 15.98
N ASP A 78 17.51 -23.30 14.90
CA ASP A 78 17.53 -21.89 14.53
C ASP A 78 16.53 -21.60 13.42
N PHE A 79 16.01 -20.38 13.39
CA PHE A 79 15.04 -19.98 12.39
C PHE A 79 15.28 -18.53 11.96
N LYS A 80 15.62 -18.34 10.69
CA LYS A 80 15.88 -17.01 10.15
C LYS A 80 15.26 -16.87 8.76
N GLN A 81 14.76 -15.67 8.46
CA GLN A 81 14.15 -15.40 7.17
C GLN A 81 15.02 -15.93 6.03
N GLU A 82 16.29 -15.55 6.04
CA GLU A 82 17.23 -15.99 5.00
C GLU A 82 16.56 -15.98 3.64
N SER A 83 15.86 -14.89 3.33
CA SER A 83 15.18 -14.75 2.06
C SER A 83 15.97 -15.41 0.94
N GLY A 84 15.34 -16.36 0.24
CA GLY A 84 16.00 -17.05 -0.84
C GLY A 84 16.44 -16.11 -1.94
N PRO A 85 16.87 -16.68 -3.08
CA PRO A 85 17.33 -15.91 -4.23
C PRO A 85 16.18 -15.18 -4.93
N SER A 86 16.44 -13.93 -5.33
CA SER A 86 15.43 -13.12 -6.00
C SER A 86 15.15 -13.66 -7.39
N SER A 87 14.20 -14.59 -7.48
CA SER A 87 13.83 -15.19 -8.76
C SER A 87 13.87 -14.15 -9.87
N GLY A 88 13.33 -12.97 -9.59
CA GLY A 88 13.31 -11.91 -10.58
C GLY A 88 11.96 -11.76 -11.24
ZN ZN B . -5.39 1.71 2.64
N GLY A 1 62.76 40.48 -35.12
CA GLY A 1 61.90 39.36 -35.40
C GLY A 1 61.21 38.82 -34.15
N SER A 2 59.95 39.18 -33.99
CA SER A 2 59.18 38.74 -32.82
C SER A 2 57.67 38.84 -33.09
N SER A 3 56.91 37.90 -32.53
CA SER A 3 55.47 37.89 -32.71
C SER A 3 54.83 36.85 -31.80
N GLY A 4 53.63 37.15 -31.32
CA GLY A 4 52.92 36.25 -30.43
C GLY A 4 52.11 36.97 -29.39
N SER A 5 52.58 36.96 -28.15
CA SER A 5 51.89 37.60 -27.05
C SER A 5 50.44 37.13 -26.95
N SER A 6 50.27 35.81 -26.94
CA SER A 6 48.94 35.22 -26.86
C SER A 6 48.56 34.91 -25.41
N GLY A 7 47.26 34.79 -25.16
CA GLY A 7 46.80 34.50 -23.82
C GLY A 7 45.48 33.74 -23.80
N LEU A 8 45.16 33.13 -22.68
CA LEU A 8 43.93 32.37 -22.54
C LEU A 8 43.75 31.87 -21.11
N LYS A 9 42.51 31.88 -20.64
CA LYS A 9 42.19 31.44 -19.28
C LYS A 9 40.69 31.19 -19.12
N ARG A 10 40.35 29.99 -18.68
CA ARG A 10 38.94 29.62 -18.48
C ARG A 10 38.78 28.78 -17.22
N ASP A 11 37.54 28.44 -16.90
CA ASP A 11 37.23 27.63 -15.73
C ASP A 11 36.18 26.57 -16.05
N PHE A 12 35.97 25.66 -15.12
CA PHE A 12 34.99 24.59 -15.29
C PHE A 12 34.08 24.47 -14.07
N ILE A 13 33.03 23.67 -14.20
CA ILE A 13 32.09 23.48 -13.11
C ILE A 13 31.92 21.99 -12.79
N ILE A 14 31.25 21.71 -11.68
CA ILE A 14 31.03 20.33 -11.25
C ILE A 14 29.72 20.20 -10.48
N LEU A 15 29.06 19.05 -10.63
CA LEU A 15 27.80 18.80 -9.93
C LEU A 15 27.88 17.53 -9.10
N GLY A 16 27.03 17.43 -8.08
CA GLY A 16 27.03 16.26 -7.23
C GLY A 16 25.67 16.01 -6.60
N ASN A 17 25.46 14.79 -6.12
CA ASN A 17 24.18 14.42 -5.50
C ASN A 17 24.41 13.57 -4.25
N GLY A 18 23.55 13.74 -3.26
CA GLY A 18 23.67 12.99 -2.03
C GLY A 18 22.32 12.56 -1.47
N PRO A 19 22.32 11.43 -0.75
CA PRO A 19 21.09 10.89 -0.14
C PRO A 19 20.58 11.76 1.00
N ARG A 20 19.35 11.50 1.42
CA ARG A 20 18.73 12.25 2.51
C ARG A 20 18.00 11.32 3.48
N LEU A 21 17.78 11.79 4.70
CA LEU A 21 17.09 11.00 5.71
C LEU A 21 15.76 10.48 5.17
N GLN A 22 15.51 9.19 5.39
CA GLN A 22 14.27 8.58 4.92
C GLN A 22 13.17 8.71 5.97
N ASN A 23 11.93 8.45 5.56
CA ASN A 23 10.79 8.55 6.46
C ASN A 23 10.13 7.19 6.64
N SER A 24 9.66 6.92 7.86
CA SER A 24 9.00 5.65 8.17
C SER A 24 7.52 5.71 7.79
N THR A 25 7.24 6.26 6.62
CA THR A 25 5.87 6.37 6.15
C THR A 25 5.20 5.00 6.07
N TYR A 26 3.95 4.93 6.53
CA TYR A 26 3.20 3.68 6.53
C TYR A 26 2.63 3.40 5.14
N GLN A 27 3.01 2.27 4.57
CA GLN A 27 2.53 1.88 3.25
C GLN A 27 1.27 1.04 3.35
N CYS A 28 0.12 1.71 3.27
CA CYS A 28 -1.16 1.04 3.36
C CYS A 28 -1.19 -0.20 2.47
N LYS A 29 -1.45 -1.36 3.07
CA LYS A 29 -1.50 -2.62 2.34
C LYS A 29 -2.88 -2.81 1.70
N HIS A 30 -3.64 -1.73 1.61
CA HIS A 30 -4.97 -1.79 1.02
C HIS A 30 -5.01 -1.03 -0.31
N CYS A 31 -4.42 0.16 -0.31
CA CYS A 31 -4.38 0.99 -1.51
C CYS A 31 -2.95 1.36 -1.87
N ASP A 32 -1.99 0.87 -1.09
CA ASP A 32 -0.59 1.15 -1.33
C ASP A 32 -0.29 2.64 -1.16
N SER A 33 -1.00 3.27 -0.23
CA SER A 33 -0.81 4.70 0.04
C SER A 33 0.35 4.92 0.99
N LYS A 34 0.57 6.18 1.36
CA LYS A 34 1.65 6.54 2.26
C LYS A 34 1.15 7.45 3.38
N LEU A 35 1.39 7.06 4.62
CA LEU A 35 0.96 7.84 5.77
C LEU A 35 2.14 8.16 6.68
N GLN A 36 1.98 9.18 7.52
CA GLN A 36 3.03 9.58 8.44
C GLN A 36 3.23 8.54 9.54
N SER A 37 2.15 8.19 10.22
CA SER A 37 2.20 7.21 11.29
C SER A 37 0.82 6.63 11.57
N THR A 38 0.77 5.64 12.46
CA THR A 38 -0.49 4.99 12.82
C THR A 38 -1.62 6.02 12.94
N ALA A 39 -1.39 7.05 13.76
CA ALA A 39 -2.37 8.10 13.96
C ALA A 39 -3.13 8.39 12.68
N GLU A 40 -2.42 8.37 11.55
CA GLU A 40 -3.04 8.64 10.26
C GLU A 40 -3.75 7.40 9.72
N LEU A 41 -3.13 6.24 9.91
CA LEU A 41 -3.69 4.99 9.44
C LEU A 41 -5.05 4.72 10.10
N THR A 42 -5.09 4.87 11.42
CA THR A 42 -6.33 4.65 12.17
C THR A 42 -7.49 5.38 11.52
N SER A 43 -7.21 6.54 10.93
CA SER A 43 -8.24 7.35 10.27
C SER A 43 -8.38 6.96 8.80
N HIS A 44 -7.25 6.65 8.18
CA HIS A 44 -7.24 6.26 6.77
C HIS A 44 -7.96 4.94 6.57
N LEU A 45 -7.46 3.88 7.21
CA LEU A 45 -8.06 2.57 7.10
C LEU A 45 -9.58 2.65 7.13
N ASN A 46 -10.10 3.45 8.05
CA ASN A 46 -11.55 3.62 8.18
C ASN A 46 -12.20 3.77 6.81
N ILE A 47 -11.56 4.55 5.94
CA ILE A 47 -12.07 4.79 4.60
C ILE A 47 -12.43 3.48 3.90
N HIS A 48 -11.62 2.45 4.14
CA HIS A 48 -11.85 1.14 3.54
C HIS A 48 -13.00 0.43 4.23
N ASN A 49 -12.88 0.22 5.54
CA ASN A 49 -13.91 -0.46 6.31
C ASN A 49 -15.30 0.08 5.95
N GLU A 50 -15.44 1.39 5.92
CA GLU A 50 -16.71 2.02 5.58
C GLU A 50 -17.14 1.65 4.16
N GLU A 51 -16.17 1.53 3.27
CA GLU A 51 -16.44 1.19 1.88
C GLU A 51 -16.86 -0.27 1.76
N PHE A 52 -16.19 -1.14 2.52
CA PHE A 52 -16.49 -2.57 2.50
C PHE A 52 -17.99 -2.81 2.59
N GLN A 53 -18.65 -2.09 3.49
CA GLN A 53 -20.10 -2.22 3.68
C GLN A 53 -20.84 -1.93 2.38
N LYS A 54 -20.60 -0.75 1.82
CA LYS A 54 -21.27 -0.35 0.58
C LYS A 54 -21.24 -1.48 -0.44
N ARG A 55 -20.08 -2.12 -0.57
CA ARG A 55 -19.93 -3.23 -1.51
C ARG A 55 -21.19 -4.10 -1.53
N ALA A 56 -21.59 -4.58 -0.37
CA ALA A 56 -22.77 -5.42 -0.25
C ALA A 56 -23.85 -5.00 -1.25
N LYS A 57 -24.05 -3.69 -1.37
CA LYS A 57 -25.05 -3.16 -2.28
C LYS A 57 -25.13 -3.99 -3.56
N ARG A 58 -26.35 -4.28 -3.99
CA ARG A 58 -26.56 -5.08 -5.20
C ARG A 58 -27.44 -4.34 -6.19
N GLN A 59 -27.54 -4.87 -7.40
CA GLN A 59 -28.35 -4.26 -8.45
C GLN A 59 -28.47 -5.18 -9.65
N GLU A 60 -29.72 -5.45 -10.07
CA GLU A 60 -29.97 -6.32 -11.21
C GLU A 60 -30.49 -5.52 -12.40
N ARG A 61 -29.62 -4.71 -12.98
CA ARG A 61 -29.98 -3.87 -14.13
C ARG A 61 -28.99 -4.06 -15.27
N ARG A 62 -29.29 -4.98 -16.18
CA ARG A 62 -28.42 -5.25 -17.32
C ARG A 62 -28.99 -4.63 -18.59
N LYS A 63 -28.15 -3.89 -19.30
CA LYS A 63 -28.57 -3.25 -20.54
C LYS A 63 -27.55 -3.50 -21.65
N GLN A 64 -28.04 -3.61 -22.89
CA GLN A 64 -27.18 -3.84 -24.03
C GLN A 64 -26.14 -2.73 -24.18
N LEU A 65 -25.24 -2.89 -25.14
CA LEU A 65 -24.20 -1.91 -25.38
C LEU A 65 -24.29 -1.34 -26.79
N LEU A 66 -23.55 -0.27 -27.05
CA LEU A 66 -23.56 0.37 -28.36
C LEU A 66 -22.15 0.85 -28.73
N SER A 67 -21.87 0.88 -30.03
CA SER A 67 -20.57 1.32 -30.51
C SER A 67 -20.61 1.57 -32.02
N LYS A 68 -19.76 2.48 -32.49
CA LYS A 68 -19.69 2.80 -33.91
C LYS A 68 -18.53 3.75 -34.20
N GLN A 69 -17.83 3.51 -35.30
CA GLN A 69 -16.70 4.34 -35.69
C GLN A 69 -16.45 4.25 -37.19
N LYS A 70 -15.77 5.27 -37.73
CA LYS A 70 -15.47 5.30 -39.15
C LYS A 70 -14.06 5.83 -39.39
N TYR A 71 -13.61 5.80 -40.65
CA TYR A 71 -12.29 6.28 -41.00
C TYR A 71 -12.27 6.82 -42.43
N ALA A 72 -11.15 7.43 -42.81
CA ALA A 72 -11.00 7.99 -44.14
C ALA A 72 -9.55 7.93 -44.61
N ASP A 73 -9.33 8.20 -45.89
CA ASP A 73 -7.99 8.17 -46.46
C ASP A 73 -8.00 8.65 -47.90
N GLY A 74 -6.83 9.01 -48.41
CA GLY A 74 -6.72 9.48 -49.78
C GLY A 74 -5.64 10.52 -49.96
N ALA A 75 -4.69 10.24 -50.84
CA ALA A 75 -3.59 11.17 -51.10
C ALA A 75 -2.91 10.85 -52.44
N PHE A 76 -2.11 11.80 -52.93
CA PHE A 76 -1.41 11.62 -54.19
C PHE A 76 -0.42 12.75 -54.42
N ALA A 77 0.49 12.55 -55.36
CA ALA A 77 1.50 13.55 -55.68
C ALA A 77 2.34 13.13 -56.89
N ASP A 78 3.21 14.03 -57.34
CA ASP A 78 4.06 13.75 -58.49
C ASP A 78 5.27 14.67 -58.50
N PHE A 79 6.29 14.30 -59.27
CA PHE A 79 7.51 15.09 -59.37
C PHE A 79 8.23 14.82 -60.69
N LYS A 80 9.33 15.52 -60.91
CA LYS A 80 10.11 15.37 -62.13
C LYS A 80 11.60 15.42 -61.83
N GLN A 81 12.42 15.21 -62.86
CA GLN A 81 13.87 15.25 -62.71
C GLN A 81 14.47 16.43 -63.46
N GLU A 82 15.80 16.58 -63.36
CA GLU A 82 16.49 17.66 -64.04
C GLU A 82 17.57 17.11 -64.96
N SER A 83 18.19 18.01 -65.74
CA SER A 83 19.24 17.61 -66.67
C SER A 83 20.61 17.79 -66.04
N GLY A 84 21.64 17.30 -66.73
CA GLY A 84 23.00 17.41 -66.22
C GLY A 84 23.67 18.70 -66.64
N PRO A 85 24.43 19.30 -65.72
CA PRO A 85 25.14 20.56 -65.97
C PRO A 85 26.30 20.38 -66.94
N SER A 86 26.89 21.49 -67.38
CA SER A 86 28.01 21.46 -68.30
C SER A 86 29.23 20.80 -67.67
N SER A 87 29.67 21.35 -66.55
CA SER A 87 30.83 20.82 -65.85
C SER A 87 32.09 20.96 -66.69
N GLY A 88 32.25 22.12 -67.32
CA GLY A 88 33.42 22.36 -68.16
C GLY A 88 34.68 21.75 -67.59
ZN ZN B . -5.46 2.54 2.19
N GLY A 1 39.32 34.24 -43.01
CA GLY A 1 39.69 33.40 -44.14
C GLY A 1 39.50 31.92 -43.85
N SER A 2 40.12 31.08 -44.67
CA SER A 2 40.01 29.64 -44.50
C SER A 2 40.59 29.19 -43.17
N SER A 3 39.73 28.71 -42.28
CA SER A 3 40.15 28.27 -40.96
C SER A 3 39.05 27.43 -40.29
N GLY A 4 39.47 26.43 -39.52
CA GLY A 4 38.52 25.57 -38.83
C GLY A 4 38.75 25.52 -37.34
N SER A 5 39.15 24.35 -36.84
CA SER A 5 39.40 24.17 -35.42
C SER A 5 38.13 24.37 -34.61
N SER A 6 37.04 23.81 -35.10
CA SER A 6 35.74 23.92 -34.42
C SER A 6 35.35 22.61 -33.77
N GLY A 7 34.67 22.69 -32.62
CA GLY A 7 34.25 21.50 -31.92
C GLY A 7 32.92 21.69 -31.20
N LEU A 8 32.51 20.68 -30.44
CA LEU A 8 31.25 20.74 -29.70
C LEU A 8 31.37 20.01 -28.37
N LYS A 9 31.09 20.73 -27.29
CA LYS A 9 31.16 20.14 -25.95
C LYS A 9 29.76 19.87 -25.40
N ARG A 10 29.70 19.18 -24.26
CA ARG A 10 28.43 18.85 -23.63
C ARG A 10 28.55 18.87 -22.12
N ASP A 11 27.76 19.73 -21.48
CA ASP A 11 27.78 19.84 -20.02
C ASP A 11 26.48 19.33 -19.42
N PHE A 12 26.55 18.14 -18.82
CA PHE A 12 25.38 17.53 -18.21
C PHE A 12 25.78 16.61 -17.05
N ILE A 13 25.47 17.04 -15.83
CA ILE A 13 25.80 16.26 -14.64
C ILE A 13 24.54 15.86 -13.88
N ILE A 14 23.43 16.50 -14.21
CA ILE A 14 22.15 16.20 -13.56
C ILE A 14 22.35 15.91 -12.08
N LEU A 15 22.99 16.84 -11.37
CA LEU A 15 23.24 16.69 -9.94
C LEU A 15 21.98 17.00 -9.13
N GLY A 16 21.70 16.16 -8.14
CA GLY A 16 20.53 16.37 -7.31
C GLY A 16 20.50 15.43 -6.12
N ASN A 17 20.90 15.93 -4.95
CA ASN A 17 20.91 15.13 -3.74
C ASN A 17 19.68 15.42 -2.88
N GLY A 18 19.35 14.48 -1.99
CA GLY A 18 18.20 14.66 -1.13
C GLY A 18 18.18 13.67 0.02
N PRO A 19 17.28 13.88 0.99
CA PRO A 19 17.14 13.01 2.16
C PRO A 19 16.56 11.65 1.80
N ARG A 20 16.90 10.64 2.59
CA ARG A 20 16.42 9.28 2.35
C ARG A 20 15.67 8.76 3.56
N LEU A 21 14.36 8.61 3.42
CA LEU A 21 13.51 8.11 4.51
C LEU A 21 13.68 8.98 5.75
N GLN A 22 13.72 10.29 5.56
CA GLN A 22 13.87 11.22 6.67
C GLN A 22 12.97 10.83 7.83
N ASN A 23 11.75 10.42 7.51
CA ASN A 23 10.79 10.02 8.53
C ASN A 23 10.12 8.70 8.17
N SER A 24 9.62 8.00 9.18
CA SER A 24 8.96 6.71 8.97
C SER A 24 7.65 6.89 8.21
N THR A 25 7.44 6.08 7.18
CA THR A 25 6.23 6.15 6.37
C THR A 25 5.46 4.83 6.42
N TYR A 26 4.16 4.93 6.65
CA TYR A 26 3.32 3.74 6.72
C TYR A 26 2.78 3.38 5.34
N GLN A 27 3.19 2.22 4.83
CA GLN A 27 2.75 1.75 3.53
C GLN A 27 1.43 1.01 3.62
N CYS A 28 0.35 1.66 3.22
CA CYS A 28 -0.98 1.06 3.27
C CYS A 28 -1.09 -0.10 2.28
N LYS A 29 -1.13 -1.31 2.80
CA LYS A 29 -1.24 -2.51 1.97
C LYS A 29 -2.68 -2.72 1.50
N HIS A 30 -3.51 -1.70 1.69
CA HIS A 30 -4.91 -1.78 1.28
C HIS A 30 -5.14 -1.06 -0.04
N CYS A 31 -4.54 0.12 -0.18
CA CYS A 31 -4.68 0.91 -1.40
C CYS A 31 -3.31 1.29 -1.95
N ASP A 32 -2.25 0.78 -1.32
CA ASP A 32 -0.89 1.07 -1.75
C ASP A 32 -0.58 2.55 -1.60
N SER A 33 -1.01 3.13 -0.49
CA SER A 33 -0.77 4.55 -0.23
C SER A 33 0.34 4.73 0.80
N LYS A 34 0.56 5.97 1.20
CA LYS A 34 1.61 6.29 2.18
C LYS A 34 1.09 7.26 3.23
N LEU A 35 1.33 6.94 4.49
CA LEU A 35 0.89 7.80 5.60
C LEU A 35 2.06 8.16 6.51
N GLN A 36 1.90 9.23 7.26
CA GLN A 36 2.96 9.69 8.18
C GLN A 36 3.17 8.67 9.29
N SER A 37 2.09 8.30 9.97
CA SER A 37 2.16 7.33 11.06
C SER A 37 0.78 6.76 11.37
N THR A 38 0.75 5.78 12.28
CA THR A 38 -0.50 5.15 12.66
C THR A 38 -1.62 6.18 12.82
N ALA A 39 -1.35 7.23 13.58
CA ALA A 39 -2.33 8.29 13.80
C ALA A 39 -3.14 8.56 12.55
N GLU A 40 -2.47 8.51 11.40
CA GLU A 40 -3.14 8.75 10.11
C GLU A 40 -3.82 7.49 9.61
N LEU A 41 -3.16 6.35 9.78
CA LEU A 41 -3.70 5.07 9.33
C LEU A 41 -5.03 4.78 10.02
N THR A 42 -5.04 4.89 11.35
CA THR A 42 -6.24 4.65 12.13
C THR A 42 -7.47 5.31 11.49
N SER A 43 -7.26 6.49 10.93
CA SER A 43 -8.34 7.22 10.28
C SER A 43 -8.51 6.79 8.83
N HIS A 44 -7.39 6.68 8.12
CA HIS A 44 -7.41 6.26 6.72
C HIS A 44 -8.08 4.90 6.57
N LEU A 45 -7.50 3.89 7.20
CA LEU A 45 -8.03 2.54 7.14
C LEU A 45 -9.56 2.55 7.24
N ASN A 46 -10.07 3.26 8.23
CA ASN A 46 -11.52 3.36 8.44
C ASN A 46 -12.24 3.51 7.10
N ILE A 47 -11.73 4.39 6.25
CA ILE A 47 -12.33 4.63 4.94
C ILE A 47 -12.65 3.32 4.24
N HIS A 48 -11.71 2.39 4.27
CA HIS A 48 -11.88 1.09 3.64
C HIS A 48 -13.07 0.35 4.24
N ASN A 49 -13.04 0.16 5.55
CA ASN A 49 -14.11 -0.53 6.26
C ASN A 49 -15.48 -0.11 5.72
N GLU A 50 -15.75 1.19 5.77
CA GLU A 50 -17.02 1.73 5.30
C GLU A 50 -17.26 1.32 3.84
N GLU A 51 -16.24 1.49 3.01
CA GLU A 51 -16.33 1.15 1.60
C GLU A 51 -16.69 -0.32 1.41
N PHE A 52 -16.13 -1.17 2.27
CA PHE A 52 -16.38 -2.61 2.21
C PHE A 52 -17.86 -2.91 2.41
N GLN A 53 -18.44 -2.34 3.46
CA GLN A 53 -19.85 -2.54 3.77
C GLN A 53 -20.73 -1.98 2.65
N LYS A 54 -20.49 -0.74 2.28
CA LYS A 54 -21.26 -0.08 1.23
C LYS A 54 -21.19 -0.88 -0.07
N ARG A 55 -19.98 -1.35 -0.41
CA ARG A 55 -19.78 -2.12 -1.63
C ARG A 55 -20.50 -3.47 -1.55
N ALA A 56 -20.13 -4.28 -0.56
CA ALA A 56 -20.74 -5.59 -0.38
C ALA A 56 -20.96 -6.29 -1.71
N LYS A 57 -19.96 -6.20 -2.60
CA LYS A 57 -20.06 -6.82 -3.91
C LYS A 57 -19.24 -8.11 -3.96
N ARG A 58 -19.31 -8.88 -2.89
CA ARG A 58 -18.57 -10.15 -2.80
C ARG A 58 -18.79 -10.99 -4.06
N GLN A 59 -17.70 -11.38 -4.70
CA GLN A 59 -17.77 -12.19 -5.91
C GLN A 59 -18.05 -13.65 -5.57
N GLU A 60 -18.55 -14.39 -6.55
CA GLU A 60 -18.87 -15.81 -6.36
C GLU A 60 -17.59 -16.65 -6.36
N ARG A 61 -16.99 -16.79 -5.18
CA ARG A 61 -15.77 -17.57 -5.04
C ARG A 61 -16.04 -18.90 -4.34
N ARG A 62 -15.23 -19.90 -4.63
CA ARG A 62 -15.38 -21.22 -4.03
C ARG A 62 -15.71 -21.10 -2.54
N LYS A 63 -16.71 -21.85 -2.10
CA LYS A 63 -17.12 -21.83 -0.70
C LYS A 63 -15.97 -22.24 0.21
N GLN A 64 -16.17 -22.07 1.51
CA GLN A 64 -15.14 -22.42 2.49
C GLN A 64 -15.41 -23.81 3.08
N LEU A 65 -14.44 -24.70 2.95
CA LEU A 65 -14.57 -26.06 3.47
C LEU A 65 -14.77 -26.04 4.99
N LEU A 66 -15.53 -27.01 5.49
CA LEU A 66 -15.80 -27.10 6.91
C LEU A 66 -16.28 -28.51 7.28
N SER A 67 -16.52 -28.72 8.58
CA SER A 67 -16.97 -30.03 9.06
C SER A 67 -17.90 -30.69 8.05
N LYS A 68 -17.84 -32.01 7.98
CA LYS A 68 -18.67 -32.76 7.05
C LYS A 68 -20.13 -32.74 7.49
N GLN A 69 -21.03 -32.53 6.52
CA GLN A 69 -22.46 -32.48 6.82
C GLN A 69 -23.28 -32.48 5.53
N LYS A 70 -24.38 -33.23 5.52
CA LYS A 70 -25.24 -33.31 4.35
C LYS A 70 -26.65 -33.75 4.76
N TYR A 71 -27.63 -33.35 3.96
CA TYR A 71 -29.02 -33.71 4.23
C TYR A 71 -29.63 -34.44 3.04
N ALA A 72 -29.69 -33.76 1.90
CA ALA A 72 -30.26 -34.35 0.69
C ALA A 72 -30.07 -33.43 -0.50
N ASP A 73 -30.44 -33.92 -1.68
CA ASP A 73 -30.32 -33.12 -2.91
C ASP A 73 -31.38 -33.55 -3.93
N GLY A 74 -31.56 -32.71 -4.95
CA GLY A 74 -32.53 -33.01 -5.99
C GLY A 74 -32.51 -32.00 -7.11
N ALA A 75 -33.22 -32.31 -8.19
CA ALA A 75 -33.29 -31.41 -9.35
C ALA A 75 -34.51 -31.71 -10.21
N PHE A 76 -34.70 -30.91 -11.25
CA PHE A 76 -35.83 -31.10 -12.15
C PHE A 76 -35.58 -30.41 -13.49
N ALA A 77 -36.38 -30.75 -14.48
CA ALA A 77 -36.24 -30.18 -15.82
C ALA A 77 -37.39 -30.62 -16.72
N ASP A 78 -37.55 -29.92 -17.85
CA ASP A 78 -38.61 -30.24 -18.80
C ASP A 78 -38.46 -29.40 -20.07
N PHE A 79 -39.12 -29.84 -21.14
CA PHE A 79 -39.06 -29.13 -22.41
C PHE A 79 -40.46 -28.76 -22.89
N LYS A 80 -40.53 -28.08 -24.03
CA LYS A 80 -41.80 -27.67 -24.60
C LYS A 80 -42.08 -28.40 -25.90
N GLN A 81 -41.21 -28.23 -26.89
CA GLN A 81 -41.35 -28.87 -28.18
C GLN A 81 -40.14 -28.62 -29.06
N GLU A 82 -40.17 -29.16 -30.28
CA GLU A 82 -39.08 -28.99 -31.22
C GLU A 82 -39.61 -28.75 -32.64
N SER A 83 -38.78 -28.12 -33.47
CA SER A 83 -39.17 -27.83 -34.84
C SER A 83 -37.94 -27.69 -35.73
N GLY A 84 -38.15 -27.69 -37.04
CA GLY A 84 -37.05 -27.56 -37.98
C GLY A 84 -37.51 -27.05 -39.33
N PRO A 85 -36.98 -25.88 -39.73
CA PRO A 85 -37.33 -25.25 -41.01
C PRO A 85 -36.74 -26.02 -42.20
N SER A 86 -37.10 -25.59 -43.40
CA SER A 86 -36.62 -26.22 -44.62
C SER A 86 -36.65 -25.26 -45.80
N SER A 87 -35.75 -25.48 -46.76
CA SER A 87 -35.68 -24.62 -47.94
C SER A 87 -35.03 -25.36 -49.10
N GLY A 88 -34.94 -24.69 -50.24
CA GLY A 88 -34.34 -25.29 -51.42
C GLY A 88 -33.02 -24.67 -51.79
ZN ZN B . -5.37 2.54 2.30
N GLY A 1 50.68 15.26 -13.56
CA GLY A 1 50.22 15.14 -14.93
C GLY A 1 49.24 14.00 -15.12
N SER A 2 49.75 12.87 -15.60
CA SER A 2 48.91 11.70 -15.83
C SER A 2 49.76 10.48 -16.19
N SER A 3 49.31 9.31 -15.75
CA SER A 3 50.04 8.07 -16.02
C SER A 3 49.21 6.86 -15.61
N GLY A 4 49.73 5.66 -15.90
CA GLY A 4 49.02 4.45 -15.54
C GLY A 4 49.96 3.36 -15.03
N SER A 5 49.39 2.33 -14.43
CA SER A 5 50.18 1.23 -13.88
C SER A 5 49.40 -0.08 -13.93
N SER A 6 50.11 -1.19 -13.82
CA SER A 6 49.48 -2.51 -13.85
C SER A 6 49.07 -2.95 -12.45
N GLY A 7 48.31 -4.03 -12.38
CA GLY A 7 47.86 -4.55 -11.09
C GLY A 7 46.67 -5.47 -11.22
N LEU A 8 46.74 -6.62 -10.54
CA LEU A 8 45.65 -7.60 -10.59
C LEU A 8 45.59 -8.40 -9.30
N LYS A 9 44.54 -8.18 -8.52
CA LYS A 9 44.36 -8.88 -7.25
C LYS A 9 42.89 -8.90 -6.83
N ARG A 10 42.60 -9.60 -5.75
CA ARG A 10 41.23 -9.68 -5.24
C ARG A 10 40.87 -8.44 -4.43
N ASP A 11 40.55 -7.36 -5.14
CA ASP A 11 40.18 -6.11 -4.48
C ASP A 11 39.27 -5.28 -5.38
N PHE A 12 37.98 -5.23 -5.04
CA PHE A 12 37.01 -4.47 -5.81
C PHE A 12 35.65 -4.47 -5.13
N ILE A 13 35.25 -3.31 -4.62
CA ILE A 13 33.96 -3.17 -3.94
C ILE A 13 32.81 -3.13 -4.95
N ILE A 14 31.78 -3.92 -4.68
CA ILE A 14 30.62 -3.98 -5.56
C ILE A 14 29.42 -3.27 -4.93
N LEU A 15 29.01 -2.16 -5.52
CA LEU A 15 27.88 -1.39 -5.02
C LEU A 15 26.61 -1.72 -5.79
N GLY A 16 25.46 -1.52 -5.15
CA GLY A 16 24.19 -1.80 -5.80
C GLY A 16 23.05 -1.89 -4.82
N ASN A 17 22.88 -0.85 -4.01
CA ASN A 17 21.82 -0.81 -3.01
C ASN A 17 21.48 0.63 -2.63
N GLY A 18 20.19 0.95 -2.59
CA GLY A 18 19.76 2.28 -2.24
C GLY A 18 20.17 2.67 -0.82
N PRO A 19 19.79 3.87 -0.41
CA PRO A 19 20.11 4.38 0.93
C PRO A 19 19.34 3.66 2.03
N ARG A 20 19.90 3.64 3.23
CA ARG A 20 19.28 2.97 4.36
C ARG A 20 18.03 3.72 4.81
N LEU A 21 17.34 3.18 5.81
CA LEU A 21 16.12 3.81 6.33
C LEU A 21 16.24 5.33 6.30
N GLN A 22 15.60 5.95 5.31
CA GLN A 22 15.63 7.39 5.17
C GLN A 22 14.34 8.01 5.69
N ASN A 23 13.22 7.63 5.08
CA ASN A 23 11.92 8.16 5.48
C ASN A 23 11.05 7.05 6.08
N SER A 24 10.52 7.29 7.27
CA SER A 24 9.67 6.31 7.94
C SER A 24 8.20 6.55 7.61
N THR A 25 7.77 6.09 6.44
CA THR A 25 6.39 6.26 6.01
C THR A 25 5.63 4.94 6.06
N TYR A 26 4.34 5.02 6.36
CA TYR A 26 3.50 3.82 6.44
C TYR A 26 2.90 3.48 5.08
N GLN A 27 3.25 2.32 4.56
CA GLN A 27 2.74 1.88 3.26
C GLN A 27 1.53 0.96 3.43
N CYS A 28 0.37 1.42 2.98
CA CYS A 28 -0.85 0.64 3.08
C CYS A 28 -0.81 -0.57 2.16
N LYS A 29 -1.75 -1.49 2.36
CA LYS A 29 -1.82 -2.70 1.54
C LYS A 29 -3.11 -2.73 0.74
N HIS A 30 -4.04 -1.84 1.07
CA HIS A 30 -5.32 -1.77 0.38
C HIS A 30 -5.24 -0.82 -0.82
N CYS A 31 -4.63 0.35 -0.59
CA CYS A 31 -4.49 1.34 -1.66
C CYS A 31 -3.03 1.57 -1.99
N ASP A 32 -2.15 1.18 -1.07
CA ASP A 32 -0.71 1.35 -1.26
C ASP A 32 -0.30 2.81 -1.15
N SER A 33 -0.95 3.53 -0.23
CA SER A 33 -0.67 4.94 -0.01
C SER A 33 0.45 5.13 0.99
N LYS A 34 0.74 6.38 1.33
CA LYS A 34 1.79 6.70 2.30
C LYS A 34 1.25 7.60 3.41
N LEU A 35 1.36 7.13 4.65
CA LEU A 35 0.89 7.89 5.80
C LEU A 35 2.04 8.16 6.77
N GLN A 36 1.95 9.30 7.46
CA GLN A 36 2.98 9.68 8.42
C GLN A 36 3.23 8.56 9.43
N SER A 37 2.17 8.12 10.10
CA SER A 37 2.28 7.05 11.09
C SER A 37 0.91 6.45 11.38
N THR A 38 0.87 5.49 12.30
CA THR A 38 -0.37 4.83 12.67
C THR A 38 -1.50 5.84 12.87
N ALA A 39 -1.25 6.82 13.75
CA ALA A 39 -2.25 7.86 14.02
C ALA A 39 -3.02 8.23 12.76
N GLU A 40 -2.35 8.13 11.62
CA GLU A 40 -2.98 8.47 10.34
C GLU A 40 -3.64 7.24 9.73
N LEU A 41 -2.98 6.08 9.87
CA LEU A 41 -3.50 4.84 9.32
C LEU A 41 -4.82 4.46 9.99
N THR A 42 -4.92 4.72 11.28
CA THR A 42 -6.13 4.41 12.03
C THR A 42 -7.34 5.14 11.46
N SER A 43 -7.10 6.36 10.99
CA SER A 43 -8.18 7.17 10.42
C SER A 43 -8.37 6.85 8.94
N HIS A 44 -7.25 6.74 8.21
CA HIS A 44 -7.29 6.45 6.79
C HIS A 44 -7.98 5.10 6.53
N LEU A 45 -7.64 4.11 7.34
CA LEU A 45 -8.22 2.77 7.20
C LEU A 45 -9.74 2.84 7.27
N ASN A 46 -10.25 3.55 8.27
CA ASN A 46 -11.68 3.69 8.46
C ASN A 46 -12.39 3.88 7.12
N ILE A 47 -11.77 4.66 6.24
CA ILE A 47 -12.34 4.92 4.92
C ILE A 47 -12.67 3.62 4.19
N HIS A 48 -11.73 2.68 4.23
CA HIS A 48 -11.93 1.39 3.58
C HIS A 48 -13.16 0.69 4.12
N ASN A 49 -13.27 0.61 5.43
CA ASN A 49 -14.42 -0.04 6.08
C ASN A 49 -15.73 0.50 5.51
N GLU A 50 -15.95 1.80 5.68
CA GLU A 50 -17.16 2.44 5.19
C GLU A 50 -17.54 1.92 3.81
N GLU A 51 -16.56 1.92 2.91
CA GLU A 51 -16.78 1.44 1.54
C GLU A 51 -17.07 -0.06 1.53
N PHE A 52 -16.33 -0.80 2.34
CA PHE A 52 -16.50 -2.25 2.42
C PHE A 52 -17.96 -2.62 2.62
N GLN A 53 -18.63 -1.90 3.53
CA GLN A 53 -20.04 -2.15 3.81
C GLN A 53 -20.87 -2.09 2.53
N LYS A 54 -20.56 -1.13 1.67
CA LYS A 54 -21.28 -0.97 0.41
C LYS A 54 -21.07 -2.18 -0.50
N ARG A 55 -19.88 -2.76 -0.43
CA ARG A 55 -19.54 -3.92 -1.25
C ARG A 55 -20.28 -5.16 -0.74
N ALA A 56 -20.33 -5.33 0.58
CA ALA A 56 -20.99 -6.46 1.18
C ALA A 56 -22.50 -6.21 1.30
N LYS A 57 -23.06 -5.54 0.31
CA LYS A 57 -24.49 -5.23 0.30
C LYS A 57 -25.25 -6.23 -0.56
N ARG A 58 -24.89 -6.30 -1.84
CA ARG A 58 -25.54 -7.22 -2.77
C ARG A 58 -25.25 -8.67 -2.39
N GLN A 59 -23.96 -9.00 -2.32
CA GLN A 59 -23.54 -10.36 -1.98
C GLN A 59 -22.46 -10.34 -0.90
N GLU A 60 -22.78 -10.93 0.25
CA GLU A 60 -21.84 -10.97 1.37
C GLU A 60 -20.82 -12.09 1.17
N ARG A 61 -21.31 -13.28 0.87
CA ARG A 61 -20.45 -14.44 0.65
C ARG A 61 -21.03 -15.36 -0.41
N ARG A 62 -20.31 -16.45 -0.69
CA ARG A 62 -20.76 -17.42 -1.69
C ARG A 62 -21.74 -18.41 -1.08
N LYS A 63 -22.53 -17.95 -0.12
CA LYS A 63 -23.52 -18.79 0.53
C LYS A 63 -24.19 -19.71 -0.47
N GLN A 64 -24.71 -20.84 0.02
CA GLN A 64 -25.39 -21.80 -0.83
C GLN A 64 -24.41 -22.48 -1.79
N LEU A 65 -23.34 -23.04 -1.22
CA LEU A 65 -22.33 -23.73 -2.01
C LEU A 65 -22.19 -25.18 -1.59
N LEU A 66 -22.46 -26.09 -2.53
CA LEU A 66 -22.36 -27.52 -2.25
C LEU A 66 -20.94 -28.02 -2.46
N SER A 67 -20.01 -27.09 -2.60
CA SER A 67 -18.61 -27.44 -2.81
C SER A 67 -18.02 -28.10 -1.56
N LYS A 68 -17.74 -29.39 -1.65
CA LYS A 68 -17.18 -30.14 -0.54
C LYS A 68 -16.29 -31.27 -1.04
N GLN A 69 -15.29 -31.62 -0.24
CA GLN A 69 -14.36 -32.70 -0.60
C GLN A 69 -14.47 -33.87 0.37
N LYS A 70 -13.82 -34.97 0.04
CA LYS A 70 -13.85 -36.17 0.89
C LYS A 70 -12.45 -36.50 1.40
N TYR A 71 -12.38 -37.41 2.37
CA TYR A 71 -11.09 -37.81 2.94
C TYR A 71 -11.02 -39.32 3.07
N ALA A 72 -9.79 -39.84 3.11
CA ALA A 72 -9.57 -41.28 3.23
C ALA A 72 -8.73 -41.60 4.46
N ASP A 73 -8.66 -42.87 4.80
CA ASP A 73 -7.88 -43.32 5.96
C ASP A 73 -6.62 -44.04 5.52
N GLY A 74 -6.78 -45.16 4.82
CA GLY A 74 -5.64 -45.92 4.35
C GLY A 74 -4.95 -46.68 5.47
N ALA A 75 -4.25 -47.75 5.11
CA ALA A 75 -3.54 -48.56 6.10
C ALA A 75 -2.58 -49.53 5.41
N PHE A 76 -1.61 -50.02 6.17
CA PHE A 76 -0.63 -50.96 5.64
C PHE A 76 0.08 -51.70 6.77
N ALA A 77 0.86 -52.71 6.41
CA ALA A 77 1.61 -53.50 7.39
C ALA A 77 2.53 -54.51 6.71
N ASP A 78 3.57 -54.91 7.41
CA ASP A 78 4.53 -55.88 6.87
C ASP A 78 5.35 -56.51 8.00
N PHE A 79 6.07 -57.57 7.65
CA PHE A 79 6.89 -58.27 8.63
C PHE A 79 8.13 -58.89 7.96
N LYS A 80 8.94 -59.58 8.75
CA LYS A 80 10.14 -60.23 8.25
C LYS A 80 10.61 -61.33 9.19
N GLN A 81 11.36 -62.28 8.64
CA GLN A 81 11.87 -63.40 9.43
C GLN A 81 12.79 -64.27 8.59
N GLU A 82 13.95 -64.61 9.15
CA GLU A 82 14.93 -65.45 8.45
C GLU A 82 15.69 -66.33 9.45
N SER A 83 16.21 -67.44 8.95
CA SER A 83 16.96 -68.38 9.78
C SER A 83 17.82 -69.30 8.92
N GLY A 84 18.84 -69.89 9.54
CA GLY A 84 19.72 -70.79 8.82
C GLY A 84 20.78 -71.40 9.72
N PRO A 85 20.85 -72.73 9.76
CA PRO A 85 21.82 -73.46 10.58
C PRO A 85 23.24 -73.32 10.05
N SER A 86 24.18 -74.00 10.70
CA SER A 86 25.58 -73.94 10.30
C SER A 86 26.39 -75.05 10.97
N SER A 87 27.22 -75.73 10.18
CA SER A 87 28.04 -76.82 10.69
C SER A 87 29.43 -76.33 11.04
N GLY A 88 30.15 -75.82 10.05
CA GLY A 88 31.49 -75.32 10.28
C GLY A 88 31.54 -73.81 10.41
ZN ZN B . -5.23 2.11 2.19
N GLY A 1 49.45 27.93 25.77
CA GLY A 1 50.28 26.80 26.14
C GLY A 1 50.38 25.77 25.04
N SER A 2 51.24 24.77 25.23
CA SER A 2 51.42 23.72 24.24
C SER A 2 50.82 22.41 24.73
N SER A 3 50.86 21.40 23.86
CA SER A 3 50.30 20.09 24.19
C SER A 3 50.61 19.07 23.09
N GLY A 4 50.72 17.81 23.48
CA GLY A 4 51.00 16.76 22.51
C GLY A 4 49.76 16.01 22.08
N SER A 5 49.68 15.69 20.80
CA SER A 5 48.53 14.97 20.25
C SER A 5 48.97 13.75 19.47
N SER A 6 49.90 12.98 20.05
CA SER A 6 50.40 11.78 19.39
C SER A 6 49.53 10.57 19.70
N GLY A 7 49.63 9.54 18.86
CA GLY A 7 48.83 8.35 19.05
C GLY A 7 47.39 8.52 18.60
N LEU A 8 47.08 8.02 17.42
CA LEU A 8 45.73 8.13 16.88
C LEU A 8 45.25 6.78 16.33
N LYS A 9 44.42 6.09 17.09
CA LYS A 9 43.89 4.80 16.68
C LYS A 9 42.38 4.88 16.44
N ARG A 10 41.96 4.77 15.19
CA ARG A 10 40.55 4.83 14.84
C ARG A 10 40.12 3.55 14.12
N ASP A 11 39.36 2.71 14.83
CA ASP A 11 38.88 1.46 14.25
C ASP A 11 37.73 0.90 15.08
N PHE A 12 36.51 1.02 14.55
CA PHE A 12 35.33 0.52 15.24
C PHE A 12 34.12 0.52 14.32
N ILE A 13 32.99 0.00 14.81
CA ILE A 13 31.77 -0.05 14.02
C ILE A 13 30.82 1.08 14.42
N ILE A 14 30.28 1.77 13.41
CA ILE A 14 29.35 2.86 13.65
C ILE A 14 27.93 2.35 13.85
N LEU A 15 27.26 2.86 14.87
CA LEU A 15 25.88 2.46 15.18
C LEU A 15 24.89 3.23 14.31
N GLY A 16 23.63 2.80 14.36
CA GLY A 16 22.60 3.47 13.59
C GLY A 16 22.68 4.98 13.68
N ASN A 17 22.74 5.49 14.91
CA ASN A 17 22.82 6.93 15.14
C ASN A 17 23.72 7.60 14.10
N GLY A 18 23.46 8.87 13.82
CA GLY A 18 24.24 9.59 12.85
C GLY A 18 23.39 10.46 11.94
N PRO A 19 23.97 10.89 10.81
CA PRO A 19 23.28 11.74 9.84
C PRO A 19 22.17 10.98 9.10
N ARG A 20 21.02 10.87 9.74
CA ARG A 20 19.87 10.17 9.14
C ARG A 20 18.57 10.84 9.53
N LEU A 21 17.67 11.01 8.56
CA LEU A 21 16.38 11.64 8.80
C LEU A 21 15.56 10.84 9.80
N GLN A 22 14.88 11.54 10.69
CA GLN A 22 14.06 10.89 11.71
C GLN A 22 12.58 10.97 11.33
N ASN A 23 12.14 10.07 10.47
CA ASN A 23 10.75 10.03 10.03
C ASN A 23 10.43 8.70 9.35
N SER A 24 9.25 8.16 9.65
CA SER A 24 8.82 6.89 9.07
C SER A 24 7.46 7.04 8.41
N THR A 25 7.29 6.40 7.26
CA THR A 25 6.03 6.46 6.52
C THR A 25 5.36 5.09 6.48
N TYR A 26 4.09 5.04 6.88
CA TYR A 26 3.35 3.79 6.89
C TYR A 26 2.86 3.44 5.49
N GLN A 27 3.35 2.31 4.96
CA GLN A 27 2.97 1.86 3.63
C GLN A 27 1.73 0.98 3.69
N CYS A 28 0.58 1.56 3.34
CA CYS A 28 -0.68 0.82 3.35
C CYS A 28 -0.58 -0.44 2.51
N LYS A 29 -1.46 -1.40 2.78
CA LYS A 29 -1.48 -2.66 2.05
C LYS A 29 -2.76 -2.80 1.24
N HIS A 30 -3.57 -1.75 1.23
CA HIS A 30 -4.83 -1.75 0.49
C HIS A 30 -4.72 -0.91 -0.78
N CYS A 31 -4.03 0.23 -0.67
CA CYS A 31 -3.85 1.12 -1.81
C CYS A 31 -2.37 1.43 -2.03
N ASP A 32 -1.53 0.98 -1.10
CA ASP A 32 -0.10 1.20 -1.19
C ASP A 32 0.23 2.69 -1.08
N SER A 33 -0.37 3.35 -0.10
CA SER A 33 -0.15 4.78 0.11
C SER A 33 0.99 5.00 1.10
N LYS A 34 1.20 6.26 1.47
CA LYS A 34 2.25 6.62 2.42
C LYS A 34 1.73 7.58 3.48
N LEU A 35 1.57 7.07 4.70
CA LEU A 35 1.08 7.89 5.80
C LEU A 35 2.20 8.23 6.77
N GLN A 36 2.00 9.27 7.56
CA GLN A 36 2.99 9.71 8.54
C GLN A 36 3.18 8.66 9.63
N SER A 37 2.10 8.36 10.35
CA SER A 37 2.14 7.38 11.42
C SER A 37 0.78 6.73 11.62
N THR A 38 0.72 5.75 12.52
CA THR A 38 -0.53 5.04 12.80
C THR A 38 -1.70 6.02 12.90
N ALA A 39 -1.55 7.03 13.76
CA ALA A 39 -2.60 8.03 13.94
C ALA A 39 -3.31 8.33 12.63
N GLU A 40 -2.55 8.36 11.54
CA GLU A 40 -3.10 8.64 10.22
C GLU A 40 -3.76 7.39 9.63
N LEU A 41 -3.12 6.24 9.84
CA LEU A 41 -3.64 4.98 9.34
C LEU A 41 -4.99 4.65 9.96
N THR A 42 -5.12 4.92 11.25
CA THR A 42 -6.36 4.65 11.97
C THR A 42 -7.55 5.31 11.28
N SER A 43 -7.31 6.47 10.68
CA SER A 43 -8.37 7.20 9.99
C SER A 43 -8.44 6.78 8.51
N HIS A 44 -7.28 6.53 7.92
CA HIS A 44 -7.20 6.13 6.53
C HIS A 44 -7.93 4.80 6.31
N LEU A 45 -7.55 3.79 7.07
CA LEU A 45 -8.17 2.47 6.97
C LEU A 45 -9.69 2.57 7.07
N ASN A 46 -10.16 3.43 7.98
CA ASN A 46 -11.59 3.62 8.17
C ASN A 46 -12.30 3.91 6.85
N ILE A 47 -11.61 4.64 5.98
CA ILE A 47 -12.17 4.99 4.67
C ILE A 47 -12.39 3.73 3.83
N HIS A 48 -11.62 2.69 4.10
CA HIS A 48 -11.73 1.44 3.37
C HIS A 48 -12.95 0.65 3.82
N ASN A 49 -12.87 0.09 5.03
CA ASN A 49 -13.97 -0.69 5.58
C ASN A 49 -15.31 -0.09 5.20
N GLU A 50 -15.56 1.14 5.64
CA GLU A 50 -16.81 1.82 5.36
C GLU A 50 -17.32 1.45 3.96
N GLU A 51 -16.42 1.44 2.99
CA GLU A 51 -16.77 1.09 1.62
C GLU A 51 -17.10 -0.39 1.49
N PHE A 52 -16.23 -1.23 2.04
CA PHE A 52 -16.43 -2.68 2.00
C PHE A 52 -17.85 -3.05 2.44
N GLN A 53 -18.29 -2.43 3.54
CA GLN A 53 -19.62 -2.70 4.07
C GLN A 53 -20.70 -2.15 3.15
N LYS A 54 -20.50 -0.92 2.68
CA LYS A 54 -21.46 -0.27 1.79
C LYS A 54 -21.71 -1.14 0.56
N ARG A 55 -20.64 -1.53 -0.12
CA ARG A 55 -20.76 -2.35 -1.31
C ARG A 55 -21.27 -3.75 -0.96
N ALA A 56 -20.61 -4.40 -0.02
CA ALA A 56 -20.99 -5.74 0.41
C ALA A 56 -21.38 -6.61 -0.79
N LYS A 57 -20.60 -6.51 -1.86
CA LYS A 57 -20.87 -7.28 -3.07
C LYS A 57 -21.42 -8.66 -2.72
N ARG A 58 -22.65 -8.92 -3.14
CA ARG A 58 -23.30 -10.20 -2.87
C ARG A 58 -22.28 -11.33 -2.90
N GLN A 59 -22.32 -12.17 -1.86
CA GLN A 59 -21.39 -13.30 -1.76
C GLN A 59 -21.94 -14.37 -0.85
N GLU A 60 -21.31 -15.54 -0.87
CA GLU A 60 -21.75 -16.66 -0.03
C GLU A 60 -21.14 -16.56 1.36
N ARG A 61 -21.74 -15.73 2.21
CA ARG A 61 -21.25 -15.55 3.57
C ARG A 61 -21.03 -16.89 4.26
N ARG A 62 -20.16 -16.90 5.26
CA ARG A 62 -19.85 -18.12 5.99
C ARG A 62 -21.13 -18.80 6.46
N LYS A 63 -21.28 -20.09 6.12
CA LYS A 63 -22.46 -20.85 6.51
C LYS A 63 -22.14 -22.35 6.55
N GLN A 64 -22.53 -22.99 7.66
CA GLN A 64 -22.29 -24.42 7.82
C GLN A 64 -23.07 -25.23 6.79
N LEU A 65 -22.36 -25.83 5.84
CA LEU A 65 -22.98 -26.63 4.80
C LEU A 65 -24.10 -27.48 5.37
N LEU A 66 -25.34 -27.17 4.99
CA LEU A 66 -26.50 -27.91 5.45
C LEU A 66 -26.40 -29.39 5.09
N SER A 67 -27.27 -30.19 5.66
CA SER A 67 -27.29 -31.63 5.39
C SER A 67 -28.67 -32.10 4.99
N LYS A 68 -28.73 -33.03 4.04
CA LYS A 68 -30.00 -33.57 3.56
C LYS A 68 -30.15 -35.03 3.94
N GLN A 69 -31.34 -35.40 4.40
CA GLN A 69 -31.61 -36.77 4.81
C GLN A 69 -33.01 -37.20 4.36
N LYS A 70 -33.21 -38.51 4.26
CA LYS A 70 -34.50 -39.06 3.83
C LYS A 70 -34.89 -40.26 4.70
N TYR A 71 -36.17 -40.36 5.02
CA TYR A 71 -36.67 -41.45 5.84
C TYR A 71 -37.72 -42.27 5.08
N ALA A 72 -37.39 -43.52 4.80
CA ALA A 72 -38.31 -44.40 4.09
C ALA A 72 -39.68 -44.43 4.75
N ASP A 73 -40.73 -44.22 3.97
CA ASP A 73 -42.08 -44.23 4.49
C ASP A 73 -42.89 -45.38 3.91
N GLY A 74 -43.90 -45.82 4.63
CA GLY A 74 -44.73 -46.93 4.16
C GLY A 74 -45.96 -47.13 5.03
N ALA A 75 -46.16 -48.37 5.50
CA ALA A 75 -47.30 -48.69 6.34
C ALA A 75 -46.87 -49.49 7.56
N PHE A 76 -47.57 -49.30 8.67
CA PHE A 76 -47.27 -50.00 9.91
C PHE A 76 -47.79 -51.43 9.87
N ALA A 77 -47.20 -52.30 10.67
CA ALA A 77 -47.61 -53.69 10.74
C ALA A 77 -49.12 -53.82 10.84
N ASP A 78 -49.72 -54.41 9.82
CA ASP A 78 -51.18 -54.60 9.78
C ASP A 78 -51.55 -56.04 10.12
N PHE A 79 -52.77 -56.23 10.61
CA PHE A 79 -53.24 -57.55 10.98
C PHE A 79 -54.78 -57.59 11.03
N LYS A 80 -55.33 -58.79 11.17
CA LYS A 80 -56.78 -58.95 11.23
C LYS A 80 -57.35 -58.30 12.49
N GLN A 81 -58.62 -57.92 12.42
CA GLN A 81 -59.28 -57.27 13.55
C GLN A 81 -60.21 -58.26 14.26
N GLU A 82 -60.76 -57.83 15.40
CA GLU A 82 -61.66 -58.67 16.18
C GLU A 82 -61.18 -60.12 16.18
N SER A 83 -59.88 -60.31 16.38
CA SER A 83 -59.29 -61.63 16.41
C SER A 83 -60.05 -62.55 17.37
N GLY A 84 -59.93 -63.86 17.17
CA GLY A 84 -60.60 -64.81 18.02
C GLY A 84 -60.17 -64.69 19.47
N PRO A 85 -60.94 -65.33 20.37
CA PRO A 85 -60.65 -65.31 21.81
C PRO A 85 -59.39 -66.08 22.17
N SER A 86 -59.07 -66.12 23.45
CA SER A 86 -57.88 -66.83 23.92
C SER A 86 -58.27 -68.10 24.67
N SER A 87 -57.29 -68.98 24.88
CA SER A 87 -57.54 -70.23 25.57
C SER A 87 -56.60 -70.39 26.78
N GLY A 88 -55.31 -70.16 26.54
CA GLY A 88 -54.33 -70.27 27.60
C GLY A 88 -53.01 -70.84 27.12
ZN ZN B . -5.01 2.16 1.91
N GLY A 1 21.79 26.50 -55.42
CA GLY A 1 20.95 25.52 -54.76
C GLY A 1 20.54 25.97 -53.37
N SER A 2 19.23 25.92 -53.10
CA SER A 2 18.70 26.33 -51.81
C SER A 2 18.19 25.12 -51.03
N SER A 3 18.99 24.66 -50.07
CA SER A 3 18.62 23.51 -49.26
C SER A 3 19.04 23.71 -47.81
N GLY A 4 18.33 23.07 -46.89
CA GLY A 4 18.64 23.18 -45.48
C GLY A 4 17.39 23.37 -44.62
N SER A 5 17.46 24.30 -43.68
CA SER A 5 16.34 24.57 -42.79
C SER A 5 16.06 23.37 -41.89
N SER A 6 17.12 22.77 -41.36
CA SER A 6 16.98 21.61 -40.49
C SER A 6 17.76 21.82 -39.19
N GLY A 7 17.02 21.92 -38.08
CA GLY A 7 17.66 22.12 -36.80
C GLY A 7 17.13 21.17 -35.74
N LEU A 8 17.91 20.97 -34.68
CA LEU A 8 17.52 20.08 -33.60
C LEU A 8 18.13 20.52 -32.27
N LYS A 9 17.30 21.06 -31.39
CA LYS A 9 17.75 21.52 -30.09
C LYS A 9 16.67 21.35 -29.04
N ARG A 10 16.94 20.48 -28.06
CA ARG A 10 15.98 20.22 -26.98
C ARG A 10 16.62 19.38 -25.89
N ASP A 11 16.87 20.00 -24.74
CA ASP A 11 17.47 19.32 -23.60
C ASP A 11 16.43 19.02 -22.52
N PHE A 12 16.82 18.22 -21.54
CA PHE A 12 15.92 17.86 -20.45
C PHE A 12 16.63 17.98 -19.10
N ILE A 13 15.89 17.75 -18.03
CA ILE A 13 16.44 17.83 -16.68
C ILE A 13 17.13 16.53 -16.30
N ILE A 14 18.46 16.57 -16.19
CA ILE A 14 19.23 15.40 -15.83
C ILE A 14 19.61 15.42 -14.35
N LEU A 15 18.76 14.81 -13.52
CA LEU A 15 19.01 14.76 -12.09
C LEU A 15 19.06 13.31 -11.60
N GLY A 16 18.12 12.50 -12.05
CA GLY A 16 18.07 11.11 -11.65
C GLY A 16 18.21 10.93 -10.14
N ASN A 17 17.14 11.25 -9.42
CA ASN A 17 17.14 11.13 -7.96
C ASN A 17 17.81 9.83 -7.53
N GLY A 18 18.21 9.77 -6.26
CA GLY A 18 18.85 8.58 -5.74
C GLY A 18 18.22 8.10 -4.45
N PRO A 19 18.90 7.16 -3.77
CA PRO A 19 18.42 6.60 -2.51
C PRO A 19 18.47 7.60 -1.36
N ARG A 20 17.38 8.34 -1.18
CA ARG A 20 17.30 9.34 -0.12
C ARG A 20 16.35 8.89 0.99
N LEU A 21 16.64 9.30 2.22
CA LEU A 21 15.81 8.94 3.36
C LEU A 21 14.84 10.07 3.71
N GLN A 22 13.65 9.69 4.18
CA GLN A 22 12.63 10.67 4.53
C GLN A 22 11.88 10.22 5.79
N ASN A 23 11.12 11.14 6.37
CA ASN A 23 10.35 10.85 7.57
C ASN A 23 9.64 9.50 7.45
N SER A 24 9.66 8.73 8.53
CA SER A 24 9.03 7.42 8.55
C SER A 24 7.58 7.51 8.06
N THR A 25 7.19 6.56 7.21
CA THR A 25 5.84 6.53 6.66
C THR A 25 5.25 5.13 6.73
N TYR A 26 3.93 5.04 6.58
CA TYR A 26 3.24 3.76 6.63
C TYR A 26 2.69 3.39 5.26
N GLN A 27 3.08 2.21 4.77
CA GLN A 27 2.62 1.73 3.47
C GLN A 27 1.35 0.91 3.62
N CYS A 28 0.22 1.49 3.22
CA CYS A 28 -1.06 0.80 3.30
C CYS A 28 -1.08 -0.43 2.39
N LYS A 29 -1.26 -1.59 3.00
CA LYS A 29 -1.30 -2.84 2.26
C LYS A 29 -2.65 -3.03 1.58
N HIS A 30 -3.46 -1.97 1.57
CA HIS A 30 -4.77 -2.01 0.94
C HIS A 30 -4.77 -1.27 -0.39
N CYS A 31 -4.14 -0.11 -0.42
CA CYS A 31 -4.06 0.69 -1.64
C CYS A 31 -2.62 1.04 -1.97
N ASP A 32 -1.71 0.78 -1.02
CA ASP A 32 -0.30 1.06 -1.21
C ASP A 32 -0.03 2.56 -1.12
N SER A 33 -0.61 3.20 -0.11
CA SER A 33 -0.44 4.63 0.08
C SER A 33 0.68 4.91 1.09
N LYS A 34 0.85 6.18 1.43
CA LYS A 34 1.88 6.59 2.39
C LYS A 34 1.31 7.52 3.45
N LEU A 35 1.48 7.16 4.71
CA LEU A 35 0.98 7.97 5.82
C LEU A 35 2.12 8.33 6.78
N GLN A 36 1.99 9.50 7.41
CA GLN A 36 3.01 9.96 8.35
C GLN A 36 3.24 8.93 9.46
N SER A 37 2.16 8.57 10.16
CA SER A 37 2.24 7.61 11.24
C SER A 37 0.88 6.93 11.46
N THR A 38 0.86 5.97 12.40
CA THR A 38 -0.37 5.24 12.70
C THR A 38 -1.55 6.19 12.86
N ALA A 39 -1.36 7.24 13.65
CA ALA A 39 -2.40 8.23 13.89
C ALA A 39 -3.20 8.49 12.61
N GLU A 40 -2.51 8.50 11.48
CA GLU A 40 -3.15 8.74 10.20
C GLU A 40 -3.79 7.46 9.66
N LEU A 41 -3.11 6.34 9.85
CA LEU A 41 -3.61 5.05 9.38
C LEU A 41 -4.92 4.70 10.05
N THR A 42 -5.00 4.94 11.36
CA THR A 42 -6.21 4.65 12.13
C THR A 42 -7.43 5.27 11.47
N SER A 43 -7.23 6.39 10.78
CA SER A 43 -8.33 7.08 10.11
C SER A 43 -8.41 6.66 8.65
N HIS A 44 -7.26 6.53 8.00
CA HIS A 44 -7.20 6.13 6.60
C HIS A 44 -7.86 4.77 6.40
N LEU A 45 -7.47 3.80 7.22
CA LEU A 45 -8.03 2.46 7.12
C LEU A 45 -9.56 2.49 7.14
N ASN A 46 -10.11 3.30 8.03
CA ASN A 46 -11.56 3.43 8.15
C ASN A 46 -12.20 3.65 6.79
N ILE A 47 -11.52 4.43 5.94
CA ILE A 47 -12.02 4.71 4.60
C ILE A 47 -12.36 3.43 3.85
N HIS A 48 -11.63 2.37 4.17
CA HIS A 48 -11.85 1.07 3.52
C HIS A 48 -13.02 0.34 4.16
N ASN A 49 -12.94 0.15 5.48
CA ASN A 49 -14.00 -0.55 6.22
C ASN A 49 -15.37 -0.03 5.81
N GLU A 50 -15.56 1.28 5.90
CA GLU A 50 -16.84 1.90 5.54
C GLU A 50 -17.26 1.48 4.14
N GLU A 51 -16.30 1.37 3.24
CA GLU A 51 -16.59 0.98 1.86
C GLU A 51 -17.03 -0.48 1.79
N PHE A 52 -16.36 -1.33 2.55
CA PHE A 52 -16.70 -2.75 2.57
C PHE A 52 -18.20 -2.95 2.68
N GLN A 53 -18.82 -2.29 3.64
CA GLN A 53 -20.26 -2.39 3.85
C GLN A 53 -21.03 -1.89 2.62
N LYS A 54 -20.62 -0.74 2.11
CA LYS A 54 -21.27 -0.15 0.94
C LYS A 54 -21.24 -1.13 -0.24
N ARG A 55 -20.05 -1.42 -0.73
CA ARG A 55 -19.89 -2.33 -1.86
C ARG A 55 -20.68 -3.61 -1.63
N ALA A 56 -20.37 -4.32 -0.54
CA ALA A 56 -21.05 -5.55 -0.20
C ALA A 56 -21.14 -6.48 -1.42
N LYS A 57 -20.07 -6.54 -2.19
CA LYS A 57 -20.03 -7.38 -3.38
C LYS A 57 -19.12 -8.58 -3.17
N ARG A 58 -17.98 -8.36 -2.50
CA ARG A 58 -17.03 -9.42 -2.23
C ARG A 58 -17.75 -10.75 -1.99
N GLN A 59 -17.09 -11.84 -2.38
CA GLN A 59 -17.67 -13.17 -2.20
C GLN A 59 -17.44 -13.69 -0.79
N GLU A 60 -17.59 -12.80 0.20
CA GLU A 60 -17.40 -13.16 1.59
C GLU A 60 -16.30 -14.22 1.73
N ARG A 61 -15.13 -13.92 1.16
CA ARG A 61 -14.00 -14.84 1.23
C ARG A 61 -12.83 -14.21 1.96
N ARG A 62 -12.32 -14.90 2.98
CA ARG A 62 -11.21 -14.39 3.77
C ARG A 62 -9.87 -14.84 3.16
N LYS A 63 -9.22 -13.93 2.45
CA LYS A 63 -7.95 -14.24 1.81
C LYS A 63 -6.84 -14.36 2.85
N GLN A 64 -6.81 -13.43 3.79
CA GLN A 64 -5.80 -13.43 4.85
C GLN A 64 -6.21 -14.37 5.98
N LEU A 65 -5.22 -14.95 6.65
CA LEU A 65 -5.48 -15.86 7.75
C LEU A 65 -5.10 -15.23 9.08
N LEU A 66 -5.80 -15.63 10.14
CA LEU A 66 -5.54 -15.09 11.48
C LEU A 66 -5.66 -16.19 12.53
N SER A 67 -4.53 -16.48 13.19
CA SER A 67 -4.50 -17.51 14.22
C SER A 67 -4.01 -16.94 15.55
N LYS A 68 -4.71 -17.27 16.62
CA LYS A 68 -4.36 -16.79 17.95
C LYS A 68 -5.17 -17.49 19.02
N GLN A 69 -4.49 -17.92 20.09
CA GLN A 69 -5.15 -18.60 21.19
C GLN A 69 -4.19 -18.87 22.33
N LYS A 70 -4.63 -18.58 23.56
CA LYS A 70 -3.79 -18.78 24.74
C LYS A 70 -4.58 -18.49 26.01
N TYR A 71 -4.53 -19.42 26.95
CA TYR A 71 -5.24 -19.26 28.22
C TYR A 71 -4.59 -20.11 29.31
N ALA A 72 -4.23 -19.46 30.42
CA ALA A 72 -3.60 -20.15 31.53
C ALA A 72 -3.41 -19.21 32.72
N ASP A 73 -3.21 -19.79 33.90
CA ASP A 73 -3.02 -19.00 35.11
C ASP A 73 -2.53 -19.89 36.26
N GLY A 74 -1.69 -19.32 37.12
CA GLY A 74 -1.17 -20.06 38.24
C GLY A 74 -0.08 -19.31 39.00
N ALA A 75 -0.46 -18.68 40.11
CA ALA A 75 0.49 -17.93 40.91
C ALA A 75 0.67 -18.56 42.29
N PHE A 76 -0.42 -18.60 43.06
CA PHE A 76 -0.39 -19.17 44.40
C PHE A 76 -1.79 -19.57 44.86
N ALA A 77 -1.86 -20.66 45.63
CA ALA A 77 -3.15 -21.14 46.14
C ALA A 77 -3.08 -21.37 47.64
N ASP A 78 -2.15 -22.21 48.08
CA ASP A 78 -1.99 -22.51 49.49
C ASP A 78 -0.78 -23.41 49.72
N PHE A 79 -0.44 -23.60 50.99
CA PHE A 79 0.71 -24.43 51.36
C PHE A 79 0.62 -24.88 52.81
N LYS A 80 1.13 -26.07 53.09
CA LYS A 80 1.12 -26.62 54.44
C LYS A 80 2.53 -26.88 54.94
N GLN A 81 2.71 -26.81 56.26
CA GLN A 81 4.01 -27.04 56.86
C GLN A 81 3.89 -27.84 58.15
N GLU A 82 5.02 -28.18 58.75
CA GLU A 82 5.03 -28.95 59.98
C GLU A 82 5.11 -28.04 61.20
N SER A 83 4.68 -28.55 62.35
CA SER A 83 4.70 -27.76 63.58
C SER A 83 5.75 -28.32 64.55
N GLY A 84 6.15 -27.48 65.50
CA GLY A 84 7.15 -27.89 66.48
C GLY A 84 6.94 -27.24 67.83
N PRO A 85 7.44 -27.90 68.89
CA PRO A 85 7.31 -27.40 70.26
C PRO A 85 8.16 -26.15 70.50
N SER A 86 7.50 -25.02 70.72
CA SER A 86 8.21 -23.77 70.97
C SER A 86 7.81 -23.18 72.32
N SER A 87 8.49 -23.63 73.37
CA SER A 87 8.21 -23.15 74.72
C SER A 87 9.44 -23.31 75.62
N GLY A 88 9.42 -22.62 76.75
CA GLY A 88 10.54 -22.69 77.68
C GLY A 88 10.81 -21.37 78.37
ZN ZN B . -5.30 2.14 1.97
N GLY A 1 45.67 -11.66 -35.79
CA GLY A 1 47.03 -11.22 -36.10
C GLY A 1 47.84 -10.95 -34.86
N SER A 2 48.71 -11.90 -34.50
CA SER A 2 49.55 -11.75 -33.32
C SER A 2 50.14 -10.35 -33.24
N SER A 3 49.68 -9.58 -32.26
CA SER A 3 50.16 -8.21 -32.08
C SER A 3 50.25 -7.86 -30.60
N GLY A 4 50.89 -6.74 -30.30
CA GLY A 4 51.05 -6.31 -28.92
C GLY A 4 50.61 -4.88 -28.70
N SER A 5 50.29 -4.54 -27.45
CA SER A 5 49.83 -3.21 -27.12
C SER A 5 49.77 -3.01 -25.61
N SER A 6 50.06 -1.79 -25.16
CA SER A 6 50.04 -1.48 -23.73
C SER A 6 48.79 -0.69 -23.37
N GLY A 7 48.04 -1.19 -22.39
CA GLY A 7 46.83 -0.52 -21.96
C GLY A 7 45.77 -1.49 -21.47
N LEU A 8 45.80 -1.78 -20.17
CA LEU A 8 44.84 -2.70 -19.57
C LEU A 8 43.71 -1.94 -18.89
N LYS A 9 42.53 -2.56 -18.83
CA LYS A 9 41.38 -1.95 -18.19
C LYS A 9 41.52 -1.94 -16.68
N ARG A 10 42.31 -1.00 -16.16
CA ARG A 10 42.54 -0.89 -14.72
C ARG A 10 41.89 0.38 -14.17
N ASP A 11 40.72 0.23 -13.58
CA ASP A 11 40.01 1.37 -13.01
C ASP A 11 38.96 0.90 -12.00
N PHE A 12 38.28 1.85 -11.37
CA PHE A 12 37.26 1.54 -10.38
C PHE A 12 36.15 2.58 -10.40
N ILE A 13 34.92 2.12 -10.16
CA ILE A 13 33.76 3.02 -10.15
C ILE A 13 33.13 3.08 -8.78
N ILE A 14 33.13 4.28 -8.19
CA ILE A 14 32.54 4.48 -6.87
C ILE A 14 31.40 5.49 -6.92
N LEU A 15 30.17 4.97 -6.88
CA LEU A 15 28.98 5.81 -6.92
C LEU A 15 28.59 6.25 -5.51
N GLY A 16 29.06 7.42 -5.09
CA GLY A 16 28.74 7.92 -3.77
C GLY A 16 27.75 9.07 -3.82
N ASN A 17 26.50 8.77 -4.09
CA ASN A 17 25.45 9.78 -4.16
C ASN A 17 24.07 9.15 -4.32
N GLY A 18 23.05 9.81 -3.79
CA GLY A 18 21.70 9.30 -3.89
C GLY A 18 20.84 9.71 -2.71
N PRO A 19 19.91 8.83 -2.31
CA PRO A 19 18.99 9.10 -1.20
C PRO A 19 19.71 9.08 0.15
N ARG A 20 19.42 10.08 0.98
CA ARG A 20 20.04 10.18 2.30
C ARG A 20 18.98 10.31 3.39
N LEU A 21 18.18 11.37 3.31
CA LEU A 21 17.13 11.61 4.29
C LEU A 21 16.17 10.42 4.35
N GLN A 22 16.12 9.78 5.51
CA GLN A 22 15.24 8.62 5.71
C GLN A 22 14.10 8.97 6.66
N ASN A 23 12.92 9.19 6.10
CA ASN A 23 11.75 9.52 6.89
C ASN A 23 11.00 8.26 7.31
N SER A 24 9.99 8.44 8.16
CA SER A 24 9.18 7.32 8.65
C SER A 24 7.75 7.42 8.14
N THR A 25 7.45 6.70 7.07
CA THR A 25 6.12 6.71 6.48
C THR A 25 5.44 5.35 6.64
N TYR A 26 4.12 5.36 6.82
CA TYR A 26 3.35 4.14 6.99
C TYR A 26 2.80 3.65 5.66
N GLN A 27 3.29 2.50 5.21
CA GLN A 27 2.85 1.92 3.95
C GLN A 27 1.57 1.11 4.14
N CYS A 28 0.44 1.72 3.81
CA CYS A 28 -0.85 1.05 3.95
C CYS A 28 -0.84 -0.30 3.23
N LYS A 29 -1.07 -1.36 3.99
CA LYS A 29 -1.08 -2.71 3.44
C LYS A 29 -2.45 -3.03 2.84
N HIS A 30 -3.25 -1.99 2.60
CA HIS A 30 -4.58 -2.16 2.02
C HIS A 30 -4.60 -1.64 0.58
N CYS A 31 -4.04 -0.46 0.38
CA CYS A 31 -4.01 0.15 -0.95
C CYS A 31 -2.57 0.50 -1.36
N ASP A 32 -1.62 0.10 -0.53
CA ASP A 32 -0.21 0.36 -0.79
C ASP A 32 0.07 1.87 -0.76
N SER A 33 -0.75 2.60 0.00
CA SER A 33 -0.59 4.04 0.12
C SER A 33 0.50 4.39 1.12
N LYS A 34 0.65 5.68 1.40
CA LYS A 34 1.66 6.15 2.34
C LYS A 34 1.07 7.21 3.28
N LEU A 35 1.28 7.01 4.58
CA LEU A 35 0.77 7.95 5.58
C LEU A 35 1.90 8.47 6.46
N GLN A 36 1.66 9.60 7.12
CA GLN A 36 2.66 10.19 8.01
C GLN A 36 3.01 9.25 9.15
N SER A 37 1.99 8.86 9.91
CA SER A 37 2.19 7.96 11.05
C SER A 37 0.97 7.09 11.27
N THR A 38 1.01 6.26 12.31
CA THR A 38 -0.09 5.36 12.63
C THR A 38 -1.37 6.15 12.87
N ALA A 39 -1.24 7.32 13.48
CA ALA A 39 -2.39 8.17 13.76
C ALA A 39 -3.25 8.38 12.51
N GLU A 40 -2.59 8.52 11.37
CA GLU A 40 -3.30 8.72 10.11
C GLU A 40 -3.87 7.41 9.58
N LEU A 41 -3.15 6.31 9.84
CA LEU A 41 -3.57 5.00 9.40
C LEU A 41 -4.87 4.58 10.09
N THR A 42 -4.95 4.85 11.39
CA THR A 42 -6.13 4.50 12.17
C THR A 42 -7.41 5.02 11.50
N SER A 43 -7.30 6.19 10.88
CA SER A 43 -8.45 6.81 10.21
C SER A 43 -8.51 6.37 8.76
N HIS A 44 -7.37 6.42 8.07
CA HIS A 44 -7.30 6.02 6.67
C HIS A 44 -7.92 4.65 6.45
N LEU A 45 -7.48 3.67 7.23
CA LEU A 45 -8.00 2.31 7.13
C LEU A 45 -9.52 2.31 7.11
N ASN A 46 -10.12 3.04 8.04
CA ASN A 46 -11.58 3.13 8.13
C ASN A 46 -12.19 3.34 6.76
N ILE A 47 -11.62 4.26 5.99
CA ILE A 47 -12.11 4.55 4.65
C ILE A 47 -12.37 3.27 3.87
N HIS A 48 -11.54 2.26 4.11
CA HIS A 48 -11.69 0.98 3.43
C HIS A 48 -12.91 0.22 3.94
N ASN A 49 -13.03 0.13 5.25
CA ASN A 49 -14.15 -0.57 5.87
C ASN A 49 -15.47 0.11 5.53
N GLU A 50 -15.55 1.41 5.79
CA GLU A 50 -16.76 2.17 5.50
C GLU A 50 -17.19 1.99 4.06
N GLU A 51 -16.22 1.98 3.14
CA GLU A 51 -16.51 1.81 1.73
C GLU A 51 -16.94 0.38 1.43
N PHE A 52 -16.21 -0.58 1.99
CA PHE A 52 -16.50 -1.99 1.78
C PHE A 52 -17.92 -2.32 2.26
N GLN A 53 -18.25 -1.87 3.46
CA GLN A 53 -19.57 -2.12 4.02
C GLN A 53 -20.66 -1.95 2.96
N LYS A 54 -20.62 -0.82 2.26
CA LYS A 54 -21.60 -0.53 1.22
C LYS A 54 -21.66 -1.66 0.20
N ARG A 55 -20.53 -1.91 -0.46
CA ARG A 55 -20.46 -2.96 -1.47
C ARG A 55 -21.24 -4.20 -1.02
N ALA A 56 -21.28 -4.42 0.29
CA ALA A 56 -22.00 -5.57 0.85
C ALA A 56 -23.49 -5.27 0.99
N LYS A 57 -24.00 -4.41 0.11
CA LYS A 57 -25.41 -4.05 0.13
C LYS A 57 -26.29 -5.29 0.18
N ARG A 58 -25.99 -6.26 -0.68
CA ARG A 58 -26.75 -7.50 -0.74
C ARG A 58 -26.82 -8.16 0.62
N GLN A 59 -27.53 -9.29 0.70
CA GLN A 59 -27.67 -10.02 1.94
C GLN A 59 -26.30 -10.33 2.55
N GLU A 60 -26.02 -9.74 3.71
CA GLU A 60 -24.75 -9.95 4.39
C GLU A 60 -24.48 -11.44 4.57
N ARG A 61 -23.26 -11.77 5.00
CA ARG A 61 -22.88 -13.16 5.22
C ARG A 61 -22.92 -13.51 6.70
N ARG A 62 -22.98 -14.80 7.00
CA ARG A 62 -23.02 -15.27 8.39
C ARG A 62 -21.79 -16.10 8.72
N LYS A 63 -20.63 -15.64 8.25
CA LYS A 63 -19.38 -16.34 8.51
C LYS A 63 -18.36 -15.41 9.16
N GLN A 64 -18.86 -14.48 9.97
CA GLN A 64 -17.98 -13.54 10.66
C GLN A 64 -18.36 -13.41 12.14
N LEU A 65 -19.66 -13.31 12.39
CA LEU A 65 -20.16 -13.21 13.76
C LEU A 65 -19.44 -14.17 14.69
N LEU A 66 -19.06 -15.33 14.15
CA LEU A 66 -18.36 -16.35 14.93
C LEU A 66 -17.34 -15.71 15.86
N SER A 67 -17.71 -15.60 17.13
CA SER A 67 -16.82 -15.02 18.14
C SER A 67 -16.93 -15.77 19.46
N LYS A 68 -15.78 -16.03 20.07
CA LYS A 68 -15.74 -16.74 21.36
C LYS A 68 -14.62 -16.20 22.24
N GLN A 69 -14.53 -16.73 23.45
CA GLN A 69 -13.49 -16.30 24.40
C GLN A 69 -13.25 -17.37 25.45
N LYS A 70 -12.04 -17.40 25.98
CA LYS A 70 -11.67 -18.37 27.00
C LYS A 70 -10.59 -17.81 27.92
N TYR A 71 -10.54 -18.32 29.15
CA TYR A 71 -9.55 -17.87 30.13
C TYR A 71 -9.09 -19.03 31.01
N ALA A 72 -8.11 -18.76 31.85
CA ALA A 72 -7.57 -19.78 32.75
C ALA A 72 -6.95 -19.15 33.99
N ASP A 73 -7.05 -19.85 35.12
CA ASP A 73 -6.49 -19.35 36.37
C ASP A 73 -6.34 -20.49 37.38
N GLY A 74 -5.54 -20.24 38.42
CA GLY A 74 -5.33 -21.25 39.44
C GLY A 74 -3.90 -21.27 39.94
N ALA A 75 -3.57 -22.27 40.75
CA ALA A 75 -2.22 -22.41 41.30
C ALA A 75 -1.68 -23.82 41.09
N PHE A 76 -0.36 -23.97 41.22
CA PHE A 76 0.27 -25.26 41.05
C PHE A 76 0.34 -26.02 42.37
N ALA A 77 0.66 -27.31 42.30
CA ALA A 77 0.75 -28.15 43.49
C ALA A 77 2.20 -28.50 43.79
N ASP A 78 2.58 -28.39 45.06
CA ASP A 78 3.94 -28.70 45.48
C ASP A 78 3.95 -29.79 46.55
N PHE A 79 2.86 -29.85 47.32
CA PHE A 79 2.74 -30.85 48.38
C PHE A 79 2.39 -32.21 47.80
N LYS A 80 3.41 -33.05 47.61
CA LYS A 80 3.21 -34.38 47.07
C LYS A 80 2.99 -35.40 48.18
N GLN A 81 2.33 -36.51 47.85
CA GLN A 81 2.06 -37.55 48.82
C GLN A 81 3.20 -38.57 48.86
N GLU A 82 4.22 -38.28 49.66
CA GLU A 82 5.37 -39.18 49.78
C GLU A 82 5.07 -40.31 50.76
N SER A 83 6.00 -41.26 50.86
CA SER A 83 5.84 -42.40 51.75
C SER A 83 6.55 -42.14 53.08
N GLY A 84 6.03 -42.76 54.14
CA GLY A 84 6.63 -42.58 55.46
C GLY A 84 7.91 -43.38 55.62
N PRO A 85 7.77 -44.70 55.81
CA PRO A 85 8.92 -45.59 55.99
C PRO A 85 9.73 -45.76 54.70
N SER A 86 10.87 -46.43 54.81
CA SER A 86 11.74 -46.65 53.65
C SER A 86 10.96 -47.28 52.50
N SER A 87 10.33 -48.41 52.77
CA SER A 87 9.54 -49.12 51.76
C SER A 87 8.28 -48.34 51.41
N GLY A 88 8.19 -47.91 50.15
CA GLY A 88 7.03 -47.15 49.70
C GLY A 88 7.42 -45.93 48.90
ZN ZN B . -5.16 2.31 2.37
N GLY A 1 55.91 25.50 -27.73
CA GLY A 1 54.53 25.93 -27.62
C GLY A 1 53.61 24.81 -27.18
N SER A 2 52.48 25.19 -26.58
CA SER A 2 51.51 24.21 -26.10
C SER A 2 50.81 23.51 -27.26
N SER A 3 49.98 22.54 -26.94
CA SER A 3 49.25 21.79 -27.96
C SER A 3 47.75 21.97 -27.80
N GLY A 4 47.33 23.21 -27.52
CA GLY A 4 45.92 23.49 -27.35
C GLY A 4 45.40 23.04 -25.99
N SER A 5 44.09 23.05 -25.84
CA SER A 5 43.46 22.64 -24.58
C SER A 5 42.01 22.23 -24.81
N SER A 6 41.49 21.38 -23.92
CA SER A 6 40.12 20.90 -24.02
C SER A 6 39.16 21.87 -23.32
N GLY A 7 37.87 21.64 -23.51
CA GLY A 7 36.86 22.49 -22.89
C GLY A 7 35.74 22.85 -23.85
N LEU A 8 34.63 22.16 -23.74
CA LEU A 8 33.47 22.41 -24.60
C LEU A 8 32.21 22.60 -23.79
N LYS A 9 31.81 21.55 -23.07
CA LYS A 9 30.62 21.60 -22.24
C LYS A 9 30.98 21.63 -20.75
N ARG A 10 30.01 21.94 -19.91
CA ARG A 10 30.23 22.00 -18.47
C ARG A 10 29.34 20.99 -17.74
N ASP A 11 29.83 19.76 -17.62
CA ASP A 11 29.08 18.70 -16.95
C ASP A 11 29.57 18.53 -15.51
N PHE A 12 28.81 19.06 -14.56
CA PHE A 12 29.17 18.97 -13.15
C PHE A 12 27.92 19.01 -12.27
N ILE A 13 28.10 18.68 -10.99
CA ILE A 13 26.98 18.69 -10.05
C ILE A 13 27.47 18.42 -8.62
N ILE A 14 27.25 19.38 -7.74
CA ILE A 14 27.67 19.25 -6.34
C ILE A 14 26.61 19.79 -5.40
N LEU A 15 26.68 19.39 -4.14
CA LEU A 15 25.72 19.85 -3.13
C LEU A 15 24.31 19.37 -3.46
N GLY A 16 24.20 18.09 -3.78
CA GLY A 16 22.90 17.51 -4.11
C GLY A 16 22.64 16.21 -3.39
N ASN A 17 23.02 16.16 -2.11
CA ASN A 17 22.83 14.95 -1.31
C ASN A 17 22.93 15.27 0.17
N GLY A 18 22.65 14.28 1.01
CA GLY A 18 22.71 14.47 2.45
C GLY A 18 21.35 14.34 3.11
N PRO A 19 21.05 13.14 3.63
CA PRO A 19 19.77 12.87 4.30
C PRO A 19 19.65 13.59 5.63
N ARG A 20 19.20 14.83 5.59
CA ARG A 20 19.04 15.62 6.80
C ARG A 20 17.97 15.03 7.71
N LEU A 21 16.83 14.68 7.12
CA LEU A 21 15.72 14.11 7.86
C LEU A 21 14.59 13.67 6.92
N GLN A 22 14.02 12.50 7.20
CA GLN A 22 12.93 11.99 6.38
C GLN A 22 11.95 11.19 7.22
N ASN A 23 10.72 11.69 7.31
CA ASN A 23 9.68 11.03 8.09
C ASN A 23 9.30 9.69 7.47
N SER A 24 9.09 8.69 8.33
CA SER A 24 8.72 7.36 7.87
C SER A 24 7.30 7.34 7.33
N THR A 25 7.10 6.61 6.22
CA THR A 25 5.79 6.51 5.61
C THR A 25 5.21 5.11 5.77
N TYR A 26 3.91 5.03 6.01
CA TYR A 26 3.24 3.74 6.19
C TYR A 26 2.64 3.26 4.88
N GLN A 27 3.16 2.16 4.35
CA GLN A 27 2.68 1.59 3.10
C GLN A 27 1.42 0.78 3.33
N CYS A 28 0.27 1.39 3.04
CA CYS A 28 -1.01 0.72 3.21
C CYS A 28 -1.14 -0.48 2.28
N LYS A 29 -1.37 -1.65 2.86
CA LYS A 29 -1.51 -2.87 2.07
C LYS A 29 -2.92 -3.03 1.54
N HIS A 30 -3.65 -1.91 1.46
CA HIS A 30 -5.02 -1.93 0.97
C HIS A 30 -5.15 -1.08 -0.29
N CYS A 31 -4.45 0.05 -0.33
CA CYS A 31 -4.48 0.94 -1.49
C CYS A 31 -3.07 1.34 -1.90
N ASP A 32 -2.08 0.86 -1.16
CA ASP A 32 -0.68 1.17 -1.46
C ASP A 32 -0.41 2.66 -1.29
N SER A 33 -1.01 3.26 -0.27
CA SER A 33 -0.85 4.68 0.00
C SER A 33 0.31 4.92 0.96
N LYS A 34 0.49 6.18 1.37
CA LYS A 34 1.55 6.54 2.29
C LYS A 34 1.04 7.47 3.37
N LEU A 35 1.26 7.09 4.63
CA LEU A 35 0.82 7.89 5.77
C LEU A 35 1.98 8.19 6.71
N GLN A 36 1.82 9.22 7.53
CA GLN A 36 2.86 9.61 8.47
C GLN A 36 3.11 8.50 9.49
N SER A 37 2.04 8.03 10.13
CA SER A 37 2.15 6.98 11.12
C SER A 37 0.77 6.39 11.46
N THR A 38 0.76 5.35 12.28
CA THR A 38 -0.49 4.71 12.67
C THR A 38 -1.59 5.74 12.90
N ALA A 39 -1.32 6.73 13.74
CA ALA A 39 -2.28 7.77 14.02
C ALA A 39 -3.11 8.12 12.79
N GLU A 40 -2.44 8.24 11.66
CA GLU A 40 -3.11 8.57 10.40
C GLU A 40 -3.77 7.33 9.80
N LEU A 41 -3.10 6.19 9.92
CA LEU A 41 -3.63 4.93 9.39
C LEU A 41 -4.96 4.58 10.04
N THR A 42 -5.10 4.94 11.31
CA THR A 42 -6.33 4.66 12.04
C THR A 42 -7.52 5.37 11.42
N SER A 43 -7.27 6.55 10.87
CA SER A 43 -8.33 7.34 10.24
C SER A 43 -8.47 6.97 8.76
N HIS A 44 -7.34 6.77 8.11
CA HIS A 44 -7.33 6.42 6.69
C HIS A 44 -7.98 5.05 6.47
N LEU A 45 -7.61 4.09 7.30
CA LEU A 45 -8.17 2.74 7.19
C LEU A 45 -9.69 2.76 7.25
N ASN A 46 -10.22 3.57 8.16
CA ASN A 46 -11.67 3.69 8.33
C ASN A 46 -12.36 3.82 6.96
N ILE A 47 -11.75 4.58 6.07
CA ILE A 47 -12.30 4.78 4.73
C ILE A 47 -12.57 3.46 4.05
N HIS A 48 -11.71 2.48 4.29
CA HIS A 48 -11.86 1.15 3.69
C HIS A 48 -13.03 0.40 4.32
N ASN A 49 -13.10 0.46 5.64
CA ASN A 49 -14.18 -0.23 6.36
C ASN A 49 -15.54 0.36 6.00
N GLU A 50 -15.63 1.69 6.03
CA GLU A 50 -16.88 2.37 5.69
C GLU A 50 -17.31 2.03 4.27
N GLU A 51 -16.34 1.95 3.36
CA GLU A 51 -16.64 1.64 1.96
C GLU A 51 -16.99 0.16 1.79
N PHE A 52 -16.27 -0.70 2.50
CA PHE A 52 -16.51 -2.14 2.43
C PHE A 52 -17.99 -2.45 2.58
N GLN A 53 -18.63 -1.80 3.55
CA GLN A 53 -20.05 -2.01 3.81
C GLN A 53 -20.83 -2.12 2.50
N LYS A 54 -20.62 -1.14 1.62
CA LYS A 54 -21.30 -1.12 0.33
C LYS A 54 -20.76 -2.21 -0.59
N ARG A 55 -19.45 -2.40 -0.58
CA ARG A 55 -18.81 -3.42 -1.41
C ARG A 55 -19.61 -4.71 -1.38
N ALA A 56 -20.23 -5.00 -0.23
CA ALA A 56 -21.02 -6.22 -0.08
C ALA A 56 -22.29 -6.15 -0.92
N LYS A 57 -22.18 -6.50 -2.19
CA LYS A 57 -23.33 -6.47 -3.09
C LYS A 57 -24.49 -7.26 -2.51
N ARG A 58 -25.71 -6.80 -2.80
CA ARG A 58 -26.92 -7.46 -2.30
C ARG A 58 -27.87 -7.78 -3.45
N GLN A 59 -28.05 -6.81 -4.34
CA GLN A 59 -28.94 -6.99 -5.48
C GLN A 59 -28.15 -7.05 -6.79
N GLU A 60 -28.87 -7.26 -7.90
CA GLU A 60 -28.23 -7.34 -9.20
C GLU A 60 -27.79 -5.97 -9.68
N ARG A 61 -26.96 -5.94 -10.72
CA ARG A 61 -26.46 -4.69 -11.27
C ARG A 61 -26.28 -4.80 -12.79
N ARG A 62 -26.35 -3.66 -13.47
CA ARG A 62 -26.20 -3.62 -14.91
C ARG A 62 -24.92 -2.89 -15.31
N LYS A 63 -24.37 -3.27 -16.47
CA LYS A 63 -23.15 -2.64 -16.96
C LYS A 63 -23.29 -2.27 -18.45
N GLN A 64 -22.30 -1.54 -18.96
CA GLN A 64 -22.31 -1.13 -20.35
C GLN A 64 -22.36 -2.34 -21.28
N LEU A 65 -22.36 -2.08 -22.58
CA LEU A 65 -22.41 -3.14 -23.58
C LEU A 65 -21.12 -3.18 -24.40
N LEU A 66 -20.83 -2.08 -25.09
CA LEU A 66 -19.64 -1.97 -25.91
C LEU A 66 -18.45 -2.63 -25.21
N SER A 67 -17.64 -3.36 -25.99
CA SER A 67 -16.47 -4.03 -25.45
C SER A 67 -15.47 -4.36 -26.55
N LYS A 68 -14.33 -4.93 -26.16
CA LYS A 68 -13.29 -5.29 -27.13
C LYS A 68 -12.84 -6.74 -26.92
N GLN A 69 -11.96 -7.20 -27.79
CA GLN A 69 -11.44 -8.56 -27.71
C GLN A 69 -9.99 -8.63 -28.18
N LYS A 70 -9.32 -9.74 -27.85
CA LYS A 70 -7.93 -9.92 -28.24
C LYS A 70 -7.74 -11.27 -28.92
N TYR A 71 -6.54 -11.50 -29.46
CA TYR A 71 -6.23 -12.74 -30.14
C TYR A 71 -4.90 -13.33 -29.64
N ALA A 72 -4.55 -14.49 -30.17
CA ALA A 72 -3.31 -15.14 -29.78
C ALA A 72 -2.52 -15.60 -31.00
N ASP A 73 -1.32 -16.14 -30.77
CA ASP A 73 -0.47 -16.61 -31.85
C ASP A 73 0.55 -17.62 -31.35
N GLY A 74 1.37 -18.14 -32.26
CA GLY A 74 2.38 -19.10 -31.88
C GLY A 74 3.11 -19.68 -33.08
N ALA A 75 4.30 -20.23 -32.84
CA ALA A 75 5.10 -20.81 -33.91
C ALA A 75 6.17 -21.74 -33.35
N PHE A 76 6.87 -22.43 -34.25
CA PHE A 76 7.93 -23.35 -33.83
C PHE A 76 8.86 -23.66 -35.01
N ALA A 77 9.97 -24.33 -34.71
CA ALA A 77 10.93 -24.70 -35.74
C ALA A 77 11.47 -26.10 -35.51
N ASP A 78 12.28 -26.59 -36.45
CA ASP A 78 12.86 -27.92 -36.35
C ASP A 78 14.04 -28.07 -37.29
N PHE A 79 14.91 -29.05 -37.02
CA PHE A 79 16.08 -29.29 -37.85
C PHE A 79 16.26 -30.79 -38.09
N LYS A 80 17.28 -31.13 -38.88
CA LYS A 80 17.56 -32.53 -39.18
C LYS A 80 19.07 -32.77 -39.24
N GLN A 81 19.48 -34.01 -38.99
CA GLN A 81 20.90 -34.37 -39.01
C GLN A 81 21.12 -35.64 -39.83
N GLU A 82 22.38 -36.03 -39.97
CA GLU A 82 22.72 -37.22 -40.72
C GLU A 82 24.02 -37.84 -40.20
N SER A 83 23.99 -39.15 -39.95
CA SER A 83 25.16 -39.86 -39.45
C SER A 83 24.93 -41.37 -39.46
N GLY A 84 26.02 -42.13 -39.34
CA GLY A 84 25.91 -43.57 -39.34
C GLY A 84 27.24 -44.25 -39.14
N PRO A 85 27.61 -44.48 -37.86
CA PRO A 85 28.88 -45.12 -37.51
C PRO A 85 28.89 -46.60 -37.87
N SER A 86 30.02 -47.26 -37.61
CA SER A 86 30.17 -48.68 -37.90
C SER A 86 30.89 -49.41 -36.77
N SER A 87 30.55 -50.68 -36.60
CA SER A 87 31.17 -51.49 -35.54
C SER A 87 30.92 -52.97 -35.78
N GLY A 88 31.68 -53.81 -35.10
CA GLY A 88 31.53 -55.25 -35.26
C GLY A 88 32.17 -56.02 -34.12
ZN ZN B . -5.35 2.27 2.24
N GLY A 1 41.49 -40.14 -12.27
CA GLY A 1 40.43 -41.03 -11.84
C GLY A 1 39.73 -40.54 -10.59
N SER A 2 40.22 -40.97 -9.43
CA SER A 2 39.64 -40.57 -8.15
C SER A 2 39.61 -39.05 -8.03
N SER A 3 38.42 -38.51 -7.76
CA SER A 3 38.26 -37.07 -7.62
C SER A 3 37.15 -36.75 -6.61
N GLY A 4 37.20 -35.54 -6.07
CA GLY A 4 36.20 -35.12 -5.10
C GLY A 4 35.12 -34.26 -5.71
N SER A 5 35.53 -33.28 -6.51
CA SER A 5 34.58 -32.38 -7.16
C SER A 5 33.67 -31.73 -6.13
N SER A 6 34.24 -31.32 -5.01
CA SER A 6 33.47 -30.69 -3.94
C SER A 6 33.85 -29.22 -3.80
N GLY A 7 32.90 -28.33 -4.10
CA GLY A 7 33.15 -26.91 -4.00
C GLY A 7 32.77 -26.35 -2.64
N LEU A 8 32.79 -25.02 -2.53
CA LEU A 8 32.44 -24.36 -1.27
C LEU A 8 30.97 -23.98 -1.25
N LYS A 9 30.23 -24.55 -0.31
CA LYS A 9 28.81 -24.27 -0.17
C LYS A 9 28.58 -22.88 0.43
N ARG A 10 27.87 -22.03 -0.31
CA ARG A 10 27.59 -20.67 0.15
C ARG A 10 26.30 -20.14 -0.48
N ASP A 11 25.40 -19.65 0.36
CA ASP A 11 24.13 -19.11 -0.11
C ASP A 11 24.26 -17.63 -0.47
N PHE A 12 23.53 -17.21 -1.49
CA PHE A 12 23.57 -15.81 -1.93
C PHE A 12 23.64 -14.87 -0.73
N ILE A 13 24.77 -14.22 -0.56
CA ILE A 13 24.96 -13.28 0.54
C ILE A 13 24.55 -11.87 0.14
N ILE A 14 23.93 -11.15 1.06
CA ILE A 14 23.50 -9.79 0.80
C ILE A 14 24.62 -8.80 1.04
N LEU A 15 25.22 -8.31 -0.04
CA LEU A 15 26.32 -7.35 0.05
C LEU A 15 26.17 -6.27 -1.01
N GLY A 16 26.38 -5.01 -0.60
CA GLY A 16 26.28 -3.91 -1.53
C GLY A 16 25.01 -3.11 -1.35
N ASN A 17 24.83 -2.57 -0.15
CA ASN A 17 23.63 -1.78 0.17
C ASN A 17 24.02 -0.43 0.78
N GLY A 18 23.51 0.65 0.21
CA GLY A 18 23.81 1.97 0.72
C GLY A 18 22.94 2.34 1.91
N PRO A 19 23.58 2.64 3.05
CA PRO A 19 22.88 3.02 4.28
C PRO A 19 22.24 4.39 4.18
N ARG A 20 21.70 4.88 5.29
CA ARG A 20 21.04 6.17 5.33
C ARG A 20 19.72 6.14 4.58
N LEU A 21 18.85 5.21 4.96
CA LEU A 21 17.54 5.07 4.31
C LEU A 21 16.43 4.96 5.35
N GLN A 22 16.06 6.09 5.94
CA GLN A 22 15.01 6.10 6.95
C GLN A 22 13.63 6.08 6.30
N ASN A 23 12.81 5.12 6.72
CA ASN A 23 11.46 4.98 6.18
C ASN A 23 10.44 4.77 7.30
N SER A 24 10.00 5.87 7.90
CA SER A 24 9.03 5.81 8.99
C SER A 24 7.61 5.74 8.44
N THR A 25 7.34 6.55 7.42
CA THR A 25 6.01 6.58 6.81
C THR A 25 5.40 5.19 6.74
N TYR A 26 4.09 5.11 6.91
CA TYR A 26 3.38 3.84 6.88
C TYR A 26 2.94 3.50 5.45
N GLN A 27 3.06 2.23 5.08
CA GLN A 27 2.67 1.77 3.75
C GLN A 27 1.37 0.98 3.81
N CYS A 28 0.28 1.60 3.39
CA CYS A 28 -1.03 0.94 3.39
C CYS A 28 -1.01 -0.31 2.52
N LYS A 29 -1.36 -1.44 3.11
CA LYS A 29 -1.38 -2.71 2.38
C LYS A 29 -2.73 -2.91 1.70
N HIS A 30 -3.32 -1.82 1.22
CA HIS A 30 -4.61 -1.88 0.54
C HIS A 30 -4.57 -1.08 -0.76
N CYS A 31 -3.95 0.09 -0.71
CA CYS A 31 -3.84 0.95 -1.88
C CYS A 31 -2.39 1.36 -2.14
N ASP A 32 -1.50 0.90 -1.26
CA ASP A 32 -0.08 1.21 -1.39
C ASP A 32 0.17 2.71 -1.24
N SER A 33 -0.42 3.29 -0.20
CA SER A 33 -0.26 4.72 0.06
C SER A 33 0.82 4.97 1.10
N LYS A 34 0.98 6.23 1.49
CA LYS A 34 1.98 6.61 2.49
C LYS A 34 1.38 7.55 3.53
N LEU A 35 1.54 7.21 4.79
CA LEU A 35 1.02 8.03 5.89
C LEU A 35 2.14 8.41 6.86
N GLN A 36 1.96 9.55 7.53
CA GLN A 36 2.95 10.02 8.49
C GLN A 36 3.15 9.00 9.61
N SER A 37 2.06 8.66 10.30
CA SER A 37 2.12 7.71 11.40
C SER A 37 0.78 6.99 11.57
N THR A 38 0.75 6.01 12.47
CA THR A 38 -0.46 5.25 12.72
C THR A 38 -1.67 6.16 12.85
N ALA A 39 -1.54 7.19 13.68
CA ALA A 39 -2.63 8.14 13.89
C ALA A 39 -3.38 8.41 12.60
N GLU A 40 -2.65 8.47 11.49
CA GLU A 40 -3.25 8.71 10.19
C GLU A 40 -3.85 7.44 9.60
N LEU A 41 -3.16 6.32 9.84
CA LEU A 41 -3.62 5.02 9.35
C LEU A 41 -4.94 4.62 9.99
N THR A 42 -5.08 4.91 11.28
CA THR A 42 -6.29 4.58 12.02
C THR A 42 -7.52 5.18 11.35
N SER A 43 -7.33 6.34 10.72
CA SER A 43 -8.44 7.01 10.03
C SER A 43 -8.46 6.64 8.56
N HIS A 44 -7.29 6.57 7.94
CA HIS A 44 -7.18 6.22 6.53
C HIS A 44 -7.79 4.85 6.26
N LEU A 45 -7.45 3.87 7.11
CA LEU A 45 -7.97 2.53 6.96
C LEU A 45 -9.49 2.51 6.94
N ASN A 46 -10.10 3.26 7.85
CA ASN A 46 -11.55 3.34 7.93
C ASN A 46 -12.16 3.54 6.54
N ILE A 47 -11.51 4.34 5.72
CA ILE A 47 -11.99 4.61 4.37
C ILE A 47 -12.25 3.31 3.61
N HIS A 48 -11.41 2.31 3.87
CA HIS A 48 -11.57 1.01 3.21
C HIS A 48 -12.72 0.22 3.82
N ASN A 49 -12.72 0.11 5.14
CA ASN A 49 -13.77 -0.62 5.84
C ASN A 49 -15.14 -0.08 5.49
N GLU A 50 -15.34 1.23 5.67
CA GLU A 50 -16.60 1.87 5.36
C GLU A 50 -17.12 1.42 3.99
N GLU A 51 -16.20 1.29 3.04
CA GLU A 51 -16.55 0.87 1.69
C GLU A 51 -17.05 -0.57 1.67
N PHE A 52 -16.37 -1.43 2.41
CA PHE A 52 -16.73 -2.83 2.48
C PHE A 52 -18.22 -3.00 2.77
N GLN A 53 -18.68 -2.33 3.82
CA GLN A 53 -20.09 -2.40 4.20
C GLN A 53 -20.98 -1.82 3.11
N LYS A 54 -20.60 -0.66 2.59
CA LYS A 54 -21.36 0.01 1.54
C LYS A 54 -21.53 -0.91 0.34
N ARG A 55 -20.41 -1.28 -0.29
CA ARG A 55 -20.45 -2.14 -1.45
C ARG A 55 -21.57 -3.17 -1.34
N ALA A 56 -21.59 -3.89 -0.23
CA ALA A 56 -22.62 -4.90 0.01
C ALA A 56 -23.94 -4.26 0.42
N LYS A 57 -24.66 -3.73 -0.56
CA LYS A 57 -25.95 -3.09 -0.30
C LYS A 57 -26.82 -3.08 -1.55
N ARG A 58 -28.13 -3.25 -1.36
CA ARG A 58 -29.07 -3.27 -2.47
C ARG A 58 -30.46 -2.87 -2.00
N GLN A 59 -31.34 -2.56 -2.96
CA GLN A 59 -32.71 -2.17 -2.64
C GLN A 59 -32.74 -0.82 -1.93
N GLU A 60 -31.99 0.15 -2.47
CA GLU A 60 -31.94 1.48 -1.89
C GLU A 60 -31.21 2.45 -2.82
N ARG A 61 -31.99 3.32 -3.46
CA ARG A 61 -31.43 4.30 -4.38
C ARG A 61 -32.01 5.68 -4.13
N ARG A 62 -31.45 6.38 -3.15
CA ARG A 62 -31.91 7.72 -2.79
C ARG A 62 -30.74 8.61 -2.39
N LYS A 63 -30.41 9.58 -3.25
CA LYS A 63 -29.32 10.50 -2.98
C LYS A 63 -29.60 11.87 -3.60
N GLN A 64 -28.95 12.90 -3.08
CA GLN A 64 -29.13 14.25 -3.58
C GLN A 64 -27.89 14.71 -4.35
N LEU A 65 -27.98 15.89 -4.94
CA LEU A 65 -26.87 16.46 -5.71
C LEU A 65 -25.87 17.14 -4.79
N LEU A 66 -24.78 17.61 -5.38
CA LEU A 66 -23.73 18.29 -4.62
C LEU A 66 -23.72 19.79 -4.90
N SER A 67 -23.25 20.58 -3.94
CA SER A 67 -23.20 22.03 -4.10
C SER A 67 -21.79 22.48 -4.48
N LYS A 68 -21.66 23.75 -4.82
CA LYS A 68 -20.38 24.32 -5.20
C LYS A 68 -19.95 25.42 -4.24
N GLN A 69 -18.74 25.94 -4.43
CA GLN A 69 -18.22 27.00 -3.57
C GLN A 69 -17.55 28.09 -4.41
N LYS A 70 -17.23 29.20 -3.77
CA LYS A 70 -16.57 30.31 -4.46
C LYS A 70 -15.19 30.58 -3.87
N TYR A 71 -14.35 31.27 -4.63
CA TYR A 71 -13.00 31.59 -4.18
C TYR A 71 -12.49 32.85 -4.86
N ALA A 72 -11.32 33.32 -4.43
CA ALA A 72 -10.72 34.53 -4.99
C ALA A 72 -9.25 34.29 -5.34
N ASP A 73 -8.66 35.26 -6.03
CA ASP A 73 -7.26 35.15 -6.42
C ASP A 73 -6.49 36.40 -6.00
N GLY A 74 -5.17 36.36 -6.19
CA GLY A 74 -4.34 37.49 -5.82
C GLY A 74 -3.15 37.67 -6.76
N ALA A 75 -2.42 38.77 -6.57
CA ALA A 75 -1.25 39.05 -7.40
C ALA A 75 -0.03 39.35 -6.54
N PHE A 76 1.11 39.59 -7.20
CA PHE A 76 2.35 39.88 -6.50
C PHE A 76 3.26 40.76 -7.35
N ALA A 77 4.35 41.21 -6.77
CA ALA A 77 5.31 42.06 -7.48
C ALA A 77 6.66 42.08 -6.77
N ASP A 78 7.65 42.68 -7.42
CA ASP A 78 8.99 42.75 -6.85
C ASP A 78 9.65 44.10 -7.20
N PHE A 79 10.86 44.30 -6.70
CA PHE A 79 11.59 45.53 -6.96
C PHE A 79 13.10 45.30 -6.89
N LYS A 80 13.87 46.25 -7.39
CA LYS A 80 15.32 46.16 -7.40
C LYS A 80 15.88 46.34 -6.00
N GLN A 81 17.17 46.05 -5.83
CA GLN A 81 17.83 46.19 -4.54
C GLN A 81 18.23 47.64 -4.28
N GLU A 82 19.04 48.19 -5.18
CA GLU A 82 19.49 49.56 -5.06
C GLU A 82 20.32 49.75 -3.79
N SER A 83 21.17 48.77 -3.50
CA SER A 83 22.01 48.82 -2.30
C SER A 83 22.93 50.04 -2.34
N GLY A 84 23.35 50.48 -1.16
CA GLY A 84 24.23 51.64 -1.08
C GLY A 84 24.52 52.04 0.36
N PRO A 85 25.43 51.31 1.01
CA PRO A 85 25.81 51.58 2.40
C PRO A 85 26.62 52.86 2.54
N SER A 86 26.68 53.38 3.76
CA SER A 86 27.41 54.61 4.03
C SER A 86 27.69 54.77 5.52
N SER A 87 28.91 55.17 5.86
CA SER A 87 29.31 55.35 7.24
C SER A 87 30.28 56.51 7.38
N GLY A 88 30.10 57.31 8.44
CA GLY A 88 30.97 58.44 8.67
C GLY A 88 31.53 58.47 10.07
ZN ZN B . -5.16 2.59 1.76
N GLY A 1 24.34 -31.40 -32.70
CA GLY A 1 24.05 -29.98 -32.70
C GLY A 1 25.04 -29.18 -31.87
N SER A 2 25.15 -29.52 -30.58
CA SER A 2 26.06 -28.83 -29.69
C SER A 2 27.40 -29.56 -29.59
N SER A 3 28.46 -28.82 -29.28
CA SER A 3 29.79 -29.39 -29.17
C SER A 3 30.30 -29.30 -27.73
N GLY A 4 30.16 -30.40 -27.00
CA GLY A 4 30.62 -30.41 -25.62
C GLY A 4 31.43 -31.66 -25.29
N SER A 5 31.71 -31.86 -24.01
CA SER A 5 32.48 -33.02 -23.56
C SER A 5 32.32 -33.24 -22.07
N SER A 6 32.91 -34.32 -21.56
CA SER A 6 32.83 -34.66 -20.15
C SER A 6 32.82 -33.39 -19.29
N GLY A 7 31.69 -33.13 -18.65
CA GLY A 7 31.57 -31.95 -17.80
C GLY A 7 30.13 -31.66 -17.42
N LEU A 8 29.94 -31.01 -16.27
CA LEU A 8 28.61 -30.67 -15.79
C LEU A 8 28.69 -29.82 -14.53
N LYS A 9 28.14 -28.61 -14.61
CA LYS A 9 28.14 -27.69 -13.48
C LYS A 9 27.21 -26.51 -13.74
N ARG A 10 26.64 -25.97 -12.66
CA ARG A 10 25.74 -24.83 -12.77
C ARG A 10 26.25 -23.65 -11.96
N ASP A 11 25.44 -22.59 -11.89
CA ASP A 11 25.81 -21.40 -11.15
C ASP A 11 24.71 -21.02 -10.16
N PHE A 12 24.98 -19.99 -9.35
CA PHE A 12 24.01 -19.53 -8.37
C PHE A 12 23.49 -18.14 -8.72
N ILE A 13 22.27 -17.84 -8.29
CA ILE A 13 21.66 -16.55 -8.57
C ILE A 13 21.03 -15.96 -7.30
N ILE A 14 21.73 -15.02 -6.69
CA ILE A 14 21.24 -14.38 -5.47
C ILE A 14 21.73 -12.94 -5.38
N LEU A 15 20.79 -11.99 -5.46
CA LEU A 15 21.13 -10.58 -5.39
C LEU A 15 20.40 -9.90 -4.23
N GLY A 16 20.80 -8.68 -3.92
CA GLY A 16 20.16 -7.95 -2.83
C GLY A 16 19.68 -6.57 -3.27
N ASN A 17 20.59 -5.59 -3.22
CA ASN A 17 20.25 -4.23 -3.60
C ASN A 17 19.16 -3.66 -2.70
N GLY A 18 19.25 -3.96 -1.41
CA GLY A 18 18.27 -3.47 -0.46
C GLY A 18 18.79 -2.32 0.37
N PRO A 19 18.22 -1.12 0.17
CA PRO A 19 18.62 0.08 0.90
C PRO A 19 18.20 0.04 2.36
N ARG A 20 19.12 0.41 3.24
CA ARG A 20 18.85 0.41 4.68
C ARG A 20 18.21 1.72 5.11
N LEU A 21 17.28 2.22 4.31
CA LEU A 21 16.59 3.47 4.61
C LEU A 21 15.10 3.23 4.82
N GLN A 22 14.70 3.16 6.08
CA GLN A 22 13.30 2.94 6.43
C GLN A 22 12.67 4.21 6.99
N ASN A 23 12.17 5.06 6.10
CA ASN A 23 11.54 6.31 6.51
C ASN A 23 10.44 6.06 7.52
N SER A 24 9.87 7.14 8.06
CA SER A 24 8.81 7.04 9.04
C SER A 24 7.46 6.76 8.37
N THR A 25 7.26 7.35 7.19
CA THR A 25 6.01 7.17 6.46
C THR A 25 5.46 5.77 6.65
N TYR A 26 4.17 5.68 6.97
CA TYR A 26 3.51 4.40 7.18
C TYR A 26 3.03 3.81 5.86
N GLN A 27 3.59 2.66 5.49
CA GLN A 27 3.22 1.99 4.24
C GLN A 27 2.04 1.05 4.48
N CYS A 28 0.88 1.41 3.95
CA CYS A 28 -0.32 0.60 4.09
C CYS A 28 -0.13 -0.77 3.42
N LYS A 29 -0.98 -1.72 3.80
CA LYS A 29 -0.91 -3.06 3.24
C LYS A 29 -2.18 -3.39 2.45
N HIS A 30 -3.12 -2.45 2.43
CA HIS A 30 -4.38 -2.64 1.72
C HIS A 30 -4.34 -1.94 0.37
N CYS A 31 -3.71 -0.77 0.32
CA CYS A 31 -3.60 -0.01 -0.92
C CYS A 31 -2.15 0.36 -1.21
N ASP A 32 -1.28 0.10 -0.24
CA ASP A 32 0.14 0.40 -0.39
C ASP A 32 0.36 1.90 -0.49
N SER A 33 -0.40 2.66 0.28
CA SER A 33 -0.28 4.12 0.28
C SER A 33 0.79 4.58 1.26
N LYS A 34 0.90 5.89 1.42
CA LYS A 34 1.89 6.47 2.32
C LYS A 34 1.24 7.48 3.27
N LEU A 35 1.48 7.30 4.56
CA LEU A 35 0.92 8.19 5.58
C LEU A 35 2.00 8.76 6.47
N GLN A 36 1.70 9.87 7.14
CA GLN A 36 2.66 10.51 8.03
C GLN A 36 3.02 9.59 9.20
N SER A 37 2.02 9.25 10.00
CA SER A 37 2.23 8.38 11.16
C SER A 37 1.04 7.45 11.36
N THR A 38 1.15 6.57 12.35
CA THR A 38 0.08 5.63 12.65
C THR A 38 -1.25 6.34 12.85
N ALA A 39 -1.22 7.48 13.53
CA ALA A 39 -2.41 8.27 13.78
C ALA A 39 -3.24 8.42 12.51
N GLU A 40 -2.56 8.65 11.38
CA GLU A 40 -3.22 8.81 10.10
C GLU A 40 -3.75 7.49 9.58
N LEU A 41 -3.01 6.41 9.83
CA LEU A 41 -3.41 5.08 9.39
C LEU A 41 -4.70 4.64 10.07
N THR A 42 -4.80 4.91 11.37
CA THR A 42 -5.98 4.55 12.14
C THR A 42 -7.25 5.03 11.45
N SER A 43 -7.18 6.21 10.84
CA SER A 43 -8.32 6.79 10.15
C SER A 43 -8.38 6.31 8.70
N HIS A 44 -7.24 6.32 8.03
CA HIS A 44 -7.15 5.90 6.64
C HIS A 44 -7.77 4.51 6.46
N LEU A 45 -7.44 3.59 7.37
CA LEU A 45 -7.98 2.24 7.31
C LEU A 45 -9.50 2.24 7.32
N ASN A 46 -10.08 2.94 8.30
CA ASN A 46 -11.53 3.03 8.41
C ASN A 46 -12.18 3.16 7.05
N ILE A 47 -11.59 3.97 6.19
CA ILE A 47 -12.10 4.19 4.85
C ILE A 47 -12.36 2.86 4.14
N HIS A 48 -11.33 2.02 4.09
CA HIS A 48 -11.44 0.72 3.44
C HIS A 48 -12.75 0.03 3.83
N ASN A 49 -12.83 -0.42 5.08
CA ASN A 49 -14.03 -1.09 5.57
C ASN A 49 -15.28 -0.29 5.23
N GLU A 50 -15.26 1.00 5.56
CA GLU A 50 -16.39 1.88 5.29
C GLU A 50 -16.89 1.70 3.86
N GLU A 51 -15.95 1.60 2.92
CA GLU A 51 -16.30 1.43 1.51
C GLU A 51 -17.03 0.12 1.29
N PHE A 52 -16.56 -0.94 1.94
CA PHE A 52 -17.17 -2.25 1.81
C PHE A 52 -18.64 -2.21 2.18
N GLN A 53 -18.95 -1.52 3.27
CA GLN A 53 -20.33 -1.40 3.73
C GLN A 53 -21.28 -1.21 2.56
N LYS A 54 -20.95 -0.26 1.69
CA LYS A 54 -21.77 0.04 0.53
C LYS A 54 -22.22 -1.25 -0.16
N ARG A 55 -21.28 -2.15 -0.39
CA ARG A 55 -21.57 -3.42 -1.05
C ARG A 55 -22.29 -4.37 -0.09
N ALA A 56 -21.67 -4.62 1.06
CA ALA A 56 -22.25 -5.50 2.07
C ALA A 56 -22.63 -6.85 1.46
N LYS A 57 -21.77 -7.36 0.59
CA LYS A 57 -22.00 -8.65 -0.06
C LYS A 57 -23.30 -8.62 -0.85
N ARG A 58 -23.44 -7.62 -1.72
CA ARG A 58 -24.64 -7.48 -2.54
C ARG A 58 -24.89 -8.75 -3.35
N GLN A 59 -23.81 -9.41 -3.76
CA GLN A 59 -23.91 -10.64 -4.54
C GLN A 59 -22.56 -11.32 -4.67
N GLU A 60 -22.37 -12.42 -3.95
CA GLU A 60 -21.12 -13.16 -3.99
C GLU A 60 -21.37 -14.66 -3.86
N ARG A 61 -20.59 -15.45 -4.59
CA ARG A 61 -20.73 -16.91 -4.54
C ARG A 61 -19.62 -17.53 -3.70
N ARG A 62 -19.98 -17.99 -2.51
CA ARG A 62 -19.03 -18.61 -1.61
C ARG A 62 -19.74 -19.46 -0.55
N LYS A 63 -19.05 -20.50 -0.08
CA LYS A 63 -19.62 -21.40 0.91
C LYS A 63 -18.91 -21.23 2.26
N GLN A 64 -19.60 -21.57 3.34
CA GLN A 64 -19.03 -21.46 4.67
C GLN A 64 -17.87 -22.43 4.86
N LEU A 65 -18.12 -23.71 4.57
CA LEU A 65 -17.10 -24.74 4.71
C LEU A 65 -17.42 -25.94 3.83
N LEU A 66 -16.53 -26.93 3.84
CA LEU A 66 -16.72 -28.14 3.04
C LEU A 66 -17.00 -29.33 3.93
N SER A 67 -18.25 -29.46 4.37
CA SER A 67 -18.64 -30.57 5.23
C SER A 67 -20.15 -30.83 5.11
N LYS A 68 -20.54 -32.09 5.33
CA LYS A 68 -21.93 -32.48 5.24
C LYS A 68 -22.56 -32.57 6.64
N GLN A 69 -22.22 -31.60 7.49
CA GLN A 69 -22.75 -31.57 8.85
C GLN A 69 -24.28 -31.62 8.85
N LYS A 70 -24.86 -31.70 10.04
CA LYS A 70 -26.31 -31.76 10.17
C LYS A 70 -26.79 -30.84 11.29
N TYR A 71 -28.07 -30.49 11.26
CA TYR A 71 -28.65 -29.61 12.27
C TYR A 71 -29.19 -30.43 13.45
N ALA A 72 -29.04 -29.89 14.65
CA ALA A 72 -29.51 -30.56 15.85
C ALA A 72 -29.40 -29.64 17.07
N ASP A 73 -30.36 -29.76 17.98
CA ASP A 73 -30.37 -28.95 19.19
C ASP A 73 -31.33 -29.52 20.22
N GLY A 74 -31.13 -29.14 21.48
CA GLY A 74 -31.99 -29.63 22.55
C GLY A 74 -32.08 -28.66 23.71
N ALA A 75 -33.07 -28.87 24.58
CA ALA A 75 -33.26 -28.01 25.73
C ALA A 75 -34.33 -28.58 26.67
N PHE A 76 -34.50 -27.93 27.82
CA PHE A 76 -35.49 -28.38 28.80
C PHE A 76 -35.67 -27.33 29.89
N ALA A 77 -36.69 -27.52 30.72
CA ALA A 77 -36.97 -26.60 31.81
C ALA A 77 -37.67 -27.31 32.97
N ASP A 78 -37.59 -26.71 34.16
CA ASP A 78 -38.21 -27.28 35.34
C ASP A 78 -38.95 -26.22 36.14
N PHE A 79 -39.63 -26.65 37.20
CA PHE A 79 -40.38 -25.73 38.04
C PHE A 79 -40.78 -26.40 39.36
N LYS A 80 -41.08 -25.59 40.37
CA LYS A 80 -41.48 -26.10 41.67
C LYS A 80 -42.19 -25.03 42.48
N GLN A 81 -43.07 -25.46 43.39
CA GLN A 81 -43.82 -24.54 44.22
C GLN A 81 -43.40 -24.67 45.68
N GLU A 82 -43.32 -25.90 46.17
CA GLU A 82 -42.93 -26.16 47.55
C GLU A 82 -43.46 -25.07 48.48
N SER A 83 -44.70 -24.66 48.25
CA SER A 83 -45.32 -23.62 49.07
C SER A 83 -46.35 -24.21 50.01
N GLY A 84 -46.90 -23.37 50.89
CA GLY A 84 -47.89 -23.82 51.83
C GLY A 84 -48.80 -22.71 52.31
N PRO A 85 -50.07 -23.03 52.58
CA PRO A 85 -51.06 -22.05 53.05
C PRO A 85 -50.78 -21.60 54.48
N SER A 86 -51.65 -20.73 54.99
CA SER A 86 -51.50 -20.22 56.35
C SER A 86 -52.86 -19.90 56.97
N SER A 87 -52.84 -19.49 58.23
CA SER A 87 -54.07 -19.16 58.93
C SER A 87 -54.23 -17.65 59.08
N GLY A 88 -55.47 -17.20 59.29
CA GLY A 88 -55.73 -15.78 59.44
C GLY A 88 -57.20 -15.48 59.65
ZN ZN B . -4.71 1.62 2.62
N GLY A 1 64.59 3.69 -36.57
CA GLY A 1 63.18 3.50 -36.28
C GLY A 1 62.79 2.04 -36.16
N SER A 2 61.87 1.76 -35.25
CA SER A 2 61.42 0.38 -35.03
C SER A 2 59.90 0.30 -35.02
N SER A 3 59.29 0.95 -34.04
CA SER A 3 57.83 0.95 -33.92
C SER A 3 57.36 2.06 -32.96
N GLY A 4 56.05 2.15 -32.77
CA GLY A 4 55.50 3.16 -31.88
C GLY A 4 54.91 2.55 -30.62
N SER A 5 54.21 3.38 -29.85
CA SER A 5 53.60 2.93 -28.61
C SER A 5 52.27 3.64 -28.37
N SER A 6 51.62 3.30 -27.25
CA SER A 6 50.33 3.90 -26.91
C SER A 6 50.19 4.05 -25.40
N GLY A 7 49.03 4.53 -24.96
CA GLY A 7 48.80 4.72 -23.54
C GLY A 7 47.33 4.95 -23.23
N LEU A 8 46.72 4.05 -22.48
CA LEU A 8 45.32 4.16 -22.11
C LEU A 8 45.12 3.85 -20.63
N LYS A 9 44.31 4.67 -19.97
CA LYS A 9 44.02 4.48 -18.55
C LYS A 9 42.64 5.03 -18.19
N ARG A 10 42.29 4.94 -16.91
CA ARG A 10 41.00 5.43 -16.44
C ARG A 10 41.19 6.51 -15.38
N ASP A 11 40.10 7.21 -15.05
CA ASP A 11 40.14 8.27 -14.06
C ASP A 11 38.74 8.74 -13.70
N PHE A 12 38.64 9.72 -12.82
CA PHE A 12 37.36 10.26 -12.40
C PHE A 12 36.54 9.19 -11.67
N ILE A 13 37.13 8.61 -10.63
CA ILE A 13 36.45 7.57 -9.86
C ILE A 13 35.26 8.15 -9.10
N ILE A 14 35.05 9.45 -9.24
CA ILE A 14 33.93 10.12 -8.58
C ILE A 14 32.77 9.16 -8.34
N LEU A 15 32.12 9.29 -7.20
CA LEU A 15 30.99 8.44 -6.86
C LEU A 15 30.28 8.93 -5.60
N GLY A 16 29.15 8.31 -5.27
CA GLY A 16 28.40 8.72 -4.09
C GLY A 16 26.95 8.29 -4.17
N ASN A 17 26.53 7.49 -3.20
CA ASN A 17 25.14 7.01 -3.16
C ASN A 17 24.80 6.48 -1.77
N GLY A 18 23.54 6.63 -1.38
CA GLY A 18 23.10 6.16 -0.08
C GLY A 18 21.68 6.60 0.25
N PRO A 19 21.10 5.98 1.28
CA PRO A 19 19.73 6.30 1.72
C PRO A 19 19.63 7.68 2.34
N ARG A 20 19.17 8.65 1.56
CA ARG A 20 19.03 10.02 2.04
C ARG A 20 17.62 10.25 2.60
N LEU A 21 16.63 9.69 1.92
CA LEU A 21 15.24 9.83 2.35
C LEU A 21 15.08 9.46 3.83
N GLN A 22 14.65 10.43 4.64
CA GLN A 22 14.46 10.19 6.06
C GLN A 22 12.99 10.35 6.45
N ASN A 23 12.22 9.29 6.23
CA ASN A 23 10.80 9.31 6.55
C ASN A 23 10.27 7.89 6.77
N SER A 24 9.87 7.61 8.01
CA SER A 24 9.35 6.30 8.37
C SER A 24 7.85 6.21 8.12
N THR A 25 7.41 6.77 7.00
CA THR A 25 6.00 6.77 6.64
C THR A 25 5.41 5.37 6.75
N TYR A 26 4.09 5.27 6.61
CA TYR A 26 3.40 3.99 6.70
C TYR A 26 2.88 3.56 5.33
N GLN A 27 3.26 2.35 4.92
CA GLN A 27 2.84 1.82 3.64
C GLN A 27 1.59 0.95 3.79
N CYS A 28 0.45 1.49 3.39
CA CYS A 28 -0.82 0.77 3.48
C CYS A 28 -0.77 -0.52 2.68
N LYS A 29 -1.35 -1.58 3.23
CA LYS A 29 -1.37 -2.88 2.58
C LYS A 29 -2.70 -3.10 1.86
N HIS A 30 -3.33 -2.02 1.43
CA HIS A 30 -4.61 -2.10 0.74
C HIS A 30 -4.57 -1.30 -0.57
N CYS A 31 -3.95 -0.12 -0.51
CA CYS A 31 -3.84 0.74 -1.68
C CYS A 31 -2.38 1.11 -1.96
N ASP A 32 -1.51 0.76 -1.02
CA ASP A 32 -0.09 1.05 -1.16
C ASP A 32 0.17 2.56 -1.06
N SER A 33 -0.42 3.19 -0.06
CA SER A 33 -0.26 4.63 0.14
C SER A 33 0.83 4.91 1.17
N LYS A 34 0.99 6.19 1.51
CA LYS A 34 2.00 6.59 2.48
C LYS A 34 1.42 7.56 3.51
N LEU A 35 1.54 7.20 4.78
CA LEU A 35 1.02 8.04 5.86
C LEU A 35 2.13 8.43 6.82
N GLN A 36 1.89 9.48 7.60
CA GLN A 36 2.87 9.96 8.57
C GLN A 36 3.11 8.92 9.66
N SER A 37 2.04 8.56 10.37
CA SER A 37 2.14 7.59 11.45
C SER A 37 0.79 6.89 11.67
N THR A 38 0.79 5.90 12.55
CA THR A 38 -0.42 5.15 12.85
C THR A 38 -1.62 6.08 12.99
N ALA A 39 -1.46 7.13 13.78
CA ALA A 39 -2.52 8.10 14.00
C ALA A 39 -3.28 8.38 12.70
N GLU A 40 -2.55 8.45 11.60
CA GLU A 40 -3.15 8.71 10.29
C GLU A 40 -3.78 7.44 9.72
N LEU A 41 -3.09 6.32 9.89
CA LEU A 41 -3.58 5.04 9.39
C LEU A 41 -4.94 4.71 9.99
N THR A 42 -5.06 4.88 11.31
CA THR A 42 -6.30 4.60 12.02
C THR A 42 -7.48 5.29 11.35
N SER A 43 -7.24 6.47 10.78
CA SER A 43 -8.27 7.23 10.11
C SER A 43 -8.37 6.84 8.64
N HIS A 44 -7.22 6.60 8.03
CA HIS A 44 -7.17 6.21 6.62
C HIS A 44 -7.84 4.86 6.39
N LEU A 45 -7.32 3.84 7.05
CA LEU A 45 -7.87 2.50 6.92
C LEU A 45 -9.39 2.51 7.04
N ASN A 46 -9.89 3.19 8.07
CA ASN A 46 -11.33 3.29 8.29
C ASN A 46 -12.07 3.46 6.97
N ILE A 47 -11.51 4.27 6.08
CA ILE A 47 -12.12 4.52 4.78
C ILE A 47 -12.45 3.22 4.07
N HIS A 48 -11.46 2.32 4.00
CA HIS A 48 -11.65 1.04 3.34
C HIS A 48 -12.85 0.29 3.93
N ASN A 49 -12.78 0.03 5.23
CA ASN A 49 -13.86 -0.67 5.92
C ASN A 49 -15.22 -0.12 5.51
N GLU A 50 -15.43 1.18 5.72
CA GLU A 50 -16.69 1.83 5.37
C GLU A 50 -17.07 1.51 3.93
N GLU A 51 -16.12 1.67 3.01
CA GLU A 51 -16.36 1.41 1.61
C GLU A 51 -16.89 0.00 1.40
N PHE A 52 -16.33 -0.96 2.13
CA PHE A 52 -16.76 -2.34 2.02
C PHE A 52 -18.24 -2.49 2.37
N GLN A 53 -18.66 -1.80 3.42
CA GLN A 53 -20.05 -1.85 3.86
C GLN A 53 -21.00 -1.63 2.69
N LYS A 54 -20.74 -0.58 1.91
CA LYS A 54 -21.56 -0.25 0.76
C LYS A 54 -21.90 -1.50 -0.04
N ARG A 55 -20.87 -2.29 -0.36
CA ARG A 55 -21.06 -3.52 -1.13
C ARG A 55 -22.05 -4.44 -0.43
N ALA A 56 -21.70 -4.89 0.76
CA ALA A 56 -22.56 -5.78 1.53
C ALA A 56 -23.23 -6.81 0.63
N LYS A 57 -22.48 -7.29 -0.36
CA LYS A 57 -22.99 -8.28 -1.29
C LYS A 57 -21.97 -9.39 -1.52
N ARG A 58 -22.45 -10.55 -1.96
CA ARG A 58 -21.57 -11.69 -2.22
C ARG A 58 -21.79 -12.22 -3.64
N GLN A 59 -20.69 -12.59 -4.29
CA GLN A 59 -20.75 -13.11 -5.65
C GLN A 59 -21.83 -14.18 -5.77
N GLU A 60 -22.16 -14.54 -7.01
CA GLU A 60 -23.18 -15.56 -7.26
C GLU A 60 -23.01 -16.75 -6.32
N ARG A 61 -24.09 -17.11 -5.62
CA ARG A 61 -24.05 -18.23 -4.69
C ARG A 61 -25.44 -18.51 -4.13
N ARG A 62 -25.76 -19.79 -3.97
CA ARG A 62 -27.05 -20.19 -3.45
C ARG A 62 -27.54 -19.21 -2.38
N LYS A 63 -28.57 -18.45 -2.72
CA LYS A 63 -29.14 -17.47 -1.80
C LYS A 63 -30.66 -17.47 -1.87
N GLN A 64 -31.30 -17.04 -0.79
CA GLN A 64 -32.75 -16.99 -0.72
C GLN A 64 -33.24 -15.67 -0.15
N LEU A 65 -34.06 -14.96 -0.91
CA LEU A 65 -34.59 -13.67 -0.47
C LEU A 65 -35.98 -13.84 0.16
N LEU A 66 -36.56 -12.72 0.59
CA LEU A 66 -37.89 -12.74 1.19
C LEU A 66 -38.68 -11.50 0.82
N SER A 67 -40.01 -11.60 0.89
CA SER A 67 -40.88 -10.49 0.56
C SER A 67 -42.33 -10.78 0.95
N LYS A 68 -42.94 -9.86 1.68
CA LYS A 68 -44.32 -10.03 2.14
C LYS A 68 -45.04 -8.69 2.17
N GLN A 69 -46.03 -8.53 1.30
CA GLN A 69 -46.81 -7.30 1.23
C GLN A 69 -48.26 -7.58 0.84
N LYS A 70 -49.19 -7.06 1.62
CA LYS A 70 -50.61 -7.26 1.35
C LYS A 70 -51.42 -6.04 1.80
N TYR A 71 -52.68 -5.99 1.38
CA TYR A 71 -53.55 -4.88 1.73
C TYR A 71 -55.02 -5.26 1.55
N ALA A 72 -55.92 -4.36 1.93
CA ALA A 72 -57.35 -4.60 1.80
C ALA A 72 -58.14 -3.30 1.91
N ASP A 73 -59.32 -3.29 1.31
CA ASP A 73 -60.17 -2.10 1.35
C ASP A 73 -61.64 -2.47 1.06
N GLY A 74 -62.52 -1.50 1.24
CA GLY A 74 -63.94 -1.75 0.98
C GLY A 74 -64.67 -0.50 0.54
N ALA A 75 -65.98 -0.61 0.33
CA ALA A 75 -66.79 0.51 -0.10
C ALA A 75 -68.27 0.28 0.24
N PHE A 76 -69.03 1.37 0.30
CA PHE A 76 -70.45 1.29 0.62
C PHE A 76 -71.24 2.32 -0.19
N ALA A 77 -72.56 2.17 -0.17
CA ALA A 77 -73.44 3.09 -0.91
C ALA A 77 -74.66 3.46 -0.07
N ASP A 78 -75.21 4.63 -0.35
CA ASP A 78 -76.38 5.11 0.38
C ASP A 78 -77.53 5.43 -0.58
N PHE A 79 -78.72 5.60 -0.04
CA PHE A 79 -79.89 5.91 -0.84
C PHE A 79 -80.84 6.86 -0.10
N LYS A 80 -81.78 7.44 -0.83
CA LYS A 80 -82.74 8.37 -0.24
C LYS A 80 -83.92 7.60 0.36
N GLN A 81 -84.82 8.33 1.01
CA GLN A 81 -85.99 7.73 1.63
C GLN A 81 -87.23 8.60 1.44
N GLU A 82 -88.37 8.10 1.88
CA GLU A 82 -89.63 8.84 1.75
C GLU A 82 -90.43 8.78 3.04
N SER A 83 -91.16 9.84 3.34
CA SER A 83 -91.96 9.91 4.55
C SER A 83 -93.40 10.33 4.22
N GLY A 84 -93.54 11.52 3.66
CA GLY A 84 -94.86 12.03 3.30
C GLY A 84 -95.46 12.88 4.40
N PRO A 85 -95.83 14.11 4.06
CA PRO A 85 -96.42 15.06 5.01
C PRO A 85 -97.84 14.65 5.41
N SER A 86 -98.45 15.45 6.29
CA SER A 86 -99.81 15.16 6.75
C SER A 86 -100.38 16.36 7.51
N SER A 87 -101.69 16.34 7.73
CA SER A 87 -102.36 17.43 8.44
C SER A 87 -102.92 16.95 9.76
N GLY A 88 -102.99 17.86 10.73
CA GLY A 88 -103.51 17.51 12.04
C GLY A 88 -102.58 17.94 13.16
ZN ZN B . -5.10 2.13 1.97
N GLY A 1 -15.63 50.74 -30.56
CA GLY A 1 -14.55 49.91 -30.06
C GLY A 1 -13.48 50.74 -29.35
N SER A 2 -13.50 50.71 -28.03
CA SER A 2 -12.53 51.46 -27.24
C SER A 2 -12.58 51.03 -25.77
N SER A 3 -11.79 51.70 -24.94
CA SER A 3 -11.73 51.39 -23.52
C SER A 3 -11.19 49.98 -23.29
N GLY A 4 -10.13 49.64 -24.00
CA GLY A 4 -9.53 48.32 -23.87
C GLY A 4 -8.21 48.36 -23.12
N SER A 5 -8.17 47.68 -21.97
CA SER A 5 -6.97 47.65 -21.15
C SER A 5 -6.80 46.28 -20.50
N SER A 6 -5.62 46.04 -19.94
CA SER A 6 -5.33 44.77 -19.29
C SER A 6 -4.31 44.95 -18.17
N GLY A 7 -4.12 43.90 -17.37
CA GLY A 7 -3.17 43.96 -16.28
C GLY A 7 -3.32 42.81 -15.30
N LEU A 8 -3.24 41.59 -15.82
CA LEU A 8 -3.39 40.40 -14.98
C LEU A 8 -3.12 39.14 -15.79
N LYS A 9 -1.99 38.50 -15.54
CA LYS A 9 -1.62 37.28 -16.25
C LYS A 9 -0.71 36.41 -15.38
N ARG A 10 -1.04 35.13 -15.29
CA ARG A 10 -0.25 34.19 -14.49
C ARG A 10 -0.75 32.76 -14.68
N ASP A 11 0.08 31.80 -14.30
CA ASP A 11 -0.28 30.39 -14.43
C ASP A 11 -0.47 29.75 -13.05
N PHE A 12 0.60 29.68 -12.28
CA PHE A 12 0.55 29.10 -10.95
C PHE A 12 1.89 29.27 -10.23
N ILE A 13 1.91 28.95 -8.95
CA ILE A 13 3.12 29.06 -8.14
C ILE A 13 3.18 27.97 -7.07
N ILE A 14 4.35 27.35 -6.94
CA ILE A 14 4.54 26.29 -5.96
C ILE A 14 5.50 26.73 -4.85
N LEU A 15 5.18 26.36 -3.62
CA LEU A 15 6.00 26.72 -2.47
C LEU A 15 6.07 25.57 -1.47
N GLY A 16 7.28 25.04 -1.26
CA GLY A 16 7.45 23.95 -0.32
C GLY A 16 8.42 22.90 -0.83
N ASN A 17 9.71 23.11 -0.59
CA ASN A 17 10.73 22.18 -1.03
C ASN A 17 11.95 22.23 -0.10
N GLY A 18 12.15 21.16 0.66
CA GLY A 18 13.28 21.10 1.57
C GLY A 18 13.63 19.68 1.97
N PRO A 19 14.58 19.54 2.90
CA PRO A 19 15.03 18.23 3.38
C PRO A 19 13.97 17.53 4.23
N ARG A 20 14.29 16.34 4.70
CA ARG A 20 13.37 15.56 5.52
C ARG A 20 14.00 15.18 6.86
N LEU A 21 13.39 15.64 7.94
CA LEU A 21 13.90 15.36 9.29
C LEU A 21 13.37 14.02 9.79
N GLN A 22 12.22 13.61 9.28
CA GLN A 22 11.62 12.34 9.67
C GLN A 22 10.46 11.97 8.75
N ASN A 23 10.48 10.74 8.26
CA ASN A 23 9.43 10.26 7.35
C ASN A 23 8.63 9.13 8.00
N SER A 24 9.32 8.02 8.27
CA SER A 24 8.67 6.86 8.87
C SER A 24 7.23 6.72 8.40
N THR A 25 7.01 6.96 7.11
CA THR A 25 5.68 6.87 6.53
C THR A 25 5.11 5.46 6.68
N TYR A 26 3.81 5.38 6.96
CA TYR A 26 3.15 4.10 7.13
C TYR A 26 2.64 3.57 5.80
N GLN A 27 3.20 2.45 5.35
CA GLN A 27 2.80 1.85 4.08
C GLN A 27 1.64 0.88 4.29
N CYS A 28 0.52 1.18 3.65
CA CYS A 28 -0.68 0.34 3.77
C CYS A 28 -0.51 -0.96 2.97
N LYS A 29 -1.30 -1.96 3.31
CA LYS A 29 -1.25 -3.25 2.64
C LYS A 29 -2.51 -3.50 1.83
N HIS A 30 -3.51 -2.65 2.02
CA HIS A 30 -4.78 -2.77 1.31
C HIS A 30 -4.73 -2.02 -0.03
N CYS A 31 -4.24 -0.79 0.02
CA CYS A 31 -4.15 0.03 -1.18
C CYS A 31 -2.69 0.37 -1.50
N ASP A 32 -1.81 0.10 -0.54
CA ASP A 32 -0.38 0.37 -0.72
C ASP A 32 -0.12 1.87 -0.80
N SER A 33 -0.79 2.63 0.06
CA SER A 33 -0.62 4.08 0.09
C SER A 33 0.49 4.49 1.04
N LYS A 34 0.64 5.79 1.24
CA LYS A 34 1.67 6.32 2.13
C LYS A 34 1.08 7.32 3.12
N LEU A 35 1.28 7.07 4.40
CA LEU A 35 0.76 7.95 5.44
C LEU A 35 1.89 8.44 6.35
N GLN A 36 1.63 9.54 7.06
CA GLN A 36 2.62 10.10 7.95
C GLN A 36 2.98 9.13 9.07
N SER A 37 1.96 8.75 9.85
CA SER A 37 2.17 7.81 10.96
C SER A 37 0.90 7.03 11.25
N THR A 38 0.98 6.10 12.20
CA THR A 38 -0.16 5.28 12.57
C THR A 38 -1.41 6.14 12.78
N ALA A 39 -1.22 7.32 13.36
CA ALA A 39 -2.33 8.23 13.61
C ALA A 39 -3.17 8.44 12.35
N GLU A 40 -2.49 8.54 11.21
CA GLU A 40 -3.17 8.74 9.93
C GLU A 40 -3.83 7.45 9.45
N LEU A 41 -3.13 6.33 9.65
CA LEU A 41 -3.64 5.02 9.24
C LEU A 41 -4.95 4.70 9.96
N THR A 42 -5.01 5.03 11.25
CA THR A 42 -6.20 4.78 12.04
C THR A 42 -7.45 5.37 11.38
N SER A 43 -7.28 6.52 10.74
CA SER A 43 -8.38 7.19 10.07
C SER A 43 -8.53 6.70 8.64
N HIS A 44 -7.40 6.55 7.95
CA HIS A 44 -7.39 6.08 6.57
C HIS A 44 -8.04 4.70 6.46
N LEU A 45 -7.50 3.74 7.21
CA LEU A 45 -8.02 2.38 7.20
C LEU A 45 -9.53 2.38 7.28
N ASN A 46 -10.08 3.15 8.22
CA ASN A 46 -11.52 3.23 8.40
C ASN A 46 -12.24 3.25 7.06
N ILE A 47 -11.69 4.01 6.11
CA ILE A 47 -12.27 4.12 4.78
C ILE A 47 -12.54 2.74 4.18
N HIS A 48 -11.53 1.87 4.23
CA HIS A 48 -11.65 0.53 3.71
C HIS A 48 -12.86 -0.18 4.29
N ASN A 49 -13.01 -0.11 5.61
CA ASN A 49 -14.13 -0.74 6.30
C ASN A 49 -15.46 -0.22 5.77
N GLU A 50 -15.72 1.06 6.01
CA GLU A 50 -16.95 1.69 5.55
C GLU A 50 -17.28 1.29 4.11
N GLU A 51 -16.33 1.55 3.21
CA GLU A 51 -16.51 1.22 1.80
C GLU A 51 -16.85 -0.26 1.63
N PHE A 52 -16.13 -1.11 2.35
CA PHE A 52 -16.37 -2.55 2.28
C PHE A 52 -17.85 -2.88 2.39
N GLN A 53 -18.53 -2.22 3.33
CA GLN A 53 -19.95 -2.43 3.54
C GLN A 53 -20.77 -1.74 2.45
N LYS A 54 -20.56 -0.44 2.29
CA LYS A 54 -21.27 0.34 1.29
C LYS A 54 -21.35 -0.42 -0.04
N ARG A 55 -20.19 -0.88 -0.51
CA ARG A 55 -20.13 -1.62 -1.77
C ARG A 55 -20.46 -3.10 -1.55
N ALA A 56 -19.91 -3.67 -0.49
CA ALA A 56 -20.14 -5.07 -0.18
C ALA A 56 -19.70 -5.98 -1.32
N LYS A 57 -18.63 -5.59 -1.99
CA LYS A 57 -18.10 -6.37 -3.11
C LYS A 57 -16.68 -6.85 -2.81
N ARG A 58 -16.47 -8.15 -2.90
CA ARG A 58 -15.16 -8.74 -2.64
C ARG A 58 -14.25 -8.58 -3.86
N GLN A 59 -12.96 -8.40 -3.60
CA GLN A 59 -11.98 -8.23 -4.68
C GLN A 59 -12.36 -7.06 -5.58
N GLU A 60 -12.79 -5.96 -4.96
CA GLU A 60 -13.18 -4.78 -5.72
C GLU A 60 -13.00 -3.51 -4.88
N ARG A 61 -11.97 -2.75 -5.18
CA ARG A 61 -11.69 -1.51 -4.45
C ARG A 61 -11.09 -0.46 -5.37
N ARG A 62 -11.48 0.80 -5.16
CA ARG A 62 -10.99 1.90 -5.97
C ARG A 62 -11.18 3.24 -5.25
N LYS A 63 -10.19 4.12 -5.40
CA LYS A 63 -10.26 5.44 -4.76
C LYS A 63 -9.07 6.29 -5.19
N GLN A 64 -9.37 7.48 -5.72
CA GLN A 64 -8.33 8.40 -6.17
C GLN A 64 -8.85 9.83 -6.20
N LEU A 65 -8.42 10.63 -5.25
CA LEU A 65 -8.83 12.03 -5.16
C LEU A 65 -7.82 12.86 -4.39
N LEU A 66 -7.37 13.96 -5.01
CA LEU A 66 -6.38 14.84 -4.38
C LEU A 66 -6.75 15.09 -2.92
N SER A 67 -5.83 14.73 -2.02
CA SER A 67 -6.05 14.93 -0.59
C SER A 67 -5.60 16.32 -0.15
N LYS A 68 -6.47 17.02 0.56
CA LYS A 68 -6.17 18.35 1.05
C LYS A 68 -5.36 18.29 2.35
N GLN A 69 -4.79 19.43 2.74
CA GLN A 69 -4.01 19.50 3.97
C GLN A 69 -4.90 19.60 5.19
N LYS A 70 -4.31 19.55 6.37
CA LYS A 70 -5.05 19.62 7.62
C LYS A 70 -4.92 21.01 8.24
N TYR A 71 -3.73 21.60 8.12
CA TYR A 71 -3.47 22.92 8.68
C TYR A 71 -3.61 23.99 7.61
N ALA A 72 -4.60 23.83 6.73
CA ALA A 72 -4.84 24.78 5.65
C ALA A 72 -5.12 26.17 6.21
N ASP A 73 -6.12 26.27 7.07
CA ASP A 73 -6.48 27.53 7.68
C ASP A 73 -6.24 27.52 9.18
N GLY A 74 -6.60 26.41 9.83
CA GLY A 74 -6.41 26.29 11.26
C GLY A 74 -5.02 26.74 11.70
N ALA A 75 -4.11 25.78 11.84
CA ALA A 75 -2.76 26.09 12.27
C ALA A 75 -2.00 26.85 11.18
N PHE A 76 -1.70 28.12 11.46
CA PHE A 76 -0.99 28.96 10.49
C PHE A 76 0.16 29.69 11.18
N ALA A 77 1.36 29.11 11.07
CA ALA A 77 2.55 29.72 11.67
C ALA A 77 3.67 29.86 10.64
N ASP A 78 4.75 30.53 11.03
CA ASP A 78 5.88 30.75 10.15
C ASP A 78 7.17 30.26 10.80
N PHE A 79 8.26 30.31 10.05
CA PHE A 79 9.56 29.87 10.54
C PHE A 79 10.69 30.30 9.60
N LYS A 80 11.83 30.65 10.17
CA LYS A 80 12.98 31.07 9.37
C LYS A 80 13.71 29.87 8.79
N GLN A 81 14.40 30.08 7.67
CA GLN A 81 15.14 29.02 7.02
C GLN A 81 16.58 29.44 6.76
N GLU A 82 17.46 28.45 6.59
CA GLU A 82 18.88 28.73 6.34
C GLU A 82 19.47 27.68 5.42
N SER A 83 20.40 28.11 4.57
CA SER A 83 21.05 27.20 3.62
C SER A 83 22.56 27.20 3.83
N GLY A 84 23.16 28.39 3.83
CA GLY A 84 24.59 28.50 4.02
C GLY A 84 25.35 28.47 2.71
N PRO A 85 26.21 29.48 2.49
CA PRO A 85 27.01 29.58 1.27
C PRO A 85 28.10 28.52 1.19
N SER A 86 28.86 28.52 0.10
CA SER A 86 29.92 27.56 -0.10
C SER A 86 31.04 28.14 -0.95
N SER A 87 32.26 27.64 -0.75
CA SER A 87 33.41 28.13 -1.49
C SER A 87 34.57 27.14 -1.39
N GLY A 88 35.58 27.33 -2.24
CA GLY A 88 36.73 26.44 -2.23
C GLY A 88 37.02 25.85 -3.59
ZN ZN B . -5.07 1.50 2.50
N GLY A 1 58.67 -0.19 -45.71
CA GLY A 1 58.03 0.52 -44.61
C GLY A 1 57.02 -0.33 -43.88
N SER A 2 56.88 -0.10 -42.58
CA SER A 2 55.93 -0.86 -41.76
C SER A 2 55.20 0.06 -40.78
N SER A 3 54.04 -0.38 -40.33
CA SER A 3 53.24 0.40 -39.38
C SER A 3 52.56 -0.51 -38.37
N GLY A 4 52.06 0.09 -37.28
CA GLY A 4 51.41 -0.68 -36.24
C GLY A 4 51.18 0.13 -34.98
N SER A 5 50.09 -0.17 -34.27
CA SER A 5 49.76 0.53 -33.05
C SER A 5 48.65 -0.18 -32.29
N SER A 6 48.65 -0.03 -30.97
CA SER A 6 47.64 -0.67 -30.12
C SER A 6 47.24 0.24 -28.97
N GLY A 7 46.09 -0.05 -28.37
CA GLY A 7 45.61 0.75 -27.26
C GLY A 7 44.16 1.14 -27.41
N LEU A 8 43.26 0.24 -27.02
CA LEU A 8 41.82 0.49 -27.11
C LEU A 8 41.18 0.51 -25.74
N LYS A 9 41.46 -0.51 -24.94
CA LYS A 9 40.93 -0.62 -23.59
C LYS A 9 40.86 0.75 -22.92
N ARG A 10 39.72 1.07 -22.32
CA ARG A 10 39.54 2.34 -21.65
C ARG A 10 38.27 2.33 -20.80
N ASP A 11 38.31 3.04 -19.68
CA ASP A 11 37.16 3.12 -18.78
C ASP A 11 37.06 4.50 -18.13
N PHE A 12 36.00 4.71 -17.36
CA PHE A 12 35.79 5.99 -16.69
C PHE A 12 35.17 5.78 -15.31
N ILE A 13 35.00 6.87 -14.57
CA ILE A 13 34.42 6.80 -13.24
C ILE A 13 33.49 7.99 -12.99
N ILE A 14 32.38 7.72 -12.31
CA ILE A 14 31.40 8.76 -12.01
C ILE A 14 30.75 8.53 -10.65
N LEU A 15 30.58 9.60 -9.89
CA LEU A 15 29.97 9.52 -8.57
C LEU A 15 28.65 10.29 -8.52
N GLY A 16 27.57 9.58 -8.23
CA GLY A 16 26.26 10.22 -8.16
C GLY A 16 25.31 9.50 -7.22
N ASN A 17 24.58 10.26 -6.43
CA ASN A 17 23.62 9.68 -5.49
C ASN A 17 22.53 10.68 -5.14
N GLY A 18 21.39 10.17 -4.66
CA GLY A 18 20.29 11.03 -4.30
C GLY A 18 19.60 10.60 -3.02
N PRO A 19 19.59 11.48 -2.01
CA PRO A 19 18.97 11.19 -0.72
C PRO A 19 17.45 11.13 -0.80
N ARG A 20 16.92 9.91 -0.82
CA ARG A 20 15.48 9.71 -0.90
C ARG A 20 14.80 10.04 0.43
N LEU A 21 13.47 10.09 0.42
CA LEU A 21 12.71 10.40 1.61
C LEU A 21 13.23 9.61 2.81
N GLN A 22 13.82 10.31 3.77
CA GLN A 22 14.35 9.66 4.96
C GLN A 22 13.42 9.87 6.17
N ASN A 23 12.43 9.00 6.29
CA ASN A 23 11.47 9.09 7.37
C ASN A 23 10.70 7.77 7.54
N SER A 24 9.87 7.71 8.57
CA SER A 24 9.08 6.50 8.84
C SER A 24 7.63 6.70 8.42
N THR A 25 7.25 6.07 7.30
CA THR A 25 5.89 6.17 6.79
C THR A 25 5.20 4.81 6.78
N TYR A 26 3.89 4.82 6.63
CA TYR A 26 3.10 3.59 6.61
C TYR A 26 2.55 3.33 5.22
N GLN A 27 3.02 2.27 4.57
CA GLN A 27 2.56 1.92 3.24
C GLN A 27 1.26 1.13 3.30
N CYS A 28 0.16 1.80 2.97
CA CYS A 28 -1.16 1.18 2.98
C CYS A 28 -1.23 0.03 1.97
N LYS A 29 -1.63 -1.14 2.45
CA LYS A 29 -1.75 -2.32 1.58
C LYS A 29 -3.12 -2.38 0.93
N HIS A 30 -3.82 -1.24 0.92
CA HIS A 30 -5.15 -1.17 0.32
C HIS A 30 -5.15 -0.31 -0.93
N CYS A 31 -4.38 0.77 -0.89
CA CYS A 31 -4.28 1.69 -2.03
C CYS A 31 -2.82 2.03 -2.33
N ASP A 32 -1.91 1.47 -1.54
CA ASP A 32 -0.48 1.71 -1.73
C ASP A 32 -0.15 3.17 -1.47
N SER A 33 -0.72 3.74 -0.42
CA SER A 33 -0.49 5.14 -0.07
C SER A 33 0.64 5.26 0.95
N LYS A 34 0.88 6.48 1.41
CA LYS A 34 1.93 6.73 2.40
C LYS A 34 1.42 7.63 3.52
N LEU A 35 1.55 7.17 4.75
CA LEU A 35 1.12 7.94 5.91
C LEU A 35 2.27 8.19 6.87
N GLN A 36 2.10 9.18 7.74
CA GLN A 36 3.13 9.51 8.71
C GLN A 36 3.31 8.40 9.74
N SER A 37 2.26 8.17 10.53
CA SER A 37 2.29 7.14 11.55
C SER A 37 0.95 6.42 11.65
N THR A 38 0.88 5.42 12.52
CA THR A 38 -0.35 4.66 12.71
C THR A 38 -1.55 5.58 12.93
N ALA A 39 -1.38 6.55 13.82
CA ALA A 39 -2.44 7.51 14.12
C ALA A 39 -3.16 7.94 12.84
N GLU A 40 -2.41 8.13 11.77
CA GLU A 40 -2.98 8.55 10.49
C GLU A 40 -3.66 7.37 9.80
N LEU A 41 -3.07 6.19 9.93
CA LEU A 41 -3.63 4.99 9.32
C LEU A 41 -4.96 4.61 9.95
N THR A 42 -5.08 4.86 11.25
CA THR A 42 -6.30 4.55 11.98
C THR A 42 -7.50 5.28 11.38
N SER A 43 -7.24 6.44 10.79
CA SER A 43 -8.29 7.25 10.18
C SER A 43 -8.41 6.96 8.69
N HIS A 44 -7.26 6.81 8.03
CA HIS A 44 -7.23 6.52 6.61
C HIS A 44 -7.90 5.18 6.30
N LEU A 45 -7.57 4.17 7.10
CA LEU A 45 -8.13 2.84 6.93
C LEU A 45 -9.65 2.88 6.96
N ASN A 46 -10.19 3.60 7.93
CA ASN A 46 -11.64 3.72 8.08
C ASN A 46 -12.31 3.94 6.72
N ILE A 47 -11.71 4.81 5.91
CA ILE A 47 -12.25 5.09 4.58
C ILE A 47 -12.58 3.81 3.83
N HIS A 48 -11.72 2.80 4.00
CA HIS A 48 -11.93 1.51 3.33
C HIS A 48 -13.08 0.75 3.96
N ASN A 49 -12.94 0.45 5.25
CA ASN A 49 -13.98 -0.29 5.98
C ASN A 49 -15.37 0.28 5.67
N GLU A 50 -15.52 1.59 5.85
CA GLU A 50 -16.79 2.25 5.60
C GLU A 50 -17.29 1.94 4.19
N GLU A 51 -16.35 1.83 3.24
CA GLU A 51 -16.70 1.54 1.86
C GLU A 51 -17.08 0.06 1.69
N PHE A 52 -16.30 -0.81 2.32
CA PHE A 52 -16.56 -2.25 2.23
C PHE A 52 -18.01 -2.56 2.58
N GLN A 53 -18.53 -1.89 3.60
CA GLN A 53 -19.91 -2.10 4.03
C GLN A 53 -20.86 -2.11 2.83
N LYS A 54 -20.62 -1.20 1.89
CA LYS A 54 -21.45 -1.09 0.70
C LYS A 54 -21.27 -2.32 -0.19
N ARG A 55 -20.03 -2.75 -0.36
CA ARG A 55 -19.74 -3.92 -1.18
C ARG A 55 -20.45 -5.15 -0.66
N ALA A 56 -20.49 -5.31 0.66
CA ALA A 56 -21.15 -6.44 1.29
C ALA A 56 -22.64 -6.19 1.47
N LYS A 57 -23.23 -5.52 0.48
CA LYS A 57 -24.66 -5.21 0.54
C LYS A 57 -25.48 -6.45 0.85
N ARG A 58 -26.69 -6.25 1.36
CA ARG A 58 -27.56 -7.35 1.72
C ARG A 58 -27.86 -8.22 0.49
N GLN A 59 -28.13 -9.50 0.73
CA GLN A 59 -28.42 -10.43 -0.35
C GLN A 59 -29.08 -11.69 0.19
N GLU A 60 -29.54 -12.55 -0.72
CA GLU A 60 -30.19 -13.80 -0.34
C GLU A 60 -29.16 -14.91 -0.12
N ARG A 61 -27.99 -14.52 0.39
CA ARG A 61 -26.92 -15.48 0.65
C ARG A 61 -26.34 -15.29 2.03
N ARG A 62 -27.20 -14.98 2.99
CA ARG A 62 -26.78 -14.76 4.37
C ARG A 62 -27.75 -15.41 5.35
N LYS A 63 -27.45 -15.30 6.65
CA LYS A 63 -28.29 -15.87 7.68
C LYS A 63 -27.79 -15.49 9.07
N GLN A 64 -28.71 -15.13 9.95
CA GLN A 64 -28.35 -14.74 11.32
C GLN A 64 -29.60 -14.58 12.18
N LEU A 65 -29.40 -14.54 13.49
CA LEU A 65 -30.51 -14.39 14.43
C LEU A 65 -30.09 -13.54 15.63
N LEU A 66 -31.09 -12.98 16.31
CA LEU A 66 -30.83 -12.14 17.48
C LEU A 66 -31.07 -12.91 18.77
N SER A 67 -30.64 -12.33 19.89
CA SER A 67 -30.81 -12.96 21.20
C SER A 67 -31.24 -11.94 22.24
N LYS A 68 -31.60 -12.43 23.42
CA LYS A 68 -32.03 -11.56 24.51
C LYS A 68 -32.11 -12.34 25.83
N GLN A 69 -31.82 -11.67 26.93
CA GLN A 69 -31.85 -12.28 28.25
C GLN A 69 -31.73 -11.25 29.35
N LYS A 70 -32.37 -11.51 30.48
CA LYS A 70 -32.35 -10.59 31.61
C LYS A 70 -32.89 -11.25 32.87
N TYR A 71 -32.18 -11.07 33.98
CA TYR A 71 -32.60 -11.66 35.25
C TYR A 71 -32.29 -10.72 36.42
N ALA A 72 -33.01 -10.89 37.51
CA ALA A 72 -32.81 -10.05 38.70
C ALA A 72 -33.62 -10.58 39.87
N ASP A 73 -33.21 -10.20 41.08
CA ASP A 73 -33.90 -10.63 42.29
C ASP A 73 -34.40 -9.44 43.09
N GLY A 74 -33.48 -8.55 43.47
CA GLY A 74 -33.85 -7.37 44.22
C GLY A 74 -34.01 -7.66 45.71
N ALA A 75 -33.94 -6.62 46.52
CA ALA A 75 -34.08 -6.77 47.96
C ALA A 75 -34.75 -5.55 48.59
N PHE A 76 -34.97 -5.60 49.90
CA PHE A 76 -35.61 -4.49 50.61
C PHE A 76 -34.68 -3.96 51.71
N ALA A 77 -34.36 -4.83 52.66
CA ALA A 77 -33.50 -4.45 53.77
C ALA A 77 -33.17 -5.65 54.65
N ASP A 78 -32.28 -5.45 55.62
CA ASP A 78 -31.88 -6.52 56.53
C ASP A 78 -31.08 -5.96 57.70
N PHE A 79 -31.66 -6.05 58.90
CA PHE A 79 -31.00 -5.55 60.10
C PHE A 79 -31.11 -6.56 61.23
N LYS A 80 -29.97 -6.97 61.78
CA LYS A 80 -29.93 -7.94 62.87
C LYS A 80 -28.70 -7.72 63.74
N GLN A 81 -28.81 -8.09 65.02
CA GLN A 81 -27.70 -7.94 65.96
C GLN A 81 -27.79 -8.98 67.06
N GLU A 82 -26.64 -9.29 67.67
CA GLU A 82 -26.59 -10.27 68.74
C GLU A 82 -25.18 -10.32 69.35
N SER A 83 -25.05 -11.05 70.45
CA SER A 83 -23.78 -11.18 71.14
C SER A 83 -22.98 -12.35 70.57
N GLY A 84 -21.68 -12.39 70.88
CA GLY A 84 -20.83 -13.45 70.39
C GLY A 84 -19.45 -13.41 71.00
N PRO A 85 -18.87 -14.59 71.27
CA PRO A 85 -17.53 -14.71 71.86
C PRO A 85 -16.44 -14.29 70.89
N SER A 86 -15.20 -14.27 71.38
CA SER A 86 -14.06 -13.89 70.55
C SER A 86 -12.77 -14.53 71.08
N SER A 87 -12.17 -15.38 70.26
CA SER A 87 -10.94 -16.07 70.62
C SER A 87 -10.35 -16.81 69.43
N GLY A 88 -9.11 -16.47 69.08
CA GLY A 88 -8.45 -17.11 67.95
C GLY A 88 -7.26 -16.32 67.45
ZN ZN B . -5.42 2.70 1.73
N GLY A 1 61.52 7.67 -37.29
CA GLY A 1 60.61 7.77 -36.17
C GLY A 1 59.17 7.95 -36.60
N SER A 2 58.35 8.51 -35.71
CA SER A 2 56.94 8.74 -36.00
C SER A 2 56.35 9.78 -35.06
N SER A 3 55.13 10.22 -35.36
CA SER A 3 54.45 11.22 -34.54
C SER A 3 52.98 10.85 -34.34
N GLY A 4 52.27 11.68 -33.57
CA GLY A 4 50.87 11.42 -33.32
C GLY A 4 50.62 10.94 -31.90
N SER A 5 49.42 11.23 -31.38
CA SER A 5 49.07 10.82 -30.03
C SER A 5 47.55 10.83 -29.85
N SER A 6 47.08 10.13 -28.82
CA SER A 6 45.66 10.06 -28.54
C SER A 6 45.39 10.21 -27.05
N GLY A 7 44.13 10.47 -26.70
CA GLY A 7 43.76 10.63 -25.30
C GLY A 7 42.34 11.13 -25.13
N LEU A 8 41.86 11.12 -23.89
CA LEU A 8 40.50 11.56 -23.59
C LEU A 8 40.27 11.62 -22.08
N LYS A 9 39.93 12.81 -21.59
CA LYS A 9 39.68 13.01 -20.17
C LYS A 9 38.58 12.05 -19.68
N ARG A 10 38.75 11.58 -18.45
CA ARG A 10 37.78 10.65 -17.86
C ARG A 10 37.27 11.19 -16.52
N ASP A 11 36.34 10.45 -15.92
CA ASP A 11 35.77 10.84 -14.63
C ASP A 11 35.25 9.63 -13.87
N PHE A 12 35.02 9.81 -12.57
CA PHE A 12 34.53 8.73 -11.73
C PHE A 12 33.05 8.92 -11.39
N ILE A 13 32.45 7.92 -10.77
CA ILE A 13 31.05 7.98 -10.39
C ILE A 13 30.80 7.28 -9.06
N ILE A 14 29.75 7.69 -8.36
CA ILE A 14 29.40 7.10 -7.08
C ILE A 14 28.00 6.50 -7.12
N LEU A 15 27.83 5.38 -6.43
CA LEU A 15 26.53 4.70 -6.38
C LEU A 15 25.93 4.79 -4.97
N GLY A 16 26.26 5.86 -4.26
CA GLY A 16 25.74 6.03 -2.91
C GLY A 16 24.33 5.52 -2.76
N ASN A 17 24.09 4.70 -1.74
CA ASN A 17 22.77 4.14 -1.49
C ASN A 17 21.94 5.07 -0.61
N GLY A 18 22.46 5.38 0.58
CA GLY A 18 21.75 6.26 1.49
C GLY A 18 20.44 5.65 1.98
N PRO A 19 19.90 6.22 3.06
CA PRO A 19 18.64 5.76 3.64
C PRO A 19 17.43 6.07 2.75
N ARG A 20 16.54 5.09 2.63
CA ARG A 20 15.35 5.26 1.81
C ARG A 20 14.24 5.97 2.59
N LEU A 21 13.82 5.34 3.69
CA LEU A 21 12.76 5.91 4.53
C LEU A 21 13.35 6.55 5.78
N GLN A 22 13.27 7.86 5.87
CA GLN A 22 13.80 8.59 7.02
C GLN A 22 12.66 9.14 7.88
N ASN A 23 11.49 9.30 7.27
CA ASN A 23 10.32 9.83 7.97
C ASN A 23 9.45 8.69 8.50
N SER A 24 10.05 7.52 8.66
CA SER A 24 9.33 6.35 9.16
C SER A 24 7.89 6.34 8.65
N THR A 25 7.72 6.72 7.39
CA THR A 25 6.40 6.75 6.78
C THR A 25 5.79 5.37 6.71
N TYR A 26 4.48 5.28 6.94
CA TYR A 26 3.77 4.00 6.90
C TYR A 26 3.39 3.64 5.47
N GLN A 27 3.21 2.34 5.23
CA GLN A 27 2.85 1.85 3.90
C GLN A 27 1.54 1.06 3.96
N CYS A 28 0.45 1.68 3.52
CA CYS A 28 -0.85 1.02 3.52
C CYS A 28 -0.82 -0.26 2.70
N LYS A 29 -1.17 -1.37 3.33
CA LYS A 29 -1.18 -2.66 2.65
C LYS A 29 -2.55 -2.95 2.03
N HIS A 30 -3.22 -1.89 1.58
CA HIS A 30 -4.53 -2.02 0.97
C HIS A 30 -4.58 -1.30 -0.37
N CYS A 31 -3.96 -0.13 -0.43
CA CYS A 31 -3.93 0.66 -1.66
C CYS A 31 -2.49 1.00 -2.05
N ASP A 32 -1.56 0.72 -1.16
CA ASP A 32 -0.15 1.00 -1.40
C ASP A 32 0.15 2.50 -1.30
N SER A 33 -0.37 3.11 -0.25
CA SER A 33 -0.18 4.55 -0.04
C SER A 33 0.87 4.80 1.04
N LYS A 34 1.05 6.07 1.40
CA LYS A 34 2.02 6.43 2.43
C LYS A 34 1.40 7.40 3.43
N LEU A 35 1.55 7.09 4.71
CA LEU A 35 1.00 7.93 5.77
C LEU A 35 2.10 8.32 6.77
N GLN A 36 1.83 9.36 7.55
CA GLN A 36 2.78 9.83 8.55
C GLN A 36 2.99 8.78 9.65
N SER A 37 1.88 8.24 10.16
CA SER A 37 1.94 7.23 11.20
C SER A 37 0.55 6.67 11.50
N THR A 38 0.47 5.77 12.47
CA THR A 38 -0.79 5.17 12.86
C THR A 38 -1.92 6.19 12.86
N ALA A 39 -1.79 7.20 13.72
CA ALA A 39 -2.78 8.25 13.82
C ALA A 39 -3.47 8.50 12.47
N GLU A 40 -2.68 8.40 11.40
CA GLU A 40 -3.21 8.63 10.06
C GLU A 40 -3.79 7.34 9.48
N LEU A 41 -3.08 6.23 9.69
CA LEU A 41 -3.53 4.93 9.20
C LEU A 41 -4.87 4.55 9.80
N THR A 42 -4.97 4.63 11.12
CA THR A 42 -6.20 4.30 11.83
C THR A 42 -7.40 4.93 11.16
N SER A 43 -7.23 6.16 10.67
CA SER A 43 -8.31 6.89 10.00
C SER A 43 -8.42 6.47 8.55
N HIS A 44 -7.30 6.54 7.83
CA HIS A 44 -7.28 6.18 6.42
C HIS A 44 -7.93 4.82 6.20
N LEU A 45 -7.73 3.91 7.16
CA LEU A 45 -8.30 2.57 7.07
C LEU A 45 -9.82 2.62 7.09
N ASN A 46 -10.37 3.43 7.99
CA ASN A 46 -11.81 3.58 8.11
C ASN A 46 -12.46 3.75 6.74
N ILE A 47 -11.78 4.48 5.86
CA ILE A 47 -12.29 4.72 4.52
C ILE A 47 -12.48 3.41 3.75
N HIS A 48 -11.56 2.47 3.98
CA HIS A 48 -11.63 1.17 3.31
C HIS A 48 -12.78 0.33 3.86
N ASN A 49 -12.83 0.21 5.18
CA ASN A 49 -13.88 -0.57 5.84
C ASN A 49 -15.26 -0.06 5.43
N GLU A 50 -15.47 1.24 5.61
CA GLU A 50 -16.75 1.85 5.27
C GLU A 50 -17.18 1.46 3.85
N GLU A 51 -16.20 1.31 2.97
CA GLU A 51 -16.47 0.94 1.59
C GLU A 51 -16.93 -0.51 1.48
N PHE A 52 -16.19 -1.42 2.11
CA PHE A 52 -16.51 -2.83 2.09
C PHE A 52 -17.92 -3.07 2.62
N GLN A 53 -18.27 -2.39 3.70
CA GLN A 53 -19.59 -2.53 4.30
C GLN A 53 -20.67 -2.01 3.36
N LYS A 54 -20.50 -0.77 2.90
CA LYS A 54 -21.46 -0.16 1.99
C LYS A 54 -21.56 -0.94 0.69
N ARG A 55 -20.45 -1.01 -0.03
CA ARG A 55 -20.42 -1.73 -1.31
C ARG A 55 -21.24 -3.01 -1.22
N ALA A 56 -21.27 -3.62 -0.05
CA ALA A 56 -22.01 -4.85 0.17
C ALA A 56 -23.48 -4.55 0.46
N LYS A 57 -24.06 -3.65 -0.31
CA LYS A 57 -25.47 -3.28 -0.15
C LYS A 57 -26.32 -3.81 -1.29
N ARG A 58 -26.00 -3.40 -2.51
CA ARG A 58 -26.73 -3.84 -3.69
C ARG A 58 -25.91 -4.85 -4.49
N GLN A 59 -26.60 -5.66 -5.29
CA GLN A 59 -25.95 -6.66 -6.10
C GLN A 59 -24.82 -6.05 -6.93
N GLU A 60 -23.61 -6.56 -6.74
CA GLU A 60 -22.44 -6.06 -7.47
C GLU A 60 -22.02 -7.04 -8.57
N ARG A 61 -21.36 -6.51 -9.60
CA ARG A 61 -20.90 -7.35 -10.70
C ARG A 61 -19.74 -8.23 -10.27
N ARG A 62 -19.37 -9.17 -11.13
CA ARG A 62 -18.27 -10.08 -10.84
C ARG A 62 -16.93 -9.36 -10.85
N LYS A 63 -15.84 -10.12 -10.70
CA LYS A 63 -14.51 -9.55 -10.71
C LYS A 63 -14.30 -8.64 -11.92
N GLN A 64 -13.08 -8.14 -12.07
CA GLN A 64 -12.75 -7.26 -13.20
C GLN A 64 -11.68 -7.89 -14.09
N LEU A 65 -11.63 -7.45 -15.34
CA LEU A 65 -10.66 -7.98 -16.29
C LEU A 65 -9.28 -7.36 -16.04
N LEU A 66 -8.24 -8.05 -16.52
CA LEU A 66 -6.87 -7.57 -16.36
C LEU A 66 -6.26 -7.23 -17.71
N SER A 67 -5.10 -6.55 -17.68
CA SER A 67 -4.40 -6.17 -18.90
C SER A 67 -2.89 -6.15 -18.68
N LYS A 68 -2.14 -6.29 -19.77
CA LYS A 68 -0.70 -6.29 -19.71
C LYS A 68 -0.12 -4.96 -20.21
N GLN A 69 1.19 -4.83 -20.15
CA GLN A 69 1.86 -3.62 -20.61
C GLN A 69 3.22 -3.93 -21.22
N LYS A 70 3.67 -3.07 -22.13
CA LYS A 70 4.95 -3.27 -22.80
C LYS A 70 5.41 -1.97 -23.48
N TYR A 71 6.71 -1.74 -23.46
CA TYR A 71 7.28 -0.55 -24.08
C TYR A 71 8.68 -0.82 -24.63
N ALA A 72 9.25 0.17 -25.30
CA ALA A 72 10.57 0.04 -25.88
C ALA A 72 11.37 1.33 -25.73
N ASP A 73 12.63 1.29 -26.15
CA ASP A 73 13.50 2.46 -26.06
C ASP A 73 13.91 2.94 -27.45
N GLY A 74 14.71 2.12 -28.14
CA GLY A 74 15.16 2.47 -29.47
C GLY A 74 16.65 2.30 -29.64
N ALA A 75 17.22 3.02 -30.60
CA ALA A 75 18.66 2.94 -30.87
C ALA A 75 19.08 3.97 -31.90
N PHE A 76 20.38 4.07 -32.13
CA PHE A 76 20.93 5.01 -33.11
C PHE A 76 22.35 4.63 -33.50
N ALA A 77 22.90 5.33 -34.49
CA ALA A 77 24.25 5.08 -34.96
C ALA A 77 24.71 6.16 -35.92
N ASP A 78 25.99 6.12 -36.28
CA ASP A 78 26.55 7.10 -37.20
C ASP A 78 27.78 6.54 -37.92
N PHE A 79 28.26 7.25 -38.93
CA PHE A 79 29.41 6.82 -39.70
C PHE A 79 30.28 8.01 -40.09
N LYS A 80 31.43 7.73 -40.69
CA LYS A 80 32.35 8.77 -41.11
C LYS A 80 32.96 8.45 -42.47
N GLN A 81 33.36 9.49 -43.21
CA GLN A 81 33.96 9.31 -44.52
C GLN A 81 35.09 10.30 -44.74
N GLU A 82 36.06 9.92 -45.57
CA GLU A 82 37.19 10.78 -45.87
C GLU A 82 37.37 10.95 -47.38
N SER A 83 38.28 11.84 -47.76
CA SER A 83 38.54 12.11 -49.17
C SER A 83 39.74 13.02 -49.34
N GLY A 84 40.47 12.85 -50.44
CA GLY A 84 41.64 13.67 -50.70
C GLY A 84 42.02 13.69 -52.17
N PRO A 85 41.17 14.34 -52.99
CA PRO A 85 41.40 14.44 -54.44
C PRO A 85 42.58 15.35 -54.77
N SER A 86 42.94 15.40 -56.05
CA SER A 86 44.05 16.23 -56.50
C SER A 86 43.68 17.01 -57.77
N SER A 87 43.95 18.30 -57.76
CA SER A 87 43.65 19.15 -58.92
C SER A 87 44.84 19.24 -59.86
N GLY A 88 45.93 19.82 -59.37
CA GLY A 88 47.12 19.96 -60.19
C GLY A 88 46.89 20.81 -61.42
ZN ZN B . -5.06 2.45 1.90
N GLY A 1 56.80 27.09 -2.75
CA GLY A 1 56.49 26.56 -1.43
C GLY A 1 57.44 25.46 -1.01
N SER A 2 57.22 24.25 -1.52
CA SER A 2 58.07 23.11 -1.19
C SER A 2 59.07 22.85 -2.30
N SER A 3 59.94 21.87 -2.08
CA SER A 3 60.97 21.51 -3.07
C SER A 3 60.38 20.62 -4.15
N GLY A 4 59.70 19.56 -3.73
CA GLY A 4 59.09 18.64 -4.68
C GLY A 4 58.02 19.28 -5.52
N SER A 5 57.54 18.56 -6.53
CA SER A 5 56.50 19.08 -7.41
C SER A 5 55.31 19.60 -6.61
N SER A 6 54.65 20.62 -7.14
CA SER A 6 53.49 21.21 -6.47
C SER A 6 52.26 21.17 -7.38
N GLY A 7 51.08 21.30 -6.77
CA GLY A 7 49.85 21.27 -7.54
C GLY A 7 49.03 20.02 -7.27
N LEU A 8 48.97 19.13 -8.26
CA LEU A 8 48.21 17.89 -8.13
C LEU A 8 46.77 18.17 -7.76
N LYS A 9 46.15 19.10 -8.48
CA LYS A 9 44.76 19.46 -8.23
C LYS A 9 43.93 18.23 -7.90
N ARG A 10 42.91 18.41 -7.05
CA ARG A 10 42.04 17.31 -6.65
C ARG A 10 40.85 17.82 -5.85
N ASP A 11 39.87 16.95 -5.64
CA ASP A 11 38.67 17.31 -4.90
C ASP A 11 38.56 16.51 -3.61
N PHE A 12 37.86 17.07 -2.63
CA PHE A 12 37.68 16.40 -1.35
C PHE A 12 36.26 15.84 -1.21
N ILE A 13 36.17 14.61 -0.71
CA ILE A 13 34.87 13.96 -0.53
C ILE A 13 34.43 14.03 0.93
N ILE A 14 33.14 14.31 1.14
CA ILE A 14 32.60 14.40 2.48
C ILE A 14 31.50 13.35 2.70
N LEU A 15 31.74 12.44 3.64
CA LEU A 15 30.78 11.39 3.94
C LEU A 15 30.13 11.63 5.30
N GLY A 16 29.14 12.51 5.33
CA GLY A 16 28.45 12.81 6.57
C GLY A 16 27.17 13.59 6.36
N ASN A 17 26.36 13.15 5.39
CA ASN A 17 25.10 13.80 5.08
C ASN A 17 23.93 12.85 5.27
N GLY A 18 23.28 12.94 6.44
CA GLY A 18 22.14 12.08 6.73
C GLY A 18 21.29 12.62 7.85
N PRO A 19 20.59 13.73 7.58
CA PRO A 19 19.70 14.36 8.57
C PRO A 19 18.46 13.54 8.86
N ARG A 20 18.35 12.40 8.18
CA ARG A 20 17.20 11.52 8.37
C ARG A 20 17.10 11.05 9.82
N LEU A 21 16.34 11.79 10.62
CA LEU A 21 16.16 11.45 12.02
C LEU A 21 14.78 10.85 12.27
N GLN A 22 13.75 11.63 11.99
CA GLN A 22 12.37 11.17 12.18
C GLN A 22 11.59 11.25 10.87
N ASN A 23 11.91 10.35 9.95
CA ASN A 23 11.23 10.32 8.66
C ASN A 23 10.72 8.92 8.34
N SER A 24 9.58 8.56 8.94
CA SER A 24 8.99 7.25 8.74
C SER A 24 7.62 7.37 8.09
N THR A 25 7.31 6.43 7.19
CA THR A 25 6.03 6.43 6.49
C THR A 25 5.41 5.04 6.48
N TYR A 26 4.09 4.99 6.64
CA TYR A 26 3.37 3.72 6.65
C TYR A 26 2.85 3.37 5.25
N GLN A 27 3.22 2.18 4.78
CA GLN A 27 2.78 1.73 3.46
C GLN A 27 1.52 0.89 3.56
N CYS A 28 0.37 1.55 3.42
CA CYS A 28 -0.92 0.86 3.49
C CYS A 28 -0.90 -0.42 2.66
N LYS A 29 -1.10 -1.56 3.31
CA LYS A 29 -1.11 -2.84 2.62
C LYS A 29 -2.50 -3.13 2.04
N HIS A 30 -3.19 -2.08 1.64
CA HIS A 30 -4.52 -2.22 1.06
C HIS A 30 -4.62 -1.46 -0.26
N CYS A 31 -4.06 -0.27 -0.30
CA CYS A 31 -4.08 0.55 -1.50
C CYS A 31 -2.67 0.93 -1.94
N ASP A 32 -1.71 0.66 -1.07
CA ASP A 32 -0.31 0.96 -1.37
C ASP A 32 -0.04 2.45 -1.25
N SER A 33 -0.59 3.07 -0.20
CA SER A 33 -0.42 4.49 0.02
C SER A 33 0.71 4.76 1.03
N LYS A 34 0.90 6.02 1.38
CA LYS A 34 1.94 6.40 2.32
C LYS A 34 1.39 7.39 3.36
N LEU A 35 1.46 6.99 4.63
CA LEU A 35 0.98 7.84 5.72
C LEU A 35 2.12 8.23 6.65
N GLN A 36 1.90 9.28 7.43
CA GLN A 36 2.92 9.76 8.36
C GLN A 36 3.11 8.77 9.52
N SER A 37 2.03 8.53 10.26
CA SER A 37 2.09 7.61 11.39
C SER A 37 0.74 6.92 11.60
N THR A 38 0.69 6.00 12.55
CA THR A 38 -0.53 5.27 12.85
C THR A 38 -1.73 6.22 12.94
N ALA A 39 -1.59 7.27 13.74
CA ALA A 39 -2.65 8.25 13.91
C ALA A 39 -3.40 8.48 12.60
N GLU A 40 -2.66 8.52 11.50
CA GLU A 40 -3.25 8.73 10.18
C GLU A 40 -3.85 7.43 9.64
N LEU A 41 -3.15 6.32 9.89
CA LEU A 41 -3.61 5.02 9.42
C LEU A 41 -4.96 4.66 10.04
N THR A 42 -5.07 4.86 11.34
CA THR A 42 -6.30 4.55 12.07
C THR A 42 -7.51 5.17 11.37
N SER A 43 -7.30 6.35 10.78
CA SER A 43 -8.38 7.05 10.09
C SER A 43 -8.46 6.61 8.62
N HIS A 44 -7.30 6.52 7.99
CA HIS A 44 -7.24 6.11 6.58
C HIS A 44 -7.92 4.77 6.38
N LEU A 45 -7.49 3.76 7.13
CA LEU A 45 -8.06 2.43 7.03
C LEU A 45 -9.58 2.47 7.16
N ASN A 46 -10.06 3.16 8.19
CA ASN A 46 -11.50 3.28 8.41
C ASN A 46 -12.24 3.51 7.10
N ILE A 47 -11.67 4.32 6.23
CA ILE A 47 -12.27 4.62 4.94
C ILE A 47 -12.55 3.34 4.16
N HIS A 48 -11.53 2.49 4.02
CA HIS A 48 -11.66 1.23 3.30
C HIS A 48 -12.89 0.47 3.77
N ASN A 49 -12.87 0.02 5.03
CA ASN A 49 -13.99 -0.72 5.60
C ASN A 49 -15.30 0.03 5.40
N GLU A 50 -15.33 1.28 5.83
CA GLU A 50 -16.52 2.11 5.70
C GLU A 50 -17.14 1.96 4.31
N GLU A 51 -16.28 1.96 3.29
CA GLU A 51 -16.74 1.83 1.91
C GLU A 51 -17.11 0.38 1.60
N PHE A 52 -16.29 -0.55 2.06
CA PHE A 52 -16.54 -1.97 1.84
C PHE A 52 -17.95 -2.36 2.27
N GLN A 53 -18.33 -1.95 3.49
CA GLN A 53 -19.64 -2.26 4.02
C GLN A 53 -20.72 -2.07 2.96
N LYS A 54 -20.64 -0.96 2.23
CA LYS A 54 -21.61 -0.66 1.18
C LYS A 54 -21.58 -1.72 0.10
N ARG A 55 -20.38 -2.01 -0.42
CA ARG A 55 -20.21 -3.00 -1.46
C ARG A 55 -20.64 -4.38 -0.97
N ALA A 56 -19.91 -4.90 0.02
CA ALA A 56 -20.21 -6.21 0.58
C ALA A 56 -20.54 -7.22 -0.51
N LYS A 57 -19.76 -7.17 -1.60
CA LYS A 57 -19.98 -8.09 -2.71
C LYS A 57 -20.17 -9.52 -2.23
N ARG A 58 -20.91 -10.30 -2.99
CA ARG A 58 -21.18 -11.69 -2.64
C ARG A 58 -19.87 -12.48 -2.53
N GLN A 59 -19.00 -12.29 -3.52
CA GLN A 59 -17.71 -13.00 -3.53
C GLN A 59 -16.66 -12.21 -2.76
N GLU A 60 -16.04 -12.87 -1.79
CA GLU A 60 -15.01 -12.23 -0.96
C GLU A 60 -13.94 -13.24 -0.56
N ARG A 61 -12.96 -12.77 0.22
CA ARG A 61 -11.88 -13.63 0.69
C ARG A 61 -12.28 -14.35 1.96
N ARG A 62 -11.89 -15.62 2.06
CA ARG A 62 -12.20 -16.43 3.23
C ARG A 62 -10.99 -16.56 4.15
N LYS A 63 -11.23 -16.84 5.43
CA LYS A 63 -10.16 -16.99 6.40
C LYS A 63 -10.56 -17.98 7.49
N GLN A 64 -9.55 -18.53 8.17
CA GLN A 64 -9.79 -19.50 9.24
C GLN A 64 -9.71 -18.82 10.60
N LEU A 65 -10.57 -19.24 11.52
CA LEU A 65 -10.61 -18.68 12.87
C LEU A 65 -10.44 -19.78 13.92
N LEU A 66 -9.61 -19.51 14.91
CA LEU A 66 -9.36 -20.46 15.98
C LEU A 66 -9.98 -19.98 17.30
N SER A 67 -10.49 -20.93 18.08
CA SER A 67 -11.12 -20.60 19.36
C SER A 67 -10.36 -21.25 20.51
N LYS A 68 -10.52 -22.56 20.67
CA LYS A 68 -9.85 -23.30 21.73
C LYS A 68 -8.34 -23.06 21.68
N GLN A 69 -7.72 -23.02 22.86
CA GLN A 69 -6.28 -22.81 22.96
C GLN A 69 -5.64 -23.81 23.91
N LYS A 70 -5.87 -23.63 25.20
CA LYS A 70 -5.33 -24.51 26.22
C LYS A 70 -6.23 -24.57 27.45
N TYR A 71 -5.92 -25.45 28.37
CA TYR A 71 -6.71 -25.61 29.58
C TYR A 71 -5.85 -25.39 30.83
N ALA A 72 -6.48 -24.97 31.91
CA ALA A 72 -5.78 -24.72 33.16
C ALA A 72 -6.75 -24.67 34.34
N ASP A 73 -6.68 -25.68 35.20
CA ASP A 73 -7.55 -25.76 36.37
C ASP A 73 -6.82 -25.26 37.61
N GLY A 74 -5.59 -25.74 37.81
CA GLY A 74 -4.82 -25.33 38.97
C GLY A 74 -4.88 -26.34 40.10
N ALA A 75 -4.10 -26.10 41.14
CA ALA A 75 -4.06 -27.01 42.28
C ALA A 75 -3.38 -26.35 43.48
N PHE A 76 -3.88 -26.65 44.68
CA PHE A 76 -3.31 -26.09 45.90
C PHE A 76 -2.98 -27.19 46.91
N ALA A 77 -1.97 -26.95 47.72
CA ALA A 77 -1.56 -27.92 48.73
C ALA A 77 -0.50 -27.34 49.66
N ASP A 78 -0.53 -27.75 50.93
CA ASP A 78 0.43 -27.27 51.92
C ASP A 78 1.14 -28.43 52.59
N PHE A 79 2.27 -28.86 52.01
CA PHE A 79 3.04 -29.96 52.57
C PHE A 79 4.40 -30.06 51.87
N LYS A 80 5.25 -30.93 52.40
CA LYS A 80 6.59 -31.13 51.85
C LYS A 80 7.32 -32.26 52.55
N GLN A 81 8.34 -32.80 51.91
CA GLN A 81 9.12 -33.89 52.48
C GLN A 81 10.54 -33.91 51.92
N GLU A 82 11.52 -33.87 52.81
CA GLU A 82 12.92 -33.87 52.42
C GLU A 82 13.43 -35.29 52.19
N SER A 83 12.59 -36.11 51.54
CA SER A 83 12.95 -37.50 51.26
C SER A 83 13.42 -37.65 49.82
N GLY A 84 14.47 -38.45 49.63
CA GLY A 84 15.00 -38.68 48.30
C GLY A 84 16.51 -38.75 48.29
N PRO A 85 17.14 -37.91 47.44
CA PRO A 85 18.60 -37.85 47.32
C PRO A 85 19.27 -37.26 48.56
N SER A 86 20.45 -37.77 48.89
CA SER A 86 21.19 -37.29 50.04
C SER A 86 20.35 -37.44 51.32
N SER A 87 19.71 -38.59 51.46
CA SER A 87 18.88 -38.86 52.64
C SER A 87 19.60 -39.78 53.62
N GLY A 88 20.17 -39.19 54.67
CA GLY A 88 20.88 -39.97 55.66
C GLY A 88 20.04 -40.24 56.89
ZN ZN B . -5.20 2.46 2.17
N GLY A 1 8.41 49.74 -44.09
CA GLY A 1 8.91 49.09 -42.88
C GLY A 1 7.86 48.23 -42.21
N SER A 2 8.15 46.93 -42.11
CA SER A 2 7.23 45.99 -41.49
C SER A 2 7.96 45.04 -40.56
N SER A 3 7.36 44.75 -39.41
CA SER A 3 7.96 43.85 -38.44
C SER A 3 6.89 43.19 -37.57
N GLY A 4 7.30 42.17 -36.82
CA GLY A 4 6.36 41.47 -35.96
C GLY A 4 6.37 41.99 -34.55
N SER A 5 6.52 41.09 -33.58
CA SER A 5 6.53 41.48 -32.16
C SER A 5 7.48 40.59 -31.37
N SER A 6 7.98 41.12 -30.25
CA SER A 6 8.89 40.38 -29.40
C SER A 6 8.30 40.16 -28.02
N GLY A 7 8.87 39.20 -27.28
CA GLY A 7 8.38 38.91 -25.94
C GLY A 7 9.44 39.11 -24.88
N LEU A 8 9.07 38.88 -23.63
CA LEU A 8 9.99 39.03 -22.51
C LEU A 8 10.67 37.71 -22.17
N LYS A 9 11.60 37.76 -21.22
CA LYS A 9 12.32 36.56 -20.81
C LYS A 9 11.65 35.93 -19.58
N ARG A 10 11.97 34.66 -19.33
CA ARG A 10 11.41 33.95 -18.19
C ARG A 10 12.39 32.88 -17.68
N ASP A 11 12.10 32.36 -16.49
CA ASP A 11 12.96 31.33 -15.90
C ASP A 11 12.12 30.17 -15.38
N PHE A 12 12.78 29.08 -14.99
CA PHE A 12 12.10 27.91 -14.48
C PHE A 12 12.19 27.85 -12.95
N ILE A 13 11.25 27.14 -12.34
CA ILE A 13 11.23 27.00 -10.89
C ILE A 13 12.39 26.14 -10.39
N ILE A 14 13.02 26.57 -9.30
CA ILE A 14 14.13 25.84 -8.72
C ILE A 14 13.66 24.84 -7.68
N LEU A 15 14.04 23.58 -7.85
CA LEU A 15 13.66 22.53 -6.90
C LEU A 15 14.21 22.82 -5.52
N GLY A 16 13.35 22.69 -4.51
CA GLY A 16 13.78 22.94 -3.14
C GLY A 16 14.67 21.84 -2.60
N ASN A 17 14.96 21.90 -1.30
CA ASN A 17 15.81 20.89 -0.66
C ASN A 17 15.01 19.63 -0.35
N GLY A 18 14.89 18.75 -1.34
CA GLY A 18 14.15 17.52 -1.15
C GLY A 18 14.50 16.83 0.15
N PRO A 19 13.47 16.35 0.87
CA PRO A 19 13.65 15.66 2.15
C PRO A 19 14.30 14.29 1.99
N ARG A 20 15.61 14.24 2.22
CA ARG A 20 16.36 12.99 2.10
C ARG A 20 15.92 11.99 3.16
N LEU A 21 15.87 12.45 4.41
CA LEU A 21 15.46 11.58 5.51
C LEU A 21 13.96 11.36 5.51
N GLN A 22 13.55 10.10 5.58
CA GLN A 22 12.13 9.75 5.58
C GLN A 22 11.50 10.09 6.92
N ASN A 23 10.19 9.86 7.02
CA ASN A 23 9.46 10.14 8.25
C ASN A 23 8.76 8.89 8.77
N SER A 24 9.45 7.75 8.69
CA SER A 24 8.90 6.49 9.14
C SER A 24 7.44 6.36 8.73
N THR A 25 7.13 6.77 7.51
CA THR A 25 5.77 6.70 7.00
C THR A 25 5.25 5.27 7.03
N TYR A 26 3.94 5.11 6.80
CA TYR A 26 3.32 3.80 6.80
C TYR A 26 2.86 3.41 5.40
N GLN A 27 3.32 2.27 4.92
CA GLN A 27 2.96 1.79 3.59
C GLN A 27 1.65 1.01 3.65
N CYS A 28 0.55 1.70 3.34
CA CYS A 28 -0.77 1.08 3.35
C CYS A 28 -0.83 -0.07 2.36
N LYS A 29 -0.95 -1.29 2.88
CA LYS A 29 -1.02 -2.48 2.05
C LYS A 29 -2.43 -2.66 1.48
N HIS A 30 -3.24 -1.61 1.57
CA HIS A 30 -4.60 -1.66 1.06
C HIS A 30 -4.72 -0.93 -0.27
N CYS A 31 -4.22 0.31 -0.30
CA CYS A 31 -4.26 1.12 -1.51
C CYS A 31 -2.85 1.50 -1.95
N ASP A 32 -1.85 0.97 -1.26
CA ASP A 32 -0.46 1.24 -1.59
C ASP A 32 -0.15 2.73 -1.43
N SER A 33 -0.66 3.32 -0.36
CA SER A 33 -0.44 4.73 -0.09
C SER A 33 0.63 4.93 0.98
N LYS A 34 0.84 6.17 1.39
CA LYS A 34 1.83 6.49 2.41
C LYS A 34 1.27 7.46 3.44
N LEU A 35 1.47 7.14 4.71
CA LEU A 35 0.99 7.99 5.79
C LEU A 35 2.13 8.39 6.73
N GLN A 36 1.93 9.50 7.44
CA GLN A 36 2.95 9.99 8.37
C GLN A 36 3.18 9.00 9.50
N SER A 37 2.09 8.42 10.00
CA SER A 37 2.18 7.46 11.09
C SER A 37 0.81 6.85 11.39
N THR A 38 0.79 5.85 12.27
CA THR A 38 -0.45 5.18 12.63
C THR A 38 -1.59 6.19 12.81
N ALA A 39 -1.33 7.23 13.61
CA ALA A 39 -2.34 8.26 13.86
C ALA A 39 -3.17 8.52 12.61
N GLU A 40 -2.51 8.53 11.46
CA GLU A 40 -3.20 8.78 10.19
C GLU A 40 -3.83 7.50 9.65
N LEU A 41 -3.15 6.38 9.86
CA LEU A 41 -3.63 5.09 9.40
C LEU A 41 -4.95 4.74 10.06
N THR A 42 -5.02 4.95 11.38
CA THR A 42 -6.24 4.65 12.14
C THR A 42 -7.46 5.25 11.46
N SER A 43 -7.30 6.44 10.89
CA SER A 43 -8.39 7.12 10.22
C SER A 43 -8.46 6.73 8.75
N HIS A 44 -7.29 6.55 8.14
CA HIS A 44 -7.20 6.19 6.73
C HIS A 44 -7.87 4.83 6.49
N LEU A 45 -7.33 3.80 7.12
CA LEU A 45 -7.87 2.45 6.98
C LEU A 45 -9.39 2.45 7.10
N ASN A 46 -9.90 3.12 8.13
CA ASN A 46 -11.33 3.20 8.36
C ASN A 46 -12.08 3.39 7.04
N ILE A 47 -11.55 4.25 6.18
CA ILE A 47 -12.17 4.51 4.88
C ILE A 47 -12.44 3.21 4.13
N HIS A 48 -11.43 2.35 4.08
CA HIS A 48 -11.57 1.07 3.38
C HIS A 48 -12.74 0.28 3.93
N ASN A 49 -12.81 0.17 5.25
CA ASN A 49 -13.90 -0.57 5.90
C ASN A 49 -15.25 -0.03 5.47
N GLU A 50 -15.51 1.24 5.78
CA GLU A 50 -16.78 1.87 5.41
C GLU A 50 -17.18 1.50 3.99
N GLU A 51 -16.24 1.65 3.06
CA GLU A 51 -16.51 1.34 1.66
C GLU A 51 -17.06 -0.09 1.51
N PHE A 52 -16.45 -1.02 2.23
CA PHE A 52 -16.88 -2.42 2.18
C PHE A 52 -18.37 -2.55 2.48
N GLN A 53 -18.80 -1.89 3.55
CA GLN A 53 -20.21 -1.93 3.95
C GLN A 53 -21.12 -1.78 2.74
N LYS A 54 -20.97 -0.67 2.03
CA LYS A 54 -21.78 -0.40 0.84
C LYS A 54 -21.65 -1.53 -0.17
N ARG A 55 -20.41 -1.89 -0.48
CA ARG A 55 -20.15 -2.96 -1.44
C ARG A 55 -21.08 -4.15 -1.20
N ALA A 56 -21.27 -4.50 0.06
CA ALA A 56 -22.14 -5.62 0.42
C ALA A 56 -23.32 -5.72 -0.52
N LYS A 57 -23.78 -4.57 -1.01
CA LYS A 57 -24.90 -4.53 -1.94
C LYS A 57 -24.44 -4.65 -3.39
N ARG A 58 -24.10 -5.88 -3.79
CA ARG A 58 -23.63 -6.12 -5.15
C ARG A 58 -24.81 -6.23 -6.12
N GLN A 59 -25.74 -7.13 -5.81
CA GLN A 59 -26.91 -7.34 -6.66
C GLN A 59 -26.55 -7.23 -8.13
N GLU A 60 -25.42 -7.83 -8.50
CA GLU A 60 -24.95 -7.80 -9.89
C GLU A 60 -25.47 -9.01 -10.66
N ARG A 61 -25.17 -9.05 -11.96
CA ARG A 61 -25.61 -10.15 -12.80
C ARG A 61 -25.62 -11.46 -12.03
N ARG A 62 -24.47 -11.84 -11.50
CA ARG A 62 -24.34 -13.08 -10.74
C ARG A 62 -23.59 -12.83 -9.43
N LYS A 63 -22.31 -12.50 -9.55
CA LYS A 63 -21.47 -12.24 -8.37
C LYS A 63 -21.90 -13.12 -7.21
N GLN A 64 -22.09 -14.40 -7.49
CA GLN A 64 -22.49 -15.35 -6.45
C GLN A 64 -21.57 -16.57 -6.43
N LEU A 65 -21.47 -17.20 -5.27
CA LEU A 65 -20.60 -18.37 -5.12
C LEU A 65 -21.18 -19.34 -4.08
N LEU A 66 -21.21 -20.63 -4.43
CA LEU A 66 -21.73 -21.64 -3.53
C LEU A 66 -20.72 -22.77 -3.34
N SER A 67 -20.85 -23.50 -2.22
CA SER A 67 -19.94 -24.60 -1.92
C SER A 67 -20.10 -25.72 -2.94
N LYS A 68 -19.19 -26.68 -2.88
CA LYS A 68 -19.22 -27.82 -3.79
C LYS A 68 -20.06 -28.96 -3.22
N GLN A 69 -19.52 -29.63 -2.20
CA GLN A 69 -20.22 -30.74 -1.56
C GLN A 69 -19.92 -30.78 -0.07
N LYS A 70 -20.91 -31.18 0.72
CA LYS A 70 -20.74 -31.27 2.16
C LYS A 70 -20.23 -32.65 2.57
N TYR A 71 -19.30 -33.19 1.78
CA TYR A 71 -18.73 -34.49 2.05
C TYR A 71 -17.49 -34.74 1.19
N ALA A 72 -16.81 -35.85 1.44
CA ALA A 72 -15.61 -36.20 0.68
C ALA A 72 -15.46 -37.71 0.56
N ASP A 73 -15.32 -38.19 -0.67
CA ASP A 73 -15.18 -39.61 -0.92
C ASP A 73 -13.76 -39.93 -1.41
N GLY A 74 -13.30 -39.18 -2.40
CA GLY A 74 -11.97 -39.40 -2.94
C GLY A 74 -11.96 -40.39 -4.09
N ALA A 75 -11.30 -40.03 -5.18
CA ALA A 75 -11.22 -40.90 -6.34
C ALA A 75 -10.29 -40.31 -7.40
N PHE A 76 -9.48 -41.17 -8.00
CA PHE A 76 -8.53 -40.75 -9.03
C PHE A 76 -9.20 -40.68 -10.40
N ALA A 77 -8.45 -40.24 -11.40
CA ALA A 77 -8.98 -40.13 -12.75
C ALA A 77 -7.89 -40.42 -13.78
N ASP A 78 -8.19 -41.33 -14.70
CA ASP A 78 -7.23 -41.70 -15.75
C ASP A 78 -7.36 -40.77 -16.95
N PHE A 79 -6.38 -40.84 -17.85
CA PHE A 79 -6.37 -40.00 -19.04
C PHE A 79 -5.79 -40.76 -20.23
N LYS A 80 -6.34 -40.51 -21.41
CA LYS A 80 -5.87 -41.16 -22.63
C LYS A 80 -6.16 -40.30 -23.86
N GLN A 81 -5.28 -40.36 -24.84
CA GLN A 81 -5.45 -39.59 -26.07
C GLN A 81 -4.72 -40.25 -27.24
N GLU A 82 -5.48 -40.66 -28.25
CA GLU A 82 -4.92 -41.32 -29.41
C GLU A 82 -5.21 -40.53 -30.69
N SER A 83 -6.46 -40.08 -30.81
CA SER A 83 -6.88 -39.31 -31.98
C SER A 83 -6.73 -37.81 -31.72
N GLY A 84 -6.23 -37.09 -32.73
CA GLY A 84 -6.04 -35.67 -32.59
C GLY A 84 -6.39 -34.91 -33.86
N PRO A 85 -7.04 -33.74 -33.71
CA PRO A 85 -7.44 -32.90 -34.83
C PRO A 85 -6.26 -32.26 -35.53
N SER A 86 -6.53 -31.57 -36.63
CA SER A 86 -5.47 -30.91 -37.41
C SER A 86 -6.02 -29.70 -38.14
N SER A 87 -5.12 -28.89 -38.71
CA SER A 87 -5.52 -27.70 -39.45
C SER A 87 -4.78 -27.63 -40.79
N GLY A 88 -5.40 -26.93 -41.74
CA GLY A 88 -4.79 -26.79 -43.05
C GLY A 88 -5.71 -26.14 -44.06
ZN ZN B . -5.12 2.68 2.22
N GLY A 1 14.62 27.13 -56.09
CA GLY A 1 13.58 27.12 -55.07
C GLY A 1 13.15 25.71 -54.69
N SER A 2 12.19 25.18 -55.43
CA SER A 2 11.68 23.83 -55.16
C SER A 2 11.61 23.57 -53.66
N SER A 3 11.14 24.57 -52.91
CA SER A 3 11.03 24.44 -51.46
C SER A 3 10.32 23.14 -51.08
N GLY A 4 10.47 22.74 -49.82
CA GLY A 4 9.84 21.51 -49.36
C GLY A 4 8.84 21.77 -48.25
N SER A 5 8.79 20.85 -47.29
CA SER A 5 7.86 20.98 -46.16
C SER A 5 8.33 20.15 -44.97
N SER A 6 8.07 20.65 -43.77
CA SER A 6 8.47 19.95 -42.55
C SER A 6 7.25 19.64 -41.69
N GLY A 7 7.49 18.95 -40.58
CA GLY A 7 6.40 18.59 -39.68
C GLY A 7 6.69 18.98 -38.24
N LEU A 8 6.14 18.21 -37.31
CA LEU A 8 6.33 18.49 -35.88
C LEU A 8 6.01 17.26 -35.04
N LYS A 9 6.98 16.84 -34.23
CA LYS A 9 6.80 15.68 -33.36
C LYS A 9 7.48 15.89 -32.01
N ARG A 10 7.16 15.03 -31.05
CA ARG A 10 7.74 15.12 -29.72
C ARG A 10 8.56 13.88 -29.39
N ASP A 11 9.19 13.88 -28.23
CA ASP A 11 10.01 12.76 -27.79
C ASP A 11 9.74 12.43 -26.33
N PHE A 12 10.18 11.23 -25.91
CA PHE A 12 9.99 10.80 -24.53
C PHE A 12 11.33 10.61 -23.84
N ILE A 13 11.31 10.75 -22.51
CA ILE A 13 12.53 10.59 -21.72
C ILE A 13 12.36 9.53 -20.64
N ILE A 14 13.47 9.09 -20.05
CA ILE A 14 13.43 8.09 -19.00
C ILE A 14 14.50 8.34 -17.96
N LEU A 15 14.08 8.76 -16.77
CA LEU A 15 15.02 9.04 -15.68
C LEU A 15 14.42 8.62 -14.33
N GLY A 16 15.03 7.63 -13.71
CA GLY A 16 14.55 7.17 -12.41
C GLY A 16 14.43 8.28 -11.39
N ASN A 17 13.75 8.00 -10.30
CA ASN A 17 13.56 8.99 -9.24
C ASN A 17 13.36 8.32 -7.89
N GLY A 18 13.64 9.05 -6.82
CA GLY A 18 13.49 8.51 -5.48
C GLY A 18 13.91 9.49 -4.40
N PRO A 19 12.99 9.73 -3.44
CA PRO A 19 13.25 10.66 -2.33
C PRO A 19 14.29 10.13 -1.36
N ARG A 20 15.00 11.04 -0.70
CA ARG A 20 16.03 10.67 0.27
C ARG A 20 15.50 10.75 1.69
N LEU A 21 14.25 10.32 1.88
CA LEU A 21 13.64 10.34 3.20
C LEU A 21 13.50 8.94 3.76
N GLN A 22 14.17 8.69 4.88
CA GLN A 22 14.14 7.39 5.53
C GLN A 22 13.40 7.47 6.86
N ASN A 23 12.29 8.21 6.89
CA ASN A 23 11.51 8.36 8.11
C ASN A 23 10.47 7.25 8.22
N SER A 24 9.95 7.06 9.43
CA SER A 24 8.94 6.04 9.67
C SER A 24 7.65 6.34 8.92
N THR A 25 7.37 5.56 7.88
CA THR A 25 6.17 5.76 7.08
C THR A 25 5.35 4.48 6.99
N TYR A 26 4.06 4.62 6.73
CA TYR A 26 3.17 3.47 6.62
C TYR A 26 2.69 3.28 5.20
N GLN A 27 3.05 2.15 4.60
CA GLN A 27 2.66 1.85 3.22
C GLN A 27 1.32 1.13 3.19
N CYS A 28 0.24 1.89 3.00
CA CYS A 28 -1.10 1.31 2.94
C CYS A 28 -1.16 0.17 1.93
N LYS A 29 -1.47 -1.04 2.42
CA LYS A 29 -1.56 -2.21 1.56
C LYS A 29 -2.94 -2.30 0.92
N HIS A 30 -3.59 -1.15 0.75
CA HIS A 30 -4.92 -1.11 0.15
C HIS A 30 -4.92 -0.24 -1.11
N CYS A 31 -4.26 0.91 -1.02
CA CYS A 31 -4.20 1.83 -2.15
C CYS A 31 -2.74 2.13 -2.51
N ASP A 32 -1.82 1.68 -1.66
CA ASP A 32 -0.40 1.90 -1.89
C ASP A 32 -0.02 3.34 -1.59
N SER A 33 -0.51 3.85 -0.46
CA SER A 33 -0.22 5.23 -0.05
C SER A 33 0.84 5.26 1.04
N LYS A 34 1.10 6.45 1.57
CA LYS A 34 2.08 6.61 2.64
C LYS A 34 1.53 7.51 3.75
N LEU A 35 1.54 6.98 4.97
CA LEU A 35 1.04 7.72 6.13
C LEU A 35 2.14 7.89 7.17
N GLN A 36 2.07 8.99 7.93
CA GLN A 36 3.06 9.26 8.96
C GLN A 36 3.13 8.11 9.96
N SER A 37 2.02 7.85 10.64
CA SER A 37 1.96 6.78 11.62
C SER A 37 0.53 6.25 11.77
N THR A 38 0.36 5.24 12.62
CA THR A 38 -0.95 4.65 12.85
C THR A 38 -2.02 5.72 12.98
N ALA A 39 -1.80 6.68 13.87
CA ALA A 39 -2.74 7.76 14.08
C ALA A 39 -3.44 8.16 12.78
N GLU A 40 -2.68 8.13 11.68
CA GLU A 40 -3.21 8.49 10.37
C GLU A 40 -3.88 7.28 9.71
N LEU A 41 -3.26 6.11 9.88
CA LEU A 41 -3.80 4.89 9.29
C LEU A 41 -5.18 4.57 9.85
N THR A 42 -5.39 4.91 11.12
CA THR A 42 -6.67 4.66 11.77
C THR A 42 -7.80 5.41 11.07
N SER A 43 -7.48 6.60 10.55
CA SER A 43 -8.47 7.41 9.86
C SER A 43 -8.51 7.07 8.37
N HIS A 44 -7.34 6.83 7.79
CA HIS A 44 -7.23 6.49 6.38
C HIS A 44 -7.91 5.16 6.09
N LEU A 45 -7.63 4.15 6.91
CA LEU A 45 -8.21 2.83 6.75
C LEU A 45 -9.74 2.89 6.81
N ASN A 46 -10.26 3.71 7.74
CA ASN A 46 -11.70 3.86 7.90
C ASN A 46 -12.38 4.07 6.55
N ILE A 47 -11.71 4.79 5.66
CA ILE A 47 -12.25 5.07 4.33
C ILE A 47 -12.50 3.77 3.57
N HIS A 48 -11.65 2.77 3.81
CA HIS A 48 -11.78 1.48 3.14
C HIS A 48 -12.88 0.64 3.80
N ASN A 49 -12.67 0.29 5.06
CA ASN A 49 -13.64 -0.51 5.79
C ASN A 49 -15.07 -0.10 5.46
N GLU A 50 -15.35 1.19 5.65
CA GLU A 50 -16.68 1.72 5.35
C GLU A 50 -17.10 1.41 3.92
N GLU A 51 -16.15 1.52 3.01
CA GLU A 51 -16.41 1.24 1.59
C GLU A 51 -16.71 -0.24 1.37
N PHE A 52 -15.92 -1.10 2.01
CA PHE A 52 -16.10 -2.54 1.88
C PHE A 52 -17.39 -2.98 2.54
N GLN A 53 -17.74 -2.34 3.65
CA GLN A 53 -18.95 -2.67 4.39
C GLN A 53 -20.19 -2.21 3.63
N LYS A 54 -20.12 -1.01 3.07
CA LYS A 54 -21.22 -0.45 2.32
C LYS A 54 -21.57 -1.32 1.11
N ARG A 55 -20.56 -1.58 0.27
CA ARG A 55 -20.76 -2.40 -0.91
C ARG A 55 -20.94 -3.86 -0.53
N ALA A 56 -20.01 -4.39 0.26
CA ALA A 56 -20.06 -5.77 0.69
C ALA A 56 -20.09 -6.73 -0.50
N LYS A 57 -19.34 -6.37 -1.55
CA LYS A 57 -19.28 -7.19 -2.75
C LYS A 57 -18.40 -8.41 -2.53
N ARG A 58 -18.80 -9.54 -3.12
CA ARG A 58 -18.05 -10.78 -2.99
C ARG A 58 -16.55 -10.54 -3.20
N GLN A 59 -15.75 -10.99 -2.24
CA GLN A 59 -14.30 -10.82 -2.31
C GLN A 59 -13.69 -11.82 -3.28
N GLU A 60 -12.37 -11.76 -3.44
CA GLU A 60 -11.66 -12.67 -4.32
C GLU A 60 -12.01 -12.39 -5.79
N ARG A 61 -12.03 -11.11 -6.15
CA ARG A 61 -12.35 -10.72 -7.51
C ARG A 61 -11.10 -10.70 -8.39
N ARG A 62 -11.30 -10.75 -9.70
CA ARG A 62 -10.18 -10.74 -10.64
C ARG A 62 -9.43 -9.42 -10.58
N LYS A 63 -8.52 -9.31 -9.60
CA LYS A 63 -7.73 -8.11 -9.43
C LYS A 63 -6.42 -8.42 -8.70
N GLN A 64 -5.31 -8.29 -9.41
CA GLN A 64 -4.00 -8.56 -8.83
C GLN A 64 -2.96 -7.58 -9.37
N LEU A 65 -2.17 -7.01 -8.47
CA LEU A 65 -1.13 -6.05 -8.86
C LEU A 65 -0.04 -6.74 -9.67
N LEU A 66 0.04 -6.39 -10.95
CA LEU A 66 1.04 -6.97 -11.84
C LEU A 66 1.16 -6.17 -13.13
N SER A 67 2.29 -5.50 -13.29
CA SER A 67 2.53 -4.68 -14.48
C SER A 67 3.97 -4.17 -14.52
N LYS A 68 4.42 -3.75 -15.69
CA LYS A 68 5.78 -3.24 -15.86
C LYS A 68 5.75 -1.75 -16.20
N GLN A 69 5.61 -0.91 -15.18
CA GLN A 69 5.58 0.53 -15.38
C GLN A 69 6.70 1.21 -14.60
N LYS A 70 7.84 1.37 -15.26
CA LYS A 70 9.00 2.00 -14.64
C LYS A 70 9.31 3.34 -15.29
N TYR A 71 8.62 4.38 -14.86
CA TYR A 71 8.81 5.72 -15.41
C TYR A 71 8.61 6.79 -14.34
N ALA A 72 9.42 7.84 -14.40
CA ALA A 72 9.33 8.93 -13.44
C ALA A 72 10.08 10.16 -13.93
N ASP A 73 9.86 11.30 -13.28
CA ASP A 73 10.52 12.54 -13.65
C ASP A 73 11.03 13.27 -12.42
N GLY A 74 12.02 14.14 -12.62
CA GLY A 74 12.58 14.89 -11.51
C GLY A 74 13.89 15.57 -11.89
N ALA A 75 14.92 14.78 -12.17
CA ALA A 75 16.21 15.32 -12.54
C ALA A 75 16.91 15.94 -11.33
N PHE A 76 16.81 15.28 -10.19
CA PHE A 76 17.43 15.77 -8.96
C PHE A 76 18.56 14.84 -8.51
N ALA A 77 19.44 15.35 -7.66
CA ALA A 77 20.56 14.57 -7.15
C ALA A 77 21.25 15.29 -6.00
N ASP A 78 21.79 14.52 -5.06
CA ASP A 78 22.47 15.08 -3.91
C ASP A 78 23.37 14.04 -3.25
N PHE A 79 24.21 14.48 -2.32
CA PHE A 79 25.12 13.59 -1.62
C PHE A 79 25.75 14.29 -0.42
N LYS A 80 25.97 13.54 0.66
CA LYS A 80 26.57 14.08 1.87
C LYS A 80 28.09 13.99 1.80
N GLN A 81 28.76 14.96 2.43
CA GLN A 81 30.21 14.99 2.44
C GLN A 81 30.74 14.95 3.87
N GLU A 82 30.11 15.71 4.76
CA GLU A 82 30.52 15.75 6.15
C GLU A 82 31.03 14.39 6.62
N SER A 83 32.13 14.40 7.36
CA SER A 83 32.72 13.16 7.86
C SER A 83 33.26 13.35 9.28
N GLY A 84 33.79 12.27 9.84
CA GLY A 84 34.33 12.35 11.19
C GLY A 84 35.58 11.51 11.36
N PRO A 85 36.66 12.15 11.81
CA PRO A 85 37.96 11.48 12.02
C PRO A 85 37.92 10.50 13.19
N SER A 86 39.03 9.80 13.41
CA SER A 86 39.12 8.82 14.50
C SER A 86 40.28 9.16 15.43
N SER A 87 40.28 8.55 16.60
CA SER A 87 41.34 8.78 17.58
C SER A 87 42.18 7.52 17.78
N GLY A 88 43.32 7.68 18.45
CA GLY A 88 44.20 6.55 18.68
C GLY A 88 44.43 6.31 20.17
ZN ZN B . -5.36 3.06 1.66
N GLY A 1 3.23 13.10 -66.61
CA GLY A 1 2.67 13.36 -65.29
C GLY A 1 3.56 12.84 -64.17
N SER A 2 4.27 13.75 -63.53
CA SER A 2 5.17 13.40 -62.44
C SER A 2 4.39 13.20 -61.14
N SER A 3 5.07 12.71 -60.12
CA SER A 3 4.45 12.46 -58.82
C SER A 3 5.47 12.55 -57.70
N GLY A 4 4.98 12.59 -56.46
CA GLY A 4 5.87 12.67 -55.31
C GLY A 4 5.14 13.03 -54.04
N SER A 5 5.86 13.02 -52.92
CA SER A 5 5.27 13.35 -51.63
C SER A 5 6.35 13.50 -50.56
N SER A 6 5.95 14.01 -49.39
CA SER A 6 6.89 14.21 -48.29
C SER A 6 6.26 13.81 -46.97
N GLY A 7 7.09 13.66 -45.95
CA GLY A 7 6.60 13.28 -44.63
C GLY A 7 7.71 12.98 -43.66
N LEU A 8 7.42 13.11 -42.36
CA LEU A 8 8.41 12.85 -41.32
C LEU A 8 7.80 12.03 -40.19
N LYS A 9 8.64 11.62 -39.24
CA LYS A 9 8.20 10.84 -38.10
C LYS A 9 9.09 11.08 -36.89
N ARG A 10 8.63 10.65 -35.72
CA ARG A 10 9.38 10.82 -34.49
C ARG A 10 9.15 9.65 -33.54
N ASP A 11 10.22 9.16 -32.92
CA ASP A 11 10.14 8.05 -32.00
C ASP A 11 11.29 8.08 -31.00
N PHE A 12 10.99 8.42 -29.75
CA PHE A 12 11.99 8.49 -28.70
C PHE A 12 11.36 8.38 -27.32
N ILE A 13 12.03 7.67 -26.42
CA ILE A 13 11.53 7.48 -25.07
C ILE A 13 12.68 7.44 -24.06
N ILE A 14 12.82 8.52 -23.29
CA ILE A 14 13.88 8.60 -22.29
C ILE A 14 13.29 8.83 -20.90
N LEU A 15 13.48 7.86 -20.02
CA LEU A 15 12.98 7.97 -18.65
C LEU A 15 14.11 8.22 -17.67
N GLY A 16 13.97 9.27 -16.86
CA GLY A 16 14.99 9.60 -15.89
C GLY A 16 15.01 8.64 -14.72
N ASN A 17 15.46 9.12 -13.57
CA ASN A 17 15.53 8.29 -12.37
C ASN A 17 14.55 8.77 -11.31
N GLY A 18 14.34 7.95 -10.29
CA GLY A 18 13.43 8.30 -9.22
C GLY A 18 14.14 8.95 -8.04
N PRO A 19 13.45 9.03 -6.90
CA PRO A 19 14.00 9.62 -5.68
C PRO A 19 15.11 8.78 -5.07
N ARG A 20 14.82 7.49 -4.87
CA ARG A 20 15.80 6.57 -4.30
C ARG A 20 16.10 6.94 -2.85
N LEU A 21 15.05 7.26 -2.10
CA LEU A 21 15.20 7.63 -0.69
C LEU A 21 14.58 6.58 0.22
N GLN A 22 14.79 6.74 1.52
CA GLN A 22 14.25 5.80 2.50
C GLN A 22 13.76 6.53 3.75
N ASN A 23 12.58 6.17 4.23
CA ASN A 23 12.01 6.78 5.41
C ASN A 23 11.24 5.76 6.25
N SER A 24 10.77 6.19 7.41
CA SER A 24 10.02 5.31 8.31
C SER A 24 8.53 5.61 8.24
N THR A 25 8.03 5.85 7.03
CA THR A 25 6.62 6.15 6.82
C THR A 25 5.78 4.88 6.80
N TYR A 26 4.47 5.02 6.99
CA TYR A 26 3.57 3.89 7.00
C TYR A 26 3.05 3.60 5.59
N GLN A 27 3.29 2.38 5.12
CA GLN A 27 2.85 1.98 3.78
C GLN A 27 1.53 1.20 3.85
N CYS A 28 0.56 1.64 3.07
CA CYS A 28 -0.75 0.98 3.04
C CYS A 28 -0.74 -0.22 2.11
N LYS A 29 -1.74 -1.08 2.24
CA LYS A 29 -1.85 -2.26 1.40
C LYS A 29 -3.09 -2.20 0.52
N HIS A 30 -3.95 -1.22 0.78
CA HIS A 30 -5.17 -1.03 0.00
C HIS A 30 -4.91 -0.12 -1.20
N CYS A 31 -4.11 0.91 -0.99
CA CYS A 31 -3.79 1.87 -2.05
C CYS A 31 -2.28 2.04 -2.18
N ASP A 32 -1.54 1.51 -1.21
CA ASP A 32 -0.08 1.61 -1.22
C ASP A 32 0.36 3.06 -1.06
N SER A 33 -0.31 3.79 -0.18
CA SER A 33 0.01 5.19 0.07
C SER A 33 1.07 5.32 1.16
N LYS A 34 1.32 6.55 1.58
CA LYS A 34 2.32 6.82 2.62
C LYS A 34 1.74 7.70 3.72
N LEU A 35 1.58 7.13 4.90
CA LEU A 35 1.02 7.86 6.04
C LEU A 35 2.10 8.09 7.10
N GLN A 36 2.09 9.28 7.70
CA GLN A 36 3.06 9.63 8.73
C GLN A 36 3.19 8.51 9.76
N SER A 37 2.07 8.13 10.37
CA SER A 37 2.06 7.09 11.38
C SER A 37 0.64 6.54 11.58
N THR A 38 0.52 5.56 12.47
CA THR A 38 -0.77 4.96 12.76
C THR A 38 -1.86 6.01 12.88
N ALA A 39 -1.63 7.01 13.73
CA ALA A 39 -2.59 8.08 13.95
C ALA A 39 -3.34 8.40 12.66
N GLU A 40 -2.64 8.30 11.53
CA GLU A 40 -3.25 8.58 10.24
C GLU A 40 -3.87 7.32 9.64
N LEU A 41 -3.16 6.20 9.76
CA LEU A 41 -3.65 4.92 9.24
C LEU A 41 -5.01 4.57 9.84
N THR A 42 -5.15 4.78 11.14
CA THR A 42 -6.39 4.48 11.83
C THR A 42 -7.57 5.17 11.16
N SER A 43 -7.34 6.39 10.68
CA SER A 43 -8.39 7.15 10.00
C SER A 43 -8.50 6.76 8.54
N HIS A 44 -7.35 6.66 7.87
CA HIS A 44 -7.32 6.29 6.46
C HIS A 44 -7.98 4.93 6.24
N LEU A 45 -7.46 3.91 6.92
CA LEU A 45 -8.00 2.56 6.79
C LEU A 45 -9.53 2.59 6.81
N ASN A 46 -10.09 3.26 7.80
CA ASN A 46 -11.55 3.36 7.93
C ASN A 46 -12.20 3.61 6.58
N ILE A 47 -11.62 4.54 5.81
CA ILE A 47 -12.14 4.87 4.49
C ILE A 47 -12.36 3.62 3.65
N HIS A 48 -11.44 2.66 3.78
CA HIS A 48 -11.52 1.42 3.03
C HIS A 48 -12.62 0.51 3.60
N ASN A 49 -12.56 0.26 4.90
CA ASN A 49 -13.55 -0.58 5.57
C ASN A 49 -14.96 -0.09 5.29
N GLU A 50 -15.19 1.20 5.52
CA GLU A 50 -16.50 1.80 5.29
C GLU A 50 -17.01 1.47 3.89
N GLU A 51 -16.11 1.43 2.93
CA GLU A 51 -16.46 1.13 1.55
C GLU A 51 -16.93 -0.32 1.42
N PHE A 52 -16.24 -1.22 2.08
CA PHE A 52 -16.58 -2.64 2.04
C PHE A 52 -18.04 -2.86 2.45
N GLN A 53 -18.41 -2.29 3.58
CA GLN A 53 -19.77 -2.42 4.09
C GLN A 53 -20.78 -1.89 3.07
N LYS A 54 -20.59 -0.64 2.65
CA LYS A 54 -21.48 -0.02 1.69
C LYS A 54 -22.01 -1.03 0.68
N ARG A 55 -21.13 -1.93 0.25
CA ARG A 55 -21.51 -2.97 -0.71
C ARG A 55 -22.18 -4.14 -0.01
N ALA A 56 -21.52 -4.67 1.02
CA ALA A 56 -22.06 -5.79 1.77
C ALA A 56 -22.52 -6.91 0.83
N LYS A 57 -21.74 -7.16 -0.21
CA LYS A 57 -22.07 -8.20 -1.18
C LYS A 57 -21.07 -9.36 -1.09
N ARG A 58 -19.79 -9.03 -1.20
CA ARG A 58 -18.74 -10.04 -1.13
C ARG A 58 -19.00 -11.02 0.01
N GLN A 59 -19.37 -10.49 1.17
CA GLN A 59 -19.65 -11.32 2.33
C GLN A 59 -21.05 -11.05 2.87
N GLU A 60 -21.91 -12.07 2.80
CA GLU A 60 -23.28 -11.94 3.27
C GLU A 60 -23.40 -12.44 4.71
N ARG A 61 -23.06 -13.70 4.93
CA ARG A 61 -23.14 -14.31 6.25
C ARG A 61 -21.79 -14.19 6.97
N ARG A 62 -21.85 -13.99 8.29
CA ARG A 62 -20.64 -13.86 9.10
C ARG A 62 -20.91 -14.24 10.54
N LYS A 63 -19.90 -14.78 11.21
CA LYS A 63 -20.02 -15.19 12.60
C LYS A 63 -18.65 -15.39 13.24
N GLN A 64 -18.35 -14.60 14.25
CA GLN A 64 -17.07 -14.70 14.95
C GLN A 64 -17.21 -14.27 16.41
N LEU A 65 -17.15 -15.25 17.30
CA LEU A 65 -17.27 -14.98 18.74
C LEU A 65 -15.96 -15.29 19.47
N LEU A 66 -15.58 -14.40 20.37
CA LEU A 66 -14.34 -14.58 21.14
C LEU A 66 -14.63 -14.64 22.63
N SER A 67 -14.77 -15.86 23.14
CA SER A 67 -15.06 -16.07 24.56
C SER A 67 -13.94 -15.48 25.42
N LYS A 68 -14.29 -15.15 26.66
CA LYS A 68 -13.32 -14.58 27.60
C LYS A 68 -13.21 -15.44 28.85
N GLN A 69 -12.07 -15.34 29.53
CA GLN A 69 -11.83 -16.10 30.75
C GLN A 69 -12.11 -15.25 31.99
N LYS A 70 -12.50 -15.90 33.08
CA LYS A 70 -12.78 -15.20 34.32
C LYS A 70 -12.93 -16.18 35.48
N TYR A 71 -12.76 -15.68 36.70
CA TYR A 71 -12.87 -16.52 37.89
C TYR A 71 -13.42 -15.72 39.06
N ALA A 72 -14.02 -16.42 40.02
CA ALA A 72 -14.58 -15.78 41.20
C ALA A 72 -14.36 -16.64 42.45
N ASP A 73 -14.43 -16.00 43.61
CA ASP A 73 -14.24 -16.70 44.88
C ASP A 73 -14.83 -15.91 46.04
N GLY A 74 -14.85 -16.51 47.22
CA GLY A 74 -15.39 -15.84 48.39
C GLY A 74 -14.44 -15.89 49.57
N ALA A 75 -14.91 -15.40 50.72
CA ALA A 75 -14.10 -15.39 51.93
C ALA A 75 -14.98 -15.48 53.18
N PHE A 76 -14.34 -15.55 54.34
CA PHE A 76 -15.06 -15.63 55.61
C PHE A 76 -14.46 -14.67 56.64
N ALA A 77 -15.11 -14.58 57.79
CA ALA A 77 -14.64 -13.70 58.86
C ALA A 77 -15.00 -14.27 60.23
N ASP A 78 -14.27 -13.82 61.26
CA ASP A 78 -14.53 -14.28 62.62
C ASP A 78 -13.95 -13.30 63.64
N PHE A 79 -14.43 -13.39 64.87
CA PHE A 79 -13.96 -12.51 65.94
C PHE A 79 -14.13 -13.18 67.30
N LYS A 80 -13.01 -13.49 67.94
CA LYS A 80 -13.02 -14.13 69.25
C LYS A 80 -12.44 -13.20 70.32
N GLN A 81 -11.45 -12.40 69.93
CA GLN A 81 -10.82 -11.46 70.85
C GLN A 81 -11.86 -10.64 71.60
N GLU A 82 -11.54 -10.25 72.82
CA GLU A 82 -12.45 -9.46 73.65
C GLU A 82 -11.67 -8.49 74.52
N SER A 83 -12.37 -7.45 75.01
CA SER A 83 -11.75 -6.44 75.85
C SER A 83 -12.53 -6.28 77.15
N GLY A 84 -11.91 -5.62 78.12
CA GLY A 84 -12.56 -5.40 79.40
C GLY A 84 -12.04 -4.17 80.12
N PRO A 85 -12.73 -3.04 79.95
CA PRO A 85 -12.35 -1.77 80.57
C PRO A 85 -12.55 -1.78 82.08
N SER A 86 -12.38 -0.61 82.70
CA SER A 86 -12.55 -0.49 84.14
C SER A 86 -12.77 0.96 84.55
N SER A 87 -13.03 1.19 85.83
CA SER A 87 -13.27 2.54 86.34
C SER A 87 -13.35 2.53 87.87
N GLY A 88 -13.06 3.68 88.46
CA GLY A 88 -13.10 3.78 89.91
C GLY A 88 -12.44 5.06 90.42
ZN ZN B . -4.92 2.80 1.69
N GLY A 1 24.91 28.02 -63.92
CA GLY A 1 23.64 27.33 -63.81
C GLY A 1 23.68 26.22 -62.76
N SER A 2 23.74 26.60 -61.49
CA SER A 2 23.78 25.64 -60.40
C SER A 2 23.22 26.24 -59.11
N SER A 3 22.73 25.38 -58.23
CA SER A 3 22.15 25.83 -56.97
C SER A 3 22.05 24.68 -55.98
N GLY A 4 22.30 24.96 -54.70
CA GLY A 4 22.23 23.94 -53.69
C GLY A 4 22.20 24.52 -52.28
N SER A 5 21.61 23.78 -51.35
CA SER A 5 21.52 24.23 -49.96
C SER A 5 21.04 23.11 -49.06
N SER A 6 21.57 23.08 -47.83
CA SER A 6 21.20 22.04 -46.87
C SER A 6 21.26 22.59 -45.44
N GLY A 7 20.43 22.03 -44.57
CA GLY A 7 20.40 22.48 -43.18
C GLY A 7 19.33 21.78 -42.38
N LEU A 8 19.73 21.11 -41.31
CA LEU A 8 18.81 20.40 -40.44
C LEU A 8 19.51 19.83 -39.21
N LYS A 9 19.05 20.24 -38.03
CA LYS A 9 19.64 19.79 -36.78
C LYS A 9 18.84 20.30 -35.58
N ARG A 10 18.52 19.40 -34.67
CA ARG A 10 17.76 19.76 -33.48
C ARG A 10 17.97 18.74 -32.36
N ASP A 11 17.35 19.00 -31.21
CA ASP A 11 17.47 18.10 -30.06
C ASP A 11 16.44 18.44 -29.00
N PHE A 12 16.42 17.65 -27.93
CA PHE A 12 15.47 17.86 -26.84
C PHE A 12 16.15 17.68 -25.49
N ILE A 13 15.41 17.95 -24.43
CA ILE A 13 15.94 17.81 -23.07
C ILE A 13 14.92 17.19 -22.13
N ILE A 14 15.38 16.30 -21.26
CA ILE A 14 14.50 15.64 -20.31
C ILE A 14 14.94 15.92 -18.88
N LEU A 15 14.04 16.50 -18.10
CA LEU A 15 14.32 16.82 -16.71
C LEU A 15 13.81 15.73 -15.77
N GLY A 16 14.25 15.76 -14.52
CA GLY A 16 13.83 14.77 -13.55
C GLY A 16 13.98 15.25 -12.13
N ASN A 17 14.43 14.37 -11.24
CA ASN A 17 14.61 14.71 -9.84
C ASN A 17 15.91 14.12 -9.30
N GLY A 18 16.62 14.91 -8.49
CA GLY A 18 17.88 14.46 -7.92
C GLY A 18 17.70 13.86 -6.54
N PRO A 19 18.15 14.60 -5.51
CA PRO A 19 18.06 14.16 -4.12
C PRO A 19 16.61 14.16 -3.62
N ARG A 20 16.11 12.97 -3.32
CA ARG A 20 14.74 12.82 -2.83
C ARG A 20 14.71 12.87 -1.30
N LEU A 21 13.51 13.02 -0.75
CA LEU A 21 13.34 13.08 0.71
C LEU A 21 12.96 11.71 1.26
N GLN A 22 13.77 11.21 2.19
CA GLN A 22 13.53 9.91 2.80
C GLN A 22 12.85 10.07 4.16
N ASN A 23 11.63 9.56 4.26
CA ASN A 23 10.87 9.64 5.51
C ASN A 23 10.02 8.39 5.72
N SER A 24 10.25 7.72 6.84
CA SER A 24 9.50 6.51 7.16
C SER A 24 7.99 6.75 7.09
N THR A 25 7.37 6.21 6.05
CA THR A 25 5.93 6.37 5.86
C THR A 25 5.23 5.02 5.79
N TYR A 26 4.02 4.96 6.34
CA TYR A 26 3.24 3.73 6.35
C TYR A 26 2.69 3.42 4.96
N GLN A 27 3.08 2.28 4.41
CA GLN A 27 2.63 1.87 3.08
C GLN A 27 1.38 0.99 3.19
N CYS A 28 0.21 1.63 3.17
CA CYS A 28 -1.05 0.90 3.26
C CYS A 28 -1.05 -0.31 2.34
N LYS A 29 -1.64 -1.41 2.81
CA LYS A 29 -1.71 -2.64 2.02
C LYS A 29 -3.10 -2.81 1.41
N HIS A 30 -3.82 -1.71 1.29
CA HIS A 30 -5.16 -1.74 0.72
C HIS A 30 -5.24 -0.91 -0.55
N CYS A 31 -4.49 0.20 -0.57
CA CYS A 31 -4.47 1.09 -1.73
C CYS A 31 -3.04 1.47 -2.09
N ASP A 32 -2.08 0.97 -1.31
CA ASP A 32 -0.67 1.25 -1.55
C ASP A 32 -0.38 2.74 -1.37
N SER A 33 -0.99 3.33 -0.35
CA SER A 33 -0.80 4.74 -0.06
C SER A 33 0.41 4.96 0.84
N LYS A 34 0.62 6.21 1.25
CA LYS A 34 1.74 6.55 2.13
C LYS A 34 1.30 7.49 3.24
N LEU A 35 1.30 6.99 4.47
CA LEU A 35 0.90 7.78 5.63
C LEU A 35 2.10 8.12 6.50
N GLN A 36 1.94 9.11 7.35
CA GLN A 36 3.02 9.53 8.25
C GLN A 36 3.23 8.49 9.36
N SER A 37 2.24 8.36 10.23
CA SER A 37 2.33 7.41 11.34
C SER A 37 0.99 6.70 11.55
N THR A 38 0.98 5.75 12.48
CA THR A 38 -0.23 5.00 12.77
C THR A 38 -1.43 5.92 12.98
N ALA A 39 -1.23 6.97 13.77
CA ALA A 39 -2.28 7.94 14.05
C ALA A 39 -3.07 8.27 12.79
N GLU A 40 -2.38 8.29 11.65
CA GLU A 40 -3.01 8.60 10.38
C GLU A 40 -3.70 7.36 9.81
N LEU A 41 -3.07 6.21 9.96
CA LEU A 41 -3.61 4.95 9.46
C LEU A 41 -4.92 4.61 10.16
N THR A 42 -4.99 4.93 11.45
CA THR A 42 -6.19 4.65 12.24
C THR A 42 -7.41 5.32 11.63
N SER A 43 -7.21 6.49 11.05
CA SER A 43 -8.30 7.24 10.43
C SER A 43 -8.45 6.86 8.95
N HIS A 44 -7.32 6.75 8.26
CA HIS A 44 -7.32 6.40 6.85
C HIS A 44 -7.99 5.05 6.63
N LEU A 45 -7.51 4.03 7.32
CA LEU A 45 -8.06 2.68 7.21
C LEU A 45 -9.58 2.71 7.28
N ASN A 46 -10.11 3.44 8.27
CA ASN A 46 -11.55 3.54 8.45
C ASN A 46 -12.26 3.70 7.11
N ILE A 47 -11.66 4.50 6.22
CA ILE A 47 -12.23 4.73 4.91
C ILE A 47 -12.61 3.42 4.23
N HIS A 48 -11.69 2.47 4.23
CA HIS A 48 -11.93 1.17 3.62
C HIS A 48 -13.12 0.47 4.28
N ASN A 49 -13.14 0.49 5.61
CA ASN A 49 -14.22 -0.15 6.37
C ASN A 49 -15.57 0.36 5.90
N GLU A 50 -15.70 1.68 5.80
CA GLU A 50 -16.95 2.29 5.38
C GLU A 50 -17.35 1.81 3.98
N GLU A 51 -16.39 1.80 3.07
CA GLU A 51 -16.63 1.37 1.70
C GLU A 51 -17.05 -0.10 1.66
N PHE A 52 -16.36 -0.92 2.45
CA PHE A 52 -16.66 -2.34 2.51
C PHE A 52 -18.17 -2.58 2.60
N GLN A 53 -18.84 -1.83 3.46
CA GLN A 53 -20.27 -1.95 3.64
C GLN A 53 -20.99 -1.95 2.29
N LYS A 54 -20.68 -0.95 1.47
CA LYS A 54 -21.29 -0.84 0.15
C LYS A 54 -21.02 -2.07 -0.69
N ARG A 55 -19.75 -2.45 -0.78
CA ARG A 55 -19.35 -3.62 -1.56
C ARG A 55 -20.12 -4.86 -1.11
N ALA A 56 -20.47 -4.90 0.17
CA ALA A 56 -21.20 -6.03 0.73
C ALA A 56 -22.69 -5.92 0.42
N LYS A 57 -23.05 -6.10 -0.85
CA LYS A 57 -24.44 -6.02 -1.28
C LYS A 57 -24.97 -7.40 -1.65
N ARG A 58 -26.23 -7.43 -2.09
CA ARG A 58 -26.86 -8.70 -2.48
C ARG A 58 -26.35 -9.15 -3.84
N GLN A 59 -26.55 -10.43 -4.14
CA GLN A 59 -26.12 -11.00 -5.41
C GLN A 59 -26.58 -10.14 -6.58
N GLU A 60 -26.05 -10.42 -7.76
CA GLU A 60 -26.40 -9.66 -8.96
C GLU A 60 -26.00 -8.20 -8.81
N ARG A 61 -24.73 -7.96 -8.51
CA ARG A 61 -24.22 -6.61 -8.34
C ARG A 61 -23.31 -6.22 -9.51
N ARG A 62 -23.39 -4.96 -9.92
CA ARG A 62 -22.58 -4.47 -11.02
C ARG A 62 -21.09 -4.56 -10.69
N LYS A 63 -20.26 -4.42 -11.71
CA LYS A 63 -18.82 -4.48 -11.53
C LYS A 63 -18.13 -3.29 -12.20
N GLN A 64 -16.98 -2.90 -11.67
CA GLN A 64 -16.23 -1.77 -12.21
C GLN A 64 -15.43 -2.20 -13.44
N LEU A 65 -14.83 -1.23 -14.11
CA LEU A 65 -14.04 -1.51 -15.31
C LEU A 65 -12.54 -1.43 -15.01
N LEU A 66 -11.73 -1.96 -15.91
CA LEU A 66 -10.28 -1.95 -15.75
C LEU A 66 -9.58 -1.82 -17.09
N SER A 67 -8.49 -1.07 -17.11
CA SER A 67 -7.72 -0.86 -18.34
C SER A 67 -6.67 -1.95 -18.51
N LYS A 68 -5.93 -1.88 -19.61
CA LYS A 68 -4.88 -2.86 -19.89
C LYS A 68 -3.50 -2.25 -19.68
N GLN A 69 -2.47 -3.06 -19.88
CA GLN A 69 -1.09 -2.61 -19.71
C GLN A 69 -0.52 -2.09 -21.02
N LYS A 70 0.71 -1.61 -20.97
CA LYS A 70 1.38 -1.08 -22.16
C LYS A 70 2.31 -2.14 -22.78
N TYR A 71 2.80 -3.04 -21.94
CA TYR A 71 3.70 -4.09 -22.40
C TYR A 71 4.88 -3.51 -23.17
N ALA A 72 5.54 -2.51 -22.57
CA ALA A 72 6.69 -1.87 -23.18
C ALA A 72 7.85 -2.83 -23.31
N ASP A 73 8.96 -2.35 -23.85
CA ASP A 73 10.16 -3.17 -24.02
C ASP A 73 11.43 -2.32 -23.94
N GLY A 74 12.56 -2.97 -23.70
CA GLY A 74 13.82 -2.27 -23.61
C GLY A 74 14.99 -3.19 -23.38
N ALA A 75 15.95 -3.16 -24.29
CA ALA A 75 17.14 -4.00 -24.18
C ALA A 75 18.33 -3.21 -23.68
N PHE A 76 18.77 -2.23 -24.45
CA PHE A 76 19.90 -1.39 -24.07
C PHE A 76 19.43 -0.08 -23.45
N ALA A 77 20.09 0.33 -22.37
CA ALA A 77 19.74 1.57 -21.69
C ALA A 77 20.88 2.58 -21.78
N ASP A 78 22.02 2.24 -21.20
CA ASP A 78 23.18 3.12 -21.22
C ASP A 78 24.39 2.44 -20.60
N PHE A 79 25.57 2.99 -20.85
CA PHE A 79 26.81 2.44 -20.31
C PHE A 79 27.75 3.55 -19.85
N LYS A 80 27.97 3.62 -18.54
CA LYS A 80 28.84 4.63 -17.97
C LYS A 80 29.08 4.37 -16.48
N GLN A 81 30.24 4.79 -15.99
CA GLN A 81 30.59 4.60 -14.59
C GLN A 81 29.63 5.37 -13.68
N GLU A 82 29.42 4.84 -12.48
CA GLU A 82 28.53 5.48 -11.52
C GLU A 82 29.04 5.29 -10.09
N SER A 83 28.42 6.00 -9.15
CA SER A 83 28.82 5.92 -7.74
C SER A 83 27.59 5.99 -6.84
N GLY A 84 27.83 5.82 -5.53
CA GLY A 84 26.74 5.87 -4.58
C GLY A 84 27.22 6.13 -3.16
N PRO A 85 26.41 6.87 -2.39
CA PRO A 85 26.74 7.20 -1.00
C PRO A 85 26.67 5.98 -0.08
N SER A 86 26.82 6.21 1.22
CA SER A 86 26.77 5.14 2.21
C SER A 86 25.40 5.04 2.85
N SER A 87 25.19 3.98 3.62
CA SER A 87 23.91 3.76 4.28
C SER A 87 23.73 4.75 5.44
N GLY A 88 24.66 4.73 6.39
CA GLY A 88 24.58 5.63 7.51
C GLY A 88 23.86 5.02 8.70
ZN ZN B . -5.47 2.37 2.07
N GLY A 1 -4.41 60.34 -30.09
CA GLY A 1 -3.59 59.32 -29.48
C GLY A 1 -2.67 58.64 -30.47
N SER A 2 -3.26 57.88 -31.39
CA SER A 2 -2.49 57.17 -32.41
C SER A 2 -1.16 56.67 -31.83
N SER A 3 -1.21 56.17 -30.60
CA SER A 3 -0.02 55.66 -29.93
C SER A 3 -0.19 54.19 -29.55
N GLY A 4 0.86 53.61 -29.00
CA GLY A 4 0.81 52.22 -28.59
C GLY A 4 2.06 51.77 -27.87
N SER A 5 2.10 50.51 -27.46
CA SER A 5 3.26 49.96 -26.76
C SER A 5 3.12 48.46 -26.59
N SER A 6 4.21 47.81 -26.17
CA SER A 6 4.23 46.37 -25.98
C SER A 6 4.77 46.01 -24.60
N GLY A 7 4.38 44.84 -24.10
CA GLY A 7 4.84 44.40 -22.80
C GLY A 7 5.71 43.16 -22.88
N LEU A 8 6.45 42.88 -21.80
CA LEU A 8 7.33 41.72 -21.76
C LEU A 8 6.99 40.84 -20.56
N LYS A 9 7.68 39.70 -20.44
CA LYS A 9 7.47 38.78 -19.34
C LYS A 9 8.75 38.02 -19.01
N ARG A 10 8.71 37.26 -17.92
CA ARG A 10 9.87 36.49 -17.49
C ARG A 10 9.44 35.13 -16.92
N ASP A 11 10.32 34.15 -17.05
CA ASP A 11 10.03 32.81 -16.55
C ASP A 11 10.47 32.66 -15.10
N PHE A 12 10.01 31.60 -14.45
CA PHE A 12 10.34 31.35 -13.05
C PHE A 12 11.02 29.99 -12.90
N ILE A 13 11.61 29.77 -11.73
CA ILE A 13 12.29 28.51 -11.46
C ILE A 13 11.55 27.70 -10.40
N ILE A 14 11.46 26.39 -10.61
CA ILE A 14 10.78 25.52 -9.68
C ILE A 14 11.77 24.74 -8.81
N LEU A 15 12.20 25.37 -7.72
CA LEU A 15 13.15 24.75 -6.80
C LEU A 15 12.65 24.83 -5.36
N GLY A 16 13.29 24.08 -4.48
CA GLY A 16 12.90 24.09 -3.08
C GLY A 16 13.84 23.27 -2.22
N ASN A 17 14.20 23.81 -1.05
CA ASN A 17 15.10 23.12 -0.14
C ASN A 17 14.88 21.61 -0.18
N GLY A 18 13.63 21.21 0.01
CA GLY A 18 13.30 19.79 -0.01
C GLY A 18 14.41 18.93 0.56
N PRO A 19 14.65 19.06 1.87
CA PRO A 19 15.69 18.31 2.57
C PRO A 19 15.34 16.82 2.69
N ARG A 20 16.32 15.97 2.40
CA ARG A 20 16.12 14.52 2.47
C ARG A 20 16.47 14.00 3.85
N LEU A 21 15.46 13.49 4.56
CA LEU A 21 15.66 12.95 5.90
C LEU A 21 15.01 11.58 6.04
N GLN A 22 15.45 10.82 7.03
CA GLN A 22 14.92 9.48 7.27
C GLN A 22 13.58 9.56 8.01
N ASN A 23 12.56 8.94 7.43
CA ASN A 23 11.23 8.94 8.04
C ASN A 23 10.57 7.58 7.88
N SER A 24 9.89 7.13 8.93
CA SER A 24 9.21 5.84 8.91
C SER A 24 7.75 6.00 8.50
N THR A 25 7.51 6.03 7.20
CA THR A 25 6.16 6.17 6.68
C THR A 25 5.46 4.82 6.55
N TYR A 26 4.14 4.82 6.70
CA TYR A 26 3.37 3.60 6.60
C TYR A 26 2.88 3.37 5.18
N GLN A 27 3.10 2.16 4.67
CA GLN A 27 2.69 1.80 3.32
C GLN A 27 1.43 0.97 3.34
N CYS A 28 0.28 1.61 3.12
CA CYS A 28 -1.00 0.92 3.10
C CYS A 28 -0.99 -0.23 2.10
N LYS A 29 -1.43 -1.40 2.53
CA LYS A 29 -1.49 -2.57 1.67
C LYS A 29 -2.83 -2.69 0.98
N HIS A 30 -3.58 -1.59 0.96
CA HIS A 30 -4.89 -1.56 0.32
C HIS A 30 -4.87 -0.67 -0.91
N CYS A 31 -4.37 0.54 -0.76
CA CYS A 31 -4.30 1.49 -1.87
C CYS A 31 -2.86 1.86 -2.17
N ASP A 32 -1.93 1.32 -1.39
CA ASP A 32 -0.51 1.59 -1.58
C ASP A 32 -0.19 3.06 -1.32
N SER A 33 -0.81 3.61 -0.28
CA SER A 33 -0.60 5.01 0.08
C SER A 33 0.51 5.14 1.12
N LYS A 34 0.83 6.39 1.48
CA LYS A 34 1.87 6.65 2.46
C LYS A 34 1.36 7.58 3.56
N LEU A 35 1.38 7.11 4.79
CA LEU A 35 0.92 7.90 5.92
C LEU A 35 2.05 8.13 6.92
N GLN A 36 2.06 9.31 7.54
CA GLN A 36 3.09 9.65 8.52
C GLN A 36 3.27 8.53 9.53
N SER A 37 2.18 8.10 10.14
CA SER A 37 2.23 7.02 11.13
C SER A 37 0.83 6.48 11.40
N THR A 38 0.75 5.46 12.26
CA THR A 38 -0.53 4.84 12.60
C THR A 38 -1.61 5.89 12.79
N ALA A 39 -1.33 6.88 13.64
CA ALA A 39 -2.29 7.95 13.91
C ALA A 39 -3.07 8.31 12.66
N GLU A 40 -2.39 8.31 11.51
CA GLU A 40 -3.03 8.64 10.24
C GLU A 40 -3.75 7.42 9.65
N LEU A 41 -3.12 6.25 9.79
CA LEU A 41 -3.70 5.02 9.27
C LEU A 41 -5.05 4.74 9.93
N THR A 42 -5.07 4.79 11.26
CA THR A 42 -6.29 4.54 12.01
C THR A 42 -7.48 5.29 11.40
N SER A 43 -7.22 6.48 10.89
CA SER A 43 -8.26 7.29 10.27
C SER A 43 -8.46 6.91 8.80
N HIS A 44 -7.34 6.75 8.09
CA HIS A 44 -7.39 6.39 6.68
C HIS A 44 -8.08 5.04 6.48
N LEU A 45 -7.52 4.00 7.08
CA LEU A 45 -8.09 2.66 6.97
C LEU A 45 -9.61 2.70 7.12
N ASN A 46 -10.08 3.34 8.17
CA ASN A 46 -11.52 3.45 8.44
C ASN A 46 -12.28 3.67 7.13
N ILE A 47 -11.72 4.49 6.26
CA ILE A 47 -12.36 4.78 4.97
C ILE A 47 -12.69 3.50 4.22
N HIS A 48 -11.71 2.59 4.14
CA HIS A 48 -11.90 1.33 3.45
C HIS A 48 -13.11 0.58 4.01
N ASN A 49 -13.22 0.55 5.33
CA ASN A 49 -14.33 -0.13 6.00
C ASN A 49 -15.66 0.34 5.44
N GLU A 50 -15.90 1.65 5.52
CA GLU A 50 -17.14 2.23 5.02
C GLU A 50 -17.38 1.84 3.56
N GLU A 51 -16.30 1.63 2.83
CA GLU A 51 -16.39 1.25 1.42
C GLU A 51 -16.71 -0.23 1.27
N PHE A 52 -16.19 -1.04 2.20
CA PHE A 52 -16.43 -2.48 2.17
C PHE A 52 -17.86 -2.80 2.61
N GLN A 53 -18.29 -2.18 3.70
CA GLN A 53 -19.63 -2.40 4.23
C GLN A 53 -20.68 -2.16 3.16
N LYS A 54 -20.46 -1.13 2.35
CA LYS A 54 -21.40 -0.78 1.28
C LYS A 54 -21.25 -1.74 0.10
N ARG A 55 -20.01 -2.05 -0.25
CA ARG A 55 -19.74 -2.96 -1.35
C ARG A 55 -20.61 -4.21 -1.27
N ALA A 56 -20.71 -4.75 -0.06
CA ALA A 56 -21.51 -5.96 0.17
C ALA A 56 -22.78 -5.94 -0.68
N LYS A 57 -23.44 -4.80 -0.72
CA LYS A 57 -24.66 -4.65 -1.51
C LYS A 57 -24.35 -4.41 -2.97
N ARG A 58 -23.37 -5.14 -3.49
CA ARG A 58 -22.98 -5.01 -4.89
C ARG A 58 -23.03 -3.54 -5.33
N GLN A 59 -22.51 -2.66 -4.49
CA GLN A 59 -22.50 -1.24 -4.80
C GLN A 59 -21.19 -0.82 -5.44
N GLU A 60 -21.06 -1.06 -6.75
CA GLU A 60 -19.86 -0.71 -7.48
C GLU A 60 -20.20 -0.01 -8.80
N ARG A 61 -19.53 1.11 -9.06
CA ARG A 61 -19.77 1.87 -10.27
C ARG A 61 -18.54 1.83 -11.19
N ARG A 62 -17.41 2.26 -10.65
CA ARG A 62 -16.16 2.28 -11.40
C ARG A 62 -15.68 0.86 -11.70
N LYS A 63 -14.81 0.72 -12.69
CA LYS A 63 -14.28 -0.58 -13.07
C LYS A 63 -12.79 -0.67 -12.76
N GLN A 64 -12.41 -1.68 -11.98
CA GLN A 64 -11.02 -1.88 -11.60
C GLN A 64 -10.12 -1.86 -12.83
N LEU A 65 -8.81 -1.70 -12.60
CA LEU A 65 -7.85 -1.67 -13.69
C LEU A 65 -6.54 -2.35 -13.28
N LEU A 66 -5.65 -2.54 -14.25
CA LEU A 66 -4.37 -3.17 -13.99
C LEU A 66 -3.42 -2.22 -13.27
N SER A 67 -2.23 -2.70 -12.93
CA SER A 67 -1.24 -1.90 -12.24
C SER A 67 0.17 -2.44 -12.47
N LYS A 68 1.15 -1.79 -11.86
CA LYS A 68 2.55 -2.21 -12.00
C LYS A 68 3.06 -2.83 -10.70
N GLN A 69 4.17 -3.56 -10.79
CA GLN A 69 4.76 -4.20 -9.63
C GLN A 69 6.21 -3.78 -9.45
N LYS A 70 6.69 -3.83 -8.21
CA LYS A 70 8.07 -3.45 -7.91
C LYS A 70 8.79 -4.57 -7.16
N TYR A 71 10.05 -4.34 -6.83
CA TYR A 71 10.85 -5.34 -6.11
C TYR A 71 11.71 -4.66 -5.04
N ALA A 72 12.37 -5.49 -4.23
CA ALA A 72 13.23 -4.98 -3.16
C ALA A 72 13.95 -6.12 -2.45
N ASP A 73 14.89 -5.76 -1.58
CA ASP A 73 15.66 -6.75 -0.84
C ASP A 73 16.52 -6.09 0.23
N GLY A 74 17.24 -6.91 1.00
CA GLY A 74 18.08 -6.37 2.05
C GLY A 74 17.89 -7.08 3.38
N ALA A 75 18.14 -6.37 4.47
CA ALA A 75 17.98 -6.94 5.79
C ALA A 75 19.13 -7.90 6.12
N PHE A 76 20.36 -7.39 6.00
CA PHE A 76 21.55 -8.19 6.29
C PHE A 76 22.13 -7.86 7.65
N ALA A 77 22.55 -8.88 8.38
CA ALA A 77 23.13 -8.70 9.71
C ALA A 77 23.64 -10.02 10.27
N ASP A 78 24.61 -9.92 11.18
CA ASP A 78 25.19 -11.11 11.80
C ASP A 78 26.18 -10.72 12.89
N PHE A 79 26.13 -11.44 14.01
CA PHE A 79 27.02 -11.16 15.14
C PHE A 79 27.93 -12.36 15.40
N LYS A 80 27.33 -13.46 15.87
CA LYS A 80 28.08 -14.67 16.17
C LYS A 80 28.87 -14.52 17.46
N GLN A 81 28.19 -14.09 18.52
CA GLN A 81 28.82 -13.89 19.82
C GLN A 81 27.77 -13.77 20.92
N GLU A 82 28.10 -14.28 22.10
CA GLU A 82 27.19 -14.22 23.24
C GLU A 82 27.85 -14.76 24.51
N SER A 83 27.89 -13.92 25.54
CA SER A 83 28.50 -14.32 26.81
C SER A 83 27.48 -14.96 27.74
N GLY A 84 26.46 -14.19 28.11
CA GLY A 84 25.43 -14.71 28.99
C GLY A 84 25.53 -14.14 30.39
N PRO A 85 24.39 -13.71 30.95
CA PRO A 85 24.33 -13.14 32.30
C PRO A 85 24.57 -14.18 33.38
N SER A 86 24.37 -13.79 34.64
CA SER A 86 24.58 -14.70 35.76
C SER A 86 23.61 -14.37 36.90
N SER A 87 23.58 -15.23 37.91
CA SER A 87 22.71 -15.03 39.06
C SER A 87 23.52 -14.95 40.35
N GLY A 88 22.83 -14.68 41.46
CA GLY A 88 23.49 -14.58 42.74
C GLY A 88 22.85 -15.44 43.81
ZN ZN B . -5.37 2.38 1.94
#